data_5J5U
#
_entry.id   5J5U
#
_cell.length_a   82.706
_cell.length_b   82.885
_cell.length_c   93.905
_cell.angle_alpha   66.440
_cell.angle_beta   78.330
_cell.angle_gamma   67.560
#
_symmetry.space_group_name_H-M   'P 1'
#
loop_
_entity.id
_entity.type
_entity.pdbx_description
1 polymer 'RagB/SusD domain protein'
2 water water
#
_entity_poly.entity_id   1
_entity_poly.type   'polypeptide(L)'
_entity_poly.pdbx_seq_one_letter_code
;HHHHHHENLYFQGPNPAGQLTFTQLCMSGDGYYQHRTNLIYSGGFVQHYSGSWAVTEYGSKFKKVDEYATALWRNVYANE
LKNVVDIIKNTSNDPAASNMNAVAKIMKVMVAQRLTDIYGDVPYSEAGLGFSQGIVTPKYDKQQDIYNSFFKDLDESFTQ
LNASGGSVKGDLFYNGDISKWKKLANTMRLRLAMRISEVSPAEAEKQAKAAFQNGVFESNDDNCLMHHLDFPFNDNPATL
DFRGNGLSYGFISDEHGDHFSSLLIDYLRDNGDPRLKMLATPKTGSVNGGPIGPGEELYEGVRPGVFRWEVVGGSNAASG
IQPYLKLRTTPFLHVSYSESQLLLAEAAYRGWVAGSAADFYKKGVEAGIKQLEVYGAAPASQASIDAYVNAKPLAAGTEK
EQIGTQLWITYLFNSIEAYSNWRRTGYPHLLPITNSDSQTGGVVPTRLYYPNDEMQKNEKNYMEAVQRMGGTNDWTGKVW
WDVN
;
_entity_poly.pdbx_strand_id   A,B,C,D
#
# COMPACT_ATOMS: atom_id res chain seq x y z
N ASN A 15 6.06 -15.48 -7.81
CA ASN A 15 5.01 -15.13 -8.75
C ASN A 15 3.75 -16.01 -8.69
N PRO A 16 3.90 -17.35 -8.75
CA PRO A 16 2.72 -18.22 -8.66
C PRO A 16 1.74 -17.82 -7.55
N ALA A 17 2.21 -17.71 -6.32
CA ALA A 17 1.35 -17.27 -5.21
C ALA A 17 0.68 -15.93 -5.52
N GLY A 18 1.50 -14.93 -5.82
CA GLY A 18 0.99 -13.60 -6.05
C GLY A 18 -0.01 -13.55 -7.18
N GLN A 19 0.30 -14.29 -8.23
CA GLN A 19 -0.55 -14.35 -9.39
C GLN A 19 -1.88 -15.03 -9.05
N LEU A 20 -1.81 -16.14 -8.30
CA LEU A 20 -3.01 -16.84 -7.91
C LEU A 20 -3.90 -15.91 -7.11
N THR A 21 -3.31 -15.22 -6.12
CA THR A 21 -4.04 -14.28 -5.25
C THR A 21 -4.71 -13.16 -6.07
N PHE A 22 -3.97 -12.63 -7.04
CA PHE A 22 -4.49 -11.59 -7.91
C PHE A 22 -5.72 -12.12 -8.71
N THR A 23 -5.58 -13.29 -9.34
CA THR A 23 -6.68 -13.85 -10.09
C THR A 23 -7.92 -14.09 -9.24
N GLN A 24 -7.70 -14.71 -8.09
CA GLN A 24 -8.79 -14.96 -7.17
C GLN A 24 -9.48 -13.66 -6.77
N LEU A 25 -8.70 -12.61 -6.53
CA LEU A 25 -9.29 -11.34 -6.19
C LEU A 25 -10.03 -10.69 -7.39
N CYS A 26 -9.55 -10.91 -8.61
CA CYS A 26 -10.21 -10.40 -9.80
C CYS A 26 -11.59 -11.07 -10.01
N MET A 27 -11.72 -12.32 -9.61
CA MET A 27 -12.97 -13.03 -9.88
C MET A 27 -14.18 -12.51 -9.09
N SER A 28 -13.98 -11.65 -8.09
CA SER A 28 -15.11 -11.12 -7.31
C SER A 28 -14.98 -9.65 -6.98
N GLY A 29 -13.76 -9.13 -6.98
CA GLY A 29 -13.52 -7.75 -6.62
C GLY A 29 -13.46 -6.78 -7.79
N ASP A 30 -13.65 -7.28 -9.00
CA ASP A 30 -13.69 -6.39 -10.17
C ASP A 30 -15.12 -5.90 -10.31
N GLY A 31 -15.37 -4.71 -9.76
CA GLY A 31 -16.69 -4.13 -9.75
C GLY A 31 -17.15 -3.78 -11.15
N TYR A 32 -16.19 -3.61 -12.05
CA TYR A 32 -16.49 -3.25 -13.43
C TYR A 32 -17.41 -4.29 -14.10
N TYR A 33 -17.13 -5.59 -14.00
CA TYR A 33 -18.06 -6.53 -14.64
C TYR A 33 -19.03 -7.19 -13.70
N GLN A 34 -18.79 -7.09 -12.39
CA GLN A 34 -19.82 -7.53 -11.44
C GLN A 34 -21.03 -6.63 -11.59
N HIS A 35 -20.76 -5.35 -11.79
CA HIS A 35 -21.85 -4.39 -11.96
C HIS A 35 -22.56 -4.65 -13.30
N ARG A 36 -21.78 -4.84 -14.36
CA ARG A 36 -22.36 -4.87 -15.70
C ARG A 36 -22.87 -6.27 -16.12
N THR A 37 -22.09 -7.32 -15.84
CA THR A 37 -22.45 -8.65 -16.31
C THR A 37 -23.29 -9.43 -15.31
N ASN A 38 -22.96 -9.31 -14.03
CA ASN A 38 -23.69 -9.98 -12.95
C ASN A 38 -24.98 -9.23 -12.61
N LEU A 39 -24.81 -8.00 -12.11
CA LEU A 39 -25.95 -7.23 -11.61
C LEU A 39 -26.90 -6.80 -12.73
N ILE A 40 -26.41 -6.02 -13.68
CA ILE A 40 -27.30 -5.38 -14.65
C ILE A 40 -27.88 -6.37 -15.66
N TYR A 41 -27.03 -7.01 -16.45
CA TYR A 41 -27.58 -7.85 -17.53
C TYR A 41 -28.02 -9.24 -17.04
N SER A 42 -27.13 -10.05 -16.45
CA SER A 42 -27.58 -11.41 -16.00
C SER A 42 -28.70 -11.27 -14.98
N GLY A 43 -28.47 -10.40 -13.99
CA GLY A 43 -29.41 -10.13 -12.93
C GLY A 43 -30.75 -9.58 -13.39
N GLY A 44 -30.75 -8.72 -14.41
CA GLY A 44 -32.01 -8.25 -14.95
C GLY A 44 -32.69 -9.28 -15.84
N PHE A 45 -31.89 -10.00 -16.64
CA PHE A 45 -32.42 -11.00 -17.58
C PHE A 45 -33.21 -12.08 -16.81
N VAL A 46 -32.63 -12.55 -15.71
CA VAL A 46 -33.24 -13.68 -15.00
C VAL A 46 -34.13 -13.17 -13.84
N GLN A 47 -34.35 -11.84 -13.79
CA GLN A 47 -35.29 -11.21 -12.89
C GLN A 47 -34.97 -11.53 -11.42
N HIS A 48 -33.69 -11.53 -11.10
CA HIS A 48 -33.25 -11.47 -9.73
C HIS A 48 -33.56 -10.07 -9.16
N TYR A 49 -33.37 -9.02 -9.97
CA TYR A 49 -33.54 -7.64 -9.48
C TYR A 49 -34.39 -6.72 -10.36
N SER A 50 -34.98 -5.70 -9.74
CA SER A 50 -35.56 -4.58 -10.52
C SER A 50 -35.65 -3.28 -9.70
N GLY A 51 -35.72 -2.13 -10.35
CA GLY A 51 -35.91 -0.90 -9.60
C GLY A 51 -34.94 0.23 -9.86
N SER A 52 -33.65 -0.09 -9.91
CA SER A 52 -32.63 0.91 -10.18
C SER A 52 -32.63 1.31 -11.67
N TRP A 53 -32.08 2.47 -11.98
CA TRP A 53 -31.99 2.93 -13.36
C TRP A 53 -31.22 1.95 -14.24
N ALA A 54 -29.98 1.63 -13.86
CA ALA A 54 -29.14 0.79 -14.73
C ALA A 54 -29.72 -0.61 -14.97
N VAL A 55 -30.14 -1.27 -13.89
CA VAL A 55 -30.58 -2.65 -14.01
C VAL A 55 -31.90 -2.72 -14.79
N THR A 56 -32.84 -1.85 -14.45
CA THR A 56 -34.16 -1.87 -15.06
C THR A 56 -34.12 -1.44 -16.50
N GLU A 57 -33.44 -0.31 -16.74
CA GLU A 57 -33.40 0.29 -18.07
C GLU A 57 -32.70 -0.62 -19.05
N TYR A 58 -31.59 -1.24 -18.64
CA TYR A 58 -30.84 -2.05 -19.60
C TYR A 58 -31.02 -3.56 -19.41
N GLY A 59 -30.95 -4.06 -18.17
CA GLY A 59 -31.09 -5.49 -17.93
C GLY A 59 -32.54 -6.02 -17.93
N SER A 60 -33.43 -5.31 -17.27
CA SER A 60 -34.78 -5.77 -17.10
C SER A 60 -35.58 -5.63 -18.42
N LYS A 61 -35.48 -4.47 -19.06
CA LYS A 61 -36.25 -4.21 -20.29
C LYS A 61 -35.55 -4.62 -21.60
N PHE A 62 -34.26 -4.95 -21.53
CA PHE A 62 -33.41 -5.34 -22.68
C PHE A 62 -33.02 -4.18 -23.61
N LYS A 63 -32.03 -3.41 -23.19
CA LYS A 63 -31.45 -2.37 -24.02
C LYS A 63 -29.93 -2.57 -24.10
N LYS A 64 -29.35 -2.40 -25.29
CA LYS A 64 -27.93 -2.65 -25.50
C LYS A 64 -27.07 -1.47 -25.14
N VAL A 65 -26.00 -1.77 -24.41
CA VAL A 65 -24.88 -0.84 -24.19
C VAL A 65 -23.64 -1.70 -24.40
N ASP A 66 -22.85 -1.36 -25.42
CA ASP A 66 -21.68 -2.16 -25.82
C ASP A 66 -20.76 -2.43 -24.64
N GLU A 67 -20.47 -1.40 -23.88
CA GLU A 67 -19.60 -1.51 -22.74
C GLU A 67 -20.13 -2.53 -21.73
N TYR A 68 -21.46 -2.54 -21.56
CA TYR A 68 -22.07 -3.41 -20.56
C TYR A 68 -21.99 -4.84 -21.02
N ALA A 69 -22.27 -5.07 -22.29
CA ALA A 69 -22.24 -6.40 -22.86
C ALA A 69 -20.82 -6.96 -23.01
N THR A 70 -19.80 -6.09 -23.18
CA THR A 70 -18.46 -6.61 -23.40
C THR A 70 -17.51 -6.50 -22.21
N ALA A 71 -17.99 -5.97 -21.09
CA ALA A 71 -17.19 -5.82 -19.87
C ALA A 71 -16.52 -7.12 -19.35
N LEU A 72 -17.30 -8.21 -19.27
CA LEU A 72 -16.73 -9.52 -18.90
C LEU A 72 -15.58 -9.91 -19.88
N TRP A 73 -15.85 -9.84 -21.19
CA TRP A 73 -14.84 -10.14 -22.19
C TRP A 73 -13.52 -9.37 -21.95
N ARG A 74 -13.66 -8.06 -21.93
CA ARG A 74 -12.52 -7.16 -21.83
C ARG A 74 -11.71 -7.41 -20.56
N ASN A 75 -12.39 -7.60 -19.43
CA ASN A 75 -11.63 -7.70 -18.19
C ASN A 75 -11.09 -9.09 -17.93
N VAL A 76 -11.79 -10.11 -18.37
CA VAL A 76 -11.23 -11.45 -18.28
C VAL A 76 -9.97 -11.56 -19.15
N TYR A 77 -10.00 -11.07 -20.38
CA TYR A 77 -8.79 -11.18 -21.18
C TYR A 77 -7.69 -10.23 -20.73
N ALA A 78 -8.04 -9.05 -20.22
CA ALA A 78 -6.99 -8.13 -19.75
C ALA A 78 -6.31 -8.60 -18.45
N ASN A 79 -7.08 -9.12 -17.51
CA ASN A 79 -6.55 -9.33 -16.16
C ASN A 79 -6.34 -10.79 -15.77
N GLU A 80 -7.31 -11.65 -16.08
CA GLU A 80 -7.39 -12.97 -15.44
C GLU A 80 -6.73 -14.11 -16.19
N LEU A 81 -7.13 -14.32 -17.45
CA LEU A 81 -6.74 -15.53 -18.17
C LEU A 81 -5.22 -15.65 -18.31
N LYS A 82 -4.57 -14.51 -18.58
CA LYS A 82 -3.14 -14.46 -18.77
C LYS A 82 -2.34 -14.86 -17.52
N ASN A 83 -2.79 -14.42 -16.36
CA ASN A 83 -2.09 -14.74 -15.14
C ASN A 83 -2.14 -16.22 -14.85
N VAL A 84 -3.33 -16.79 -15.04
CA VAL A 84 -3.54 -18.16 -14.65
C VAL A 84 -2.84 -19.08 -15.68
N VAL A 85 -2.75 -18.63 -16.94
CA VAL A 85 -1.92 -19.31 -17.92
C VAL A 85 -0.43 -19.30 -17.52
N ASP A 86 0.06 -18.14 -17.09
CA ASP A 86 1.46 -18.03 -16.63
C ASP A 86 1.74 -18.91 -15.40
N ILE A 87 0.79 -19.02 -14.48
CA ILE A 87 0.99 -19.93 -13.35
C ILE A 87 1.11 -21.35 -13.86
N ILE A 88 0.18 -21.77 -14.72
CA ILE A 88 0.23 -23.14 -15.22
C ILE A 88 1.57 -23.40 -15.93
N LYS A 89 2.07 -22.40 -16.65
CA LYS A 89 3.27 -22.58 -17.44
C LYS A 89 4.51 -22.70 -16.56
N ASN A 90 4.51 -21.96 -15.44
CA ASN A 90 5.70 -21.88 -14.61
C ASN A 90 5.76 -22.93 -13.50
N THR A 91 4.73 -23.75 -13.40
CA THR A 91 4.69 -24.80 -12.39
C THR A 91 4.58 -26.16 -13.06
N SER A 92 4.87 -26.18 -14.36
CA SER A 92 4.49 -27.30 -15.21
C SER A 92 5.36 -28.56 -15.06
N ASN A 93 6.64 -28.40 -14.77
CA ASN A 93 7.49 -29.58 -14.67
C ASN A 93 8.19 -29.76 -13.32
N ASP A 94 7.89 -28.86 -12.39
CA ASP A 94 8.42 -28.95 -11.04
C ASP A 94 7.45 -29.79 -10.21
N PRO A 95 7.93 -30.93 -9.69
CA PRO A 95 7.09 -31.85 -8.91
C PRO A 95 6.69 -31.27 -7.56
N ALA A 96 7.51 -30.35 -7.04
CA ALA A 96 7.18 -29.65 -5.81
C ALA A 96 6.20 -28.49 -6.06
N ALA A 97 5.71 -28.44 -7.30
CA ALA A 97 4.75 -27.40 -7.70
C ALA A 97 3.51 -28.01 -8.35
N SER A 98 3.42 -29.33 -8.34
CA SER A 98 2.34 -29.97 -9.07
C SER A 98 0.98 -29.58 -8.50
N ASN A 99 0.88 -29.51 -7.17
CA ASN A 99 -0.35 -29.10 -6.53
C ASN A 99 -0.77 -27.69 -6.92
N MET A 100 0.20 -26.82 -7.16
CA MET A 100 -0.12 -25.47 -7.61
C MET A 100 -0.60 -25.54 -9.05
N ASN A 101 0.13 -26.32 -9.84
CA ASN A 101 -0.21 -26.51 -11.25
C ASN A 101 -1.64 -26.98 -11.41
N ALA A 102 -2.07 -27.88 -10.55
CA ALA A 102 -3.43 -28.38 -10.59
C ALA A 102 -4.40 -27.25 -10.18
N VAL A 103 -4.07 -26.55 -9.09
CA VAL A 103 -4.95 -25.49 -8.59
C VAL A 103 -5.17 -24.43 -9.69
N ALA A 104 -4.07 -23.96 -10.27
CA ALA A 104 -4.14 -23.02 -11.35
C ALA A 104 -5.04 -23.54 -12.45
N LYS A 105 -4.92 -24.82 -12.80
CA LYS A 105 -5.72 -25.38 -13.90
C LYS A 105 -7.22 -25.33 -13.54
N ILE A 106 -7.54 -25.66 -12.28
CA ILE A 106 -8.91 -25.58 -11.79
C ILE A 106 -9.34 -24.11 -11.89
N MET A 107 -8.47 -23.21 -11.45
CA MET A 107 -8.78 -21.79 -11.55
C MET A 107 -9.13 -21.47 -13.00
N LYS A 108 -8.34 -22.01 -13.93
CA LYS A 108 -8.47 -21.57 -15.31
C LYS A 108 -9.83 -21.96 -15.85
N VAL A 109 -10.37 -23.06 -15.34
CA VAL A 109 -11.70 -23.47 -15.80
C VAL A 109 -12.74 -22.46 -15.26
N MET A 110 -12.65 -22.13 -13.99
CA MET A 110 -13.58 -21.19 -13.39
C MET A 110 -13.56 -19.82 -14.07
N VAL A 111 -12.35 -19.34 -14.34
CA VAL A 111 -12.20 -18.10 -15.11
C VAL A 111 -12.90 -18.21 -16.48
N ALA A 112 -12.66 -19.29 -17.22
CA ALA A 112 -13.07 -19.34 -18.64
C ALA A 112 -14.54 -19.76 -18.84
N GLN A 113 -15.02 -20.57 -17.89
CA GLN A 113 -16.39 -21.07 -17.91
C GLN A 113 -17.44 -19.94 -17.98
N ARG A 114 -17.29 -18.91 -17.16
CA ARG A 114 -18.21 -17.79 -17.25
C ARG A 114 -18.14 -17.21 -18.68
N LEU A 115 -16.92 -17.05 -19.19
CA LEU A 115 -16.66 -16.43 -20.48
C LEU A 115 -17.43 -17.11 -21.62
N THR A 116 -17.20 -18.42 -21.81
CA THR A 116 -17.83 -19.13 -22.92
C THR A 116 -19.34 -19.13 -22.67
N ASP A 117 -19.74 -19.29 -21.40
CA ASP A 117 -21.16 -19.40 -21.11
C ASP A 117 -21.89 -18.11 -21.51
N ILE A 118 -21.18 -16.99 -21.45
CA ILE A 118 -21.80 -15.73 -21.82
C ILE A 118 -21.64 -15.46 -23.36
N TYR A 119 -20.50 -15.81 -23.97
CA TYR A 119 -20.31 -15.37 -25.36
C TYR A 119 -20.32 -16.50 -26.38
N GLY A 120 -20.23 -17.74 -25.90
CA GLY A 120 -20.21 -18.90 -26.78
C GLY A 120 -18.82 -19.33 -27.17
N ASP A 121 -18.56 -19.44 -28.47
CA ASP A 121 -17.21 -19.76 -28.95
C ASP A 121 -16.30 -18.57 -28.63
N VAL A 122 -15.17 -18.83 -27.98
CA VAL A 122 -14.28 -17.75 -27.57
C VAL A 122 -12.82 -18.20 -27.69
N PRO A 123 -11.90 -17.24 -27.85
CA PRO A 123 -10.48 -17.61 -27.73
C PRO A 123 -10.18 -18.24 -26.36
N TYR A 124 -9.55 -19.40 -26.40
CA TYR A 124 -9.19 -20.07 -25.16
C TYR A 124 -7.81 -20.73 -25.33
N SER A 125 -7.77 -21.83 -26.06
CA SER A 125 -6.53 -22.57 -26.29
C SER A 125 -5.38 -21.69 -26.79
N GLU A 126 -5.69 -20.69 -27.61
CA GLU A 126 -4.66 -19.75 -28.10
C GLU A 126 -4.72 -18.38 -27.42
N ALA A 127 -5.38 -18.32 -26.27
CA ALA A 127 -5.57 -17.08 -25.52
C ALA A 127 -4.71 -17.03 -24.25
N GLY A 128 -4.46 -15.83 -23.76
CA GLY A 128 -3.73 -15.62 -22.52
C GLY A 128 -2.23 -15.78 -22.68
N VAL A 136 -1.56 -12.53 -31.52
CA VAL A 136 -2.32 -11.35 -31.91
C VAL A 136 -3.65 -11.73 -32.58
N THR A 137 -3.71 -12.90 -33.22
CA THR A 137 -4.97 -13.35 -33.81
C THR A 137 -5.39 -14.76 -33.38
N PRO A 138 -5.75 -14.94 -32.11
CA PRO A 138 -6.17 -16.27 -31.63
C PRO A 138 -7.51 -16.70 -32.19
N LYS A 139 -7.64 -17.98 -32.51
CA LYS A 139 -8.89 -18.54 -33.01
C LYS A 139 -9.92 -18.62 -31.89
N TYR A 140 -11.19 -18.74 -32.27
CA TYR A 140 -12.28 -18.95 -31.32
C TYR A 140 -12.50 -20.45 -31.23
N ASP A 141 -12.30 -21.05 -30.07
CA ASP A 141 -12.58 -22.49 -29.94
C ASP A 141 -14.07 -22.75 -29.97
N LYS A 142 -14.50 -23.81 -30.64
CA LYS A 142 -15.88 -24.25 -30.53
C LYS A 142 -16.19 -24.58 -29.07
N GLN A 143 -17.34 -24.10 -28.59
CA GLN A 143 -17.71 -24.28 -27.19
C GLN A 143 -17.70 -25.76 -26.78
N GLN A 144 -18.12 -26.64 -27.67
CA GLN A 144 -18.08 -28.07 -27.38
C GLN A 144 -16.65 -28.54 -27.01
N ASP A 145 -15.67 -28.10 -27.77
CA ASP A 145 -14.28 -28.45 -27.49
C ASP A 145 -13.80 -27.78 -26.19
N ILE A 146 -14.27 -26.56 -25.93
CA ILE A 146 -13.88 -25.86 -24.72
C ILE A 146 -14.34 -26.68 -23.54
N TYR A 147 -15.56 -27.18 -23.63
CA TYR A 147 -16.12 -28.01 -22.58
C TYR A 147 -15.44 -29.39 -22.40
N ASN A 148 -15.07 -30.06 -23.50
CA ASN A 148 -14.29 -31.30 -23.39
C ASN A 148 -12.96 -31.01 -22.70
N SER A 149 -12.35 -29.88 -23.05
CA SER A 149 -11.10 -29.47 -22.44
C SER A 149 -11.29 -29.18 -20.92
N PHE A 150 -12.42 -28.57 -20.56
CA PHE A 150 -12.79 -28.37 -19.14
C PHE A 150 -12.83 -29.72 -18.40
N PHE A 151 -13.56 -30.67 -18.96
CA PHE A 151 -13.71 -31.96 -18.30
C PHE A 151 -12.34 -32.62 -18.14
N LYS A 152 -11.52 -32.58 -19.20
CA LYS A 152 -10.19 -33.16 -19.13
C LYS A 152 -9.33 -32.54 -18.01
N ASP A 153 -9.26 -31.21 -17.97
CA ASP A 153 -8.48 -30.55 -16.94
C ASP A 153 -9.00 -30.83 -15.52
N LEU A 154 -10.32 -30.83 -15.32
CA LEU A 154 -10.85 -31.12 -13.97
C LEU A 154 -10.58 -32.56 -13.52
N ASP A 155 -10.78 -33.50 -14.45
CA ASP A 155 -10.46 -34.89 -14.18
C ASP A 155 -8.99 -35.07 -13.76
N GLU A 156 -8.11 -34.65 -14.66
CA GLU A 156 -6.69 -34.80 -14.40
C GLU A 156 -6.21 -34.01 -13.21
N SER A 157 -6.82 -32.86 -12.94
CA SER A 157 -6.40 -32.02 -11.83
C SER A 157 -6.82 -32.61 -10.49
N PHE A 158 -7.99 -33.25 -10.50
CA PHE A 158 -8.42 -34.01 -9.34
C PHE A 158 -7.40 -35.09 -9.01
N THR A 159 -7.08 -35.90 -10.02
CA THR A 159 -6.11 -36.96 -9.82
C THR A 159 -4.70 -36.44 -9.46
N GLN A 160 -4.33 -35.29 -9.99
CA GLN A 160 -2.97 -34.75 -9.84
C GLN A 160 -2.71 -34.16 -8.45
N LEU A 161 -3.73 -33.60 -7.82
CA LEU A 161 -3.60 -33.10 -6.43
C LEU A 161 -3.16 -34.23 -5.49
N ASN A 162 -2.00 -34.09 -4.87
CA ASN A 162 -1.45 -35.20 -4.09
C ASN A 162 -0.65 -34.72 -2.89
N ALA A 163 -0.48 -35.61 -1.91
CA ALA A 163 0.29 -35.32 -0.68
C ALA A 163 1.72 -34.90 -0.99
N SER A 164 2.23 -35.34 -2.15
CA SER A 164 3.59 -35.05 -2.56
C SER A 164 3.69 -33.97 -3.64
N GLY A 165 2.63 -33.18 -3.80
CA GLY A 165 2.59 -32.16 -4.84
C GLY A 165 3.16 -30.79 -4.49
N GLY A 166 3.73 -30.65 -3.30
CA GLY A 166 4.26 -29.36 -2.86
C GLY A 166 3.15 -28.59 -2.18
N SER A 167 3.45 -27.37 -1.76
CA SER A 167 2.49 -26.57 -1.02
C SER A 167 1.77 -25.55 -1.94
N VAL A 168 0.53 -25.22 -1.61
CA VAL A 168 -0.21 -24.21 -2.37
C VAL A 168 -0.24 -22.86 -1.64
N LYS A 169 0.37 -21.85 -2.25
CA LYS A 169 0.55 -20.55 -1.63
C LYS A 169 -0.24 -19.47 -2.36
N GLY A 170 -0.92 -18.58 -1.62
CA GLY A 170 -1.62 -17.48 -2.24
C GLY A 170 -3.11 -17.74 -2.46
N ASP A 171 -3.55 -18.86 -1.91
CA ASP A 171 -4.92 -19.31 -2.05
C ASP A 171 -5.81 -18.69 -0.97
N LEU A 172 -6.67 -17.77 -1.37
CA LEU A 172 -7.60 -17.11 -0.45
C LEU A 172 -8.91 -17.89 -0.26
N PHE A 173 -9.20 -18.78 -1.19
CA PHE A 173 -10.42 -19.57 -1.13
C PHE A 173 -10.33 -20.56 0.02
N TYR A 174 -9.17 -21.19 0.11
CA TYR A 174 -9.02 -22.37 0.95
C TYR A 174 -7.70 -22.47 1.69
N ASN A 175 -6.85 -21.46 1.57
CA ASN A 175 -5.53 -21.49 2.22
C ASN A 175 -4.75 -22.75 1.91
N GLY A 176 -4.83 -23.20 0.66
CA GLY A 176 -4.01 -24.29 0.14
C GLY A 176 -4.41 -25.71 0.53
N ASP A 177 -5.53 -25.87 1.22
CA ASP A 177 -5.99 -27.22 1.53
C ASP A 177 -6.34 -27.91 0.22
N ILE A 178 -5.54 -28.90 -0.17
CA ILE A 178 -5.78 -29.56 -1.45
C ILE A 178 -7.04 -30.42 -1.43
N SER A 179 -7.44 -30.87 -0.24
CA SER A 179 -8.65 -31.70 -0.11
C SER A 179 -9.89 -30.92 -0.54
N LYS A 180 -9.88 -29.62 -0.27
CA LYS A 180 -11.00 -28.79 -0.68
C LYS A 180 -10.89 -28.51 -2.19
N TRP A 181 -9.68 -28.39 -2.68
CA TRP A 181 -9.50 -28.17 -4.10
C TRP A 181 -9.99 -29.36 -4.91
N LYS A 182 -9.82 -30.56 -4.38
CA LYS A 182 -10.34 -31.76 -5.07
C LYS A 182 -11.85 -31.66 -5.25
N LYS A 183 -12.56 -31.43 -4.15
CA LYS A 183 -14.02 -31.38 -4.20
C LYS A 183 -14.54 -30.18 -5.00
N LEU A 184 -13.79 -29.06 -4.99
CA LEU A 184 -14.16 -27.91 -5.84
C LEU A 184 -14.08 -28.30 -7.31
N ALA A 185 -13.02 -29.05 -7.64
CA ALA A 185 -12.83 -29.54 -8.99
C ALA A 185 -14.00 -30.41 -9.42
N ASN A 186 -14.43 -31.31 -8.53
CA ASN A 186 -15.54 -32.20 -8.87
C ASN A 186 -16.92 -31.52 -8.93
N THR A 187 -17.13 -30.49 -8.10
CA THR A 187 -18.38 -29.77 -8.09
C THR A 187 -18.50 -28.93 -9.38
N MET A 188 -17.40 -28.26 -9.74
CA MET A 188 -17.34 -27.57 -11.04
C MET A 188 -17.64 -28.56 -12.18
N ARG A 189 -17.04 -29.76 -12.08
CA ARG A 189 -17.25 -30.78 -13.11
C ARG A 189 -18.73 -31.13 -13.25
N LEU A 190 -19.41 -31.27 -12.11
CA LEU A 190 -20.85 -31.54 -12.12
C LEU A 190 -21.70 -30.37 -12.69
N ARG A 191 -21.29 -29.14 -12.37
CA ARG A 191 -21.95 -27.96 -12.91
C ARG A 191 -21.86 -27.97 -14.45
N LEU A 192 -20.66 -28.25 -14.96
CA LEU A 192 -20.45 -28.32 -16.41
C LEU A 192 -21.24 -29.52 -17.00
N ALA A 193 -21.26 -30.64 -16.28
CA ALA A 193 -21.97 -31.81 -16.75
C ALA A 193 -23.43 -31.51 -16.93
N MET A 194 -24.04 -30.89 -15.92
CA MET A 194 -25.47 -30.58 -16.03
C MET A 194 -25.69 -29.54 -17.13
N ARG A 195 -24.72 -28.64 -17.32
CA ARG A 195 -24.97 -27.59 -18.29
C ARG A 195 -25.10 -28.15 -19.72
N ILE A 196 -24.46 -29.28 -20.01
CA ILE A 196 -24.62 -29.90 -21.34
C ILE A 196 -25.61 -31.06 -21.38
N SER A 197 -26.58 -31.08 -20.46
CA SER A 197 -27.53 -32.18 -20.39
C SER A 197 -28.43 -32.21 -21.63
N GLU A 198 -28.74 -31.02 -22.17
CA GLU A 198 -29.64 -30.93 -23.30
C GLU A 198 -28.94 -31.19 -24.62
N VAL A 199 -27.68 -30.78 -24.72
CA VAL A 199 -27.03 -30.89 -26.01
C VAL A 199 -26.29 -32.22 -26.16
N SER A 200 -25.71 -32.72 -25.07
CA SER A 200 -24.92 -33.94 -25.12
C SER A 200 -25.19 -34.82 -23.92
N PRO A 201 -26.39 -35.41 -23.85
CA PRO A 201 -26.90 -36.22 -22.73
C PRO A 201 -25.96 -37.33 -22.26
N ALA A 202 -25.33 -38.06 -23.19
CA ALA A 202 -24.41 -39.15 -22.84
C ALA A 202 -23.16 -38.64 -22.12
N GLU A 203 -22.51 -37.66 -22.72
CA GLU A 203 -21.35 -37.05 -22.10
C GLU A 203 -21.77 -36.42 -20.77
N ALA A 204 -22.95 -35.80 -20.77
CA ALA A 204 -23.47 -35.16 -19.57
C ALA A 204 -23.59 -36.18 -18.40
N GLU A 205 -24.31 -37.27 -18.64
CA GLU A 205 -24.45 -38.34 -17.64
C GLU A 205 -23.09 -38.84 -17.17
N LYS A 206 -22.25 -39.20 -18.13
CA LYS A 206 -20.92 -39.74 -17.83
C LYS A 206 -20.16 -38.84 -16.86
N GLN A 207 -20.14 -37.55 -17.16
CA GLN A 207 -19.37 -36.59 -16.38
C GLN A 207 -20.01 -36.28 -15.00
N ALA A 208 -21.33 -36.29 -14.95
CA ALA A 208 -22.03 -36.13 -13.67
C ALA A 208 -21.68 -37.26 -12.73
N LYS A 209 -21.96 -38.49 -13.18
CA LYS A 209 -21.55 -39.69 -12.45
C LYS A 209 -20.09 -39.61 -11.99
N ALA A 210 -19.17 -39.32 -12.91
CA ALA A 210 -17.76 -39.20 -12.56
C ALA A 210 -17.51 -38.17 -11.44
N ALA A 211 -18.18 -37.02 -11.55
CA ALA A 211 -18.04 -35.96 -10.57
C ALA A 211 -18.52 -36.45 -9.21
N PHE A 212 -19.69 -37.06 -9.22
CA PHE A 212 -20.32 -37.56 -8.01
C PHE A 212 -19.44 -38.58 -7.29
N GLN A 213 -18.82 -39.49 -8.03
CA GLN A 213 -18.07 -40.55 -7.39
C GLN A 213 -16.71 -40.06 -6.92
N ASN A 214 -16.09 -39.13 -7.66
CA ASN A 214 -14.84 -38.55 -7.19
C ASN A 214 -15.04 -37.71 -5.91
N GLY A 215 -16.24 -37.19 -5.73
CA GLY A 215 -16.60 -36.47 -4.51
C GLY A 215 -16.76 -34.97 -4.60
N VAL A 216 -18.01 -34.48 -4.53
CA VAL A 216 -18.24 -33.04 -4.55
C VAL A 216 -18.24 -32.47 -3.15
N PHE A 217 -18.70 -31.22 -3.01
CA PHE A 217 -18.80 -30.57 -1.71
C PHE A 217 -19.57 -31.46 -0.74
N GLU A 218 -19.15 -31.48 0.53
CA GLU A 218 -19.83 -32.34 1.51
C GLU A 218 -20.63 -31.54 2.53
N SER A 219 -20.35 -30.23 2.64
CA SER A 219 -21.19 -29.33 3.42
C SER A 219 -20.87 -27.88 3.04
N ASN A 220 -21.59 -26.94 3.65
CA ASN A 220 -21.36 -25.52 3.44
C ASN A 220 -19.94 -25.07 3.80
N ASP A 221 -19.23 -25.86 4.61
CA ASP A 221 -17.85 -25.56 4.99
C ASP A 221 -16.91 -25.59 3.80
N ASP A 222 -17.31 -26.34 2.77
CA ASP A 222 -16.50 -26.52 1.59
C ASP A 222 -16.73 -25.47 0.50
N ASN A 223 -17.77 -24.64 0.68
CA ASN A 223 -18.11 -23.57 -0.26
C ASN A 223 -16.92 -22.74 -0.73
N CYS A 224 -16.92 -22.37 -2.00
CA CYS A 224 -15.88 -21.50 -2.52
C CYS A 224 -16.24 -20.02 -2.34
N LEU A 225 -15.52 -19.38 -1.42
CA LEU A 225 -15.77 -18.00 -0.97
C LEU A 225 -14.57 -17.12 -1.11
N MET A 226 -14.80 -15.86 -1.41
CA MET A 226 -13.81 -14.84 -1.15
C MET A 226 -14.30 -13.96 -0.01
N HIS A 227 -13.53 -13.91 1.07
CA HIS A 227 -13.79 -12.97 2.15
C HIS A 227 -13.06 -11.68 1.81
N HIS A 228 -13.82 -10.58 1.82
CA HIS A 228 -13.35 -9.25 1.40
C HIS A 228 -13.01 -8.31 2.57
N LEU A 229 -11.79 -7.79 2.61
CA LEU A 229 -11.37 -7.01 3.75
C LEU A 229 -10.83 -5.62 3.40
N PHE A 242 -9.68 -4.21 -6.20
CA PHE A 242 -10.23 -5.57 -6.22
C PHE A 242 -10.38 -6.11 -4.80
N ARG A 243 -10.09 -5.29 -3.82
CA ARG A 243 -10.12 -5.74 -2.44
C ARG A 243 -11.53 -5.68 -1.81
N GLY A 244 -12.39 -4.83 -2.35
CA GLY A 244 -13.80 -4.85 -1.98
C GLY A 244 -14.67 -5.72 -2.90
N ASN A 245 -15.77 -6.23 -2.36
CA ASN A 245 -16.74 -6.98 -3.16
C ASN A 245 -17.18 -6.13 -4.35
N GLY A 246 -16.92 -6.61 -5.57
CA GLY A 246 -17.33 -5.88 -6.78
C GLY A 246 -18.83 -5.74 -6.95
N LEU A 247 -19.55 -6.78 -6.55
CA LEU A 247 -21.01 -6.77 -6.67
C LEU A 247 -21.59 -5.67 -5.77
N SER A 248 -21.05 -5.54 -4.57
CA SER A 248 -21.50 -4.46 -3.68
C SER A 248 -21.15 -3.13 -4.31
N TYR A 249 -20.00 -3.04 -4.93
CA TYR A 249 -19.65 -1.84 -5.67
C TYR A 249 -20.79 -1.47 -6.64
N GLY A 250 -21.32 -2.46 -7.35
CA GLY A 250 -22.46 -2.19 -8.22
C GLY A 250 -23.70 -1.72 -7.44
N PHE A 251 -24.04 -2.45 -6.37
CA PHE A 251 -25.12 -2.07 -5.47
C PHE A 251 -25.03 -0.62 -4.98
N ILE A 252 -23.80 -0.17 -4.69
CA ILE A 252 -23.53 1.17 -4.14
C ILE A 252 -23.51 2.23 -5.25
N SER A 253 -23.04 1.88 -6.44
CA SER A 253 -23.08 2.84 -7.55
C SER A 253 -24.50 3.00 -8.12
N ASP A 254 -25.39 2.07 -7.83
CA ASP A 254 -26.81 2.24 -8.14
C ASP A 254 -27.52 3.04 -7.03
N GLU A 255 -26.73 3.60 -6.12
CA GLU A 255 -27.26 4.39 -5.00
C GLU A 255 -28.28 3.62 -4.17
N HIS A 256 -28.02 2.34 -3.94
CA HIS A 256 -28.91 1.48 -3.15
C HIS A 256 -30.31 1.54 -3.71
N GLY A 257 -30.41 1.67 -5.03
CA GLY A 257 -31.69 1.71 -5.71
C GLY A 257 -32.17 0.38 -6.21
N ASP A 258 -31.40 -0.68 -5.96
CA ASP A 258 -31.81 -2.01 -6.42
C ASP A 258 -32.70 -2.69 -5.40
N HIS A 259 -33.76 -3.35 -5.89
CA HIS A 259 -34.63 -4.21 -5.07
C HIS A 259 -34.64 -5.59 -5.67
N PHE A 260 -35.11 -6.57 -4.90
CA PHE A 260 -35.38 -7.89 -5.45
C PHE A 260 -36.62 -7.83 -6.31
N SER A 261 -36.70 -8.70 -7.30
CA SER A 261 -37.85 -8.64 -8.20
C SER A 261 -39.11 -9.19 -7.52
N SER A 262 -40.28 -8.78 -8.01
CA SER A 262 -41.54 -9.32 -7.50
C SER A 262 -41.60 -10.85 -7.66
N LEU A 263 -41.00 -11.38 -8.71
CA LEU A 263 -40.98 -12.82 -8.92
C LEU A 263 -40.31 -13.56 -7.74
N LEU A 264 -39.12 -13.10 -7.35
CA LEU A 264 -38.40 -13.73 -6.26
C LEU A 264 -39.13 -13.51 -4.93
N ILE A 265 -39.50 -12.29 -4.61
CA ILE A 265 -40.14 -12.00 -3.34
C ILE A 265 -41.44 -12.77 -3.21
N ASP A 266 -42.31 -12.70 -4.22
CA ASP A 266 -43.53 -13.48 -4.19
C ASP A 266 -43.23 -14.97 -4.01
N TYR A 267 -42.19 -15.50 -4.66
CA TYR A 267 -41.94 -16.92 -4.47
C TYR A 267 -41.54 -17.24 -3.03
N LEU A 268 -40.66 -16.42 -2.45
CA LEU A 268 -40.17 -16.67 -1.11
C LEU A 268 -41.28 -16.47 -0.05
N ARG A 269 -42.12 -15.46 -0.28
CA ARG A 269 -43.20 -15.15 0.64
C ARG A 269 -44.36 -16.17 0.54
N ASP A 270 -44.84 -16.45 -0.67
CA ASP A 270 -46.02 -17.30 -0.83
C ASP A 270 -45.76 -18.77 -0.47
N ASN A 271 -44.50 -19.19 -0.44
CA ASN A 271 -44.19 -20.59 -0.10
C ASN A 271 -43.56 -20.72 1.29
N GLY A 272 -43.50 -19.61 2.02
CA GLY A 272 -42.92 -19.61 3.35
C GLY A 272 -41.46 -20.01 3.44
N ASP A 273 -40.65 -19.58 2.48
CA ASP A 273 -39.22 -19.79 2.51
C ASP A 273 -38.61 -18.93 3.62
N PRO A 274 -37.77 -19.53 4.49
CA PRO A 274 -37.15 -18.76 5.59
C PRO A 274 -36.15 -17.71 5.11
N ARG A 275 -35.82 -17.72 3.83
CA ARG A 275 -34.79 -16.80 3.34
C ARG A 275 -35.36 -15.43 3.09
N LEU A 276 -36.69 -15.30 3.18
CA LEU A 276 -37.39 -14.05 2.86
C LEU A 276 -36.82 -12.81 3.56
N LYS A 277 -36.77 -12.86 4.89
CA LYS A 277 -36.28 -11.72 5.69
C LYS A 277 -34.76 -11.73 5.90
N MET A 278 -34.13 -12.87 5.62
CA MET A 278 -32.68 -12.91 5.59
C MET A 278 -32.19 -12.07 4.41
N LEU A 279 -33.03 -11.96 3.37
CA LEU A 279 -32.64 -11.26 2.14
C LEU A 279 -33.27 -9.87 2.03
N ALA A 280 -34.57 -9.76 2.30
CA ALA A 280 -35.32 -8.53 2.04
C ALA A 280 -35.60 -7.69 3.31
N THR A 281 -35.54 -6.37 3.14
CA THR A 281 -35.98 -5.47 4.18
C THR A 281 -37.46 -5.17 3.95
N PRO A 282 -38.21 -4.96 5.04
CA PRO A 282 -39.66 -4.75 4.93
C PRO A 282 -40.02 -3.41 4.29
N LYS A 283 -41.22 -3.28 3.71
CA LYS A 283 -41.70 -1.98 3.25
C LYS A 283 -41.82 -1.01 4.42
N THR A 284 -41.60 0.29 4.18
CA THR A 284 -41.80 1.28 5.23
C THR A 284 -42.99 2.16 4.89
N GLY A 285 -43.30 2.23 3.60
CA GLY A 285 -44.46 2.98 3.15
C GLY A 285 -45.58 2.05 2.70
N SER A 286 -46.79 2.60 2.64
CA SER A 286 -47.94 1.88 2.14
C SER A 286 -48.13 2.12 0.66
N VAL A 287 -48.74 1.15 -0.03
CA VAL A 287 -49.05 1.31 -1.44
C VAL A 287 -49.98 2.51 -1.65
N ASN A 288 -50.68 2.92 -0.59
CA ASN A 288 -51.57 4.07 -0.70
C ASN A 288 -50.86 5.35 -0.30
N GLY A 289 -49.55 5.27 -0.13
CA GLY A 289 -48.78 6.42 0.28
C GLY A 289 -48.71 6.52 1.80
N GLY A 290 -47.77 7.31 2.28
CA GLY A 290 -47.55 7.49 3.71
C GLY A 290 -46.99 6.26 4.39
N PRO A 291 -46.72 6.36 5.70
CA PRO A 291 -46.17 5.22 6.44
C PRO A 291 -47.09 4.01 6.42
N ILE A 292 -46.50 2.82 6.54
CA ILE A 292 -47.26 1.60 6.37
C ILE A 292 -47.98 1.23 7.67
N GLY A 293 -49.23 0.79 7.55
CA GLY A 293 -50.06 0.47 8.71
C GLY A 293 -50.23 -1.01 8.99
N PRO A 294 -50.85 -1.35 10.14
CA PRO A 294 -51.05 -2.77 10.46
C PRO A 294 -51.86 -3.50 9.38
N GLY A 295 -51.52 -4.76 9.17
CA GLY A 295 -52.25 -5.55 8.20
C GLY A 295 -51.69 -5.53 6.79
N GLU A 296 -51.11 -4.41 6.35
CA GLU A 296 -50.61 -4.35 4.98
C GLU A 296 -49.35 -5.18 4.83
N GLU A 297 -49.32 -5.99 3.78
CA GLU A 297 -48.16 -6.83 3.45
C GLU A 297 -46.87 -6.05 3.50
N LEU A 298 -45.91 -6.62 4.20
CA LEU A 298 -44.62 -5.99 4.45
C LEU A 298 -43.58 -6.36 3.39
N TYR A 299 -43.83 -7.43 2.64
CA TYR A 299 -42.81 -7.95 1.73
C TYR A 299 -43.33 -8.06 0.31
N GLU A 300 -42.88 -7.13 -0.52
CA GLU A 300 -43.20 -7.12 -1.94
C GLU A 300 -41.97 -6.67 -2.73
N GLY A 301 -41.72 -7.32 -3.86
CA GLY A 301 -40.62 -6.94 -4.73
C GLY A 301 -41.06 -5.92 -5.77
N VAL A 302 -40.12 -5.48 -6.60
CA VAL A 302 -40.43 -4.54 -7.67
C VAL A 302 -40.62 -5.35 -8.95
N ARG A 303 -41.74 -5.11 -9.64
CA ARG A 303 -42.02 -5.79 -10.90
C ARG A 303 -40.93 -5.51 -11.94
N PRO A 304 -40.44 -6.58 -12.60
CA PRO A 304 -39.47 -6.42 -13.69
C PRO A 304 -39.99 -5.47 -14.76
N GLY A 305 -39.14 -4.56 -15.22
CA GLY A 305 -39.52 -3.57 -16.21
C GLY A 305 -40.00 -2.29 -15.56
N VAL A 306 -40.09 -2.27 -14.24
CA VAL A 306 -40.61 -1.13 -13.51
C VAL A 306 -39.53 -0.52 -12.64
N PHE A 307 -39.31 0.79 -12.78
CA PHE A 307 -38.36 1.52 -11.94
C PHE A 307 -38.92 1.67 -10.51
N ARG A 308 -38.06 1.85 -9.51
CA ARG A 308 -38.50 1.97 -8.11
C ARG A 308 -39.37 3.21 -7.86
N TRP A 309 -39.14 4.29 -8.60
CA TRP A 309 -39.94 5.49 -8.41
C TRP A 309 -41.30 5.41 -9.11
N GLU A 310 -41.54 4.30 -9.83
CA GLU A 310 -42.81 4.08 -10.50
C GLU A 310 -43.68 3.13 -9.70
N VAL A 311 -43.13 2.56 -8.63
CA VAL A 311 -43.91 1.67 -7.78
C VAL A 311 -45.14 2.43 -7.22
N VAL A 312 -46.32 1.83 -7.26
CA VAL A 312 -47.50 2.48 -6.68
C VAL A 312 -47.27 2.63 -5.18
N GLY A 313 -47.18 3.87 -4.72
CA GLY A 313 -46.77 4.14 -3.35
C GLY A 313 -45.35 4.64 -3.24
N GLY A 314 -44.63 4.69 -4.37
CA GLY A 314 -43.23 5.13 -4.36
C GLY A 314 -42.32 4.02 -3.90
N SER A 315 -41.01 4.29 -3.85
CA SER A 315 -40.06 3.21 -3.56
C SER A 315 -40.17 2.67 -2.14
N ASN A 316 -40.73 3.43 -1.20
CA ASN A 316 -40.91 2.93 0.17
C ASN A 316 -41.89 1.76 0.23
N ALA A 317 -42.77 1.70 -0.76
CA ALA A 317 -43.80 0.68 -0.84
C ALA A 317 -43.27 -0.61 -1.49
N ALA A 318 -41.95 -0.74 -1.55
CA ALA A 318 -41.35 -1.99 -1.99
C ALA A 318 -40.23 -2.42 -1.03
N SER A 319 -40.12 -3.73 -0.80
CA SER A 319 -39.03 -4.28 -0.02
C SER A 319 -37.69 -3.91 -0.63
N GLY A 320 -36.69 -3.79 0.25
CA GLY A 320 -35.33 -3.49 -0.13
C GLY A 320 -34.37 -4.66 0.10
N ILE A 321 -33.07 -4.36 0.11
CA ILE A 321 -32.08 -5.40 0.28
C ILE A 321 -31.36 -5.19 1.59
N GLN A 322 -31.22 -6.27 2.36
CA GLN A 322 -30.57 -6.18 3.66
C GLN A 322 -29.17 -5.63 3.47
N PRO A 323 -28.81 -4.67 4.33
CA PRO A 323 -27.56 -3.88 4.24
C PRO A 323 -26.30 -4.73 4.24
N TYR A 324 -26.29 -5.85 4.98
CA TYR A 324 -25.08 -6.65 5.11
C TYR A 324 -24.73 -7.34 3.77
N LEU A 325 -25.74 -7.44 2.89
CA LEU A 325 -25.54 -8.01 1.56
C LEU A 325 -24.86 -7.02 0.60
N LYS A 326 -24.75 -5.75 0.97
CA LYS A 326 -24.33 -4.74 0.00
C LYS A 326 -23.05 -4.00 0.39
N LEU A 327 -22.29 -4.62 1.30
CA LEU A 327 -21.10 -3.98 1.87
C LEU A 327 -19.85 -4.36 1.12
N ARG A 328 -18.88 -3.45 1.14
CA ARG A 328 -17.58 -3.71 0.56
C ARG A 328 -16.95 -4.95 1.20
N THR A 329 -17.34 -5.24 2.45
CA THR A 329 -16.85 -6.43 3.17
C THR A 329 -17.76 -7.66 3.03
N THR A 330 -18.78 -7.56 2.19
CA THR A 330 -19.67 -8.70 1.98
C THR A 330 -18.90 -9.83 1.27
N PRO A 331 -19.00 -11.06 1.77
CA PRO A 331 -18.29 -12.13 1.08
C PRO A 331 -18.93 -12.48 -0.25
N PHE A 332 -18.15 -13.03 -1.19
CA PHE A 332 -18.70 -13.44 -2.47
C PHE A 332 -18.60 -14.96 -2.65
N LEU A 333 -19.74 -15.60 -2.88
CA LEU A 333 -19.86 -17.04 -3.07
C LEU A 333 -19.76 -17.46 -4.56
N HIS A 334 -18.75 -18.26 -4.90
CA HIS A 334 -18.56 -18.72 -6.28
C HIS A 334 -19.24 -20.06 -6.62
N VAL A 335 -18.99 -21.07 -5.79
CA VAL A 335 -19.56 -22.41 -5.98
C VAL A 335 -20.04 -22.92 -4.63
N SER A 336 -21.16 -23.62 -4.59
CA SER A 336 -21.79 -23.90 -3.31
C SER A 336 -22.16 -25.35 -3.12
N TYR A 337 -22.35 -25.73 -1.85
CA TYR A 337 -22.80 -27.07 -1.49
C TYR A 337 -24.27 -27.23 -1.88
N SER A 338 -25.03 -26.17 -1.67
CA SER A 338 -26.43 -26.13 -2.07
C SER A 338 -26.54 -26.46 -3.56
N GLU A 339 -25.73 -25.77 -4.37
CA GLU A 339 -25.71 -26.03 -5.81
C GLU A 339 -25.42 -27.50 -6.13
N SER A 340 -24.36 -28.06 -5.55
CA SER A 340 -23.97 -29.45 -5.85
C SER A 340 -25.09 -30.41 -5.52
N GLN A 341 -25.79 -30.15 -4.40
CA GLN A 341 -26.87 -31.05 -4.01
C GLN A 341 -28.08 -30.90 -4.93
N LEU A 342 -28.34 -29.68 -5.39
CA LEU A 342 -29.49 -29.46 -6.29
C LEU A 342 -29.21 -30.06 -7.69
N LEU A 343 -27.97 -29.95 -8.14
CA LEU A 343 -27.56 -30.57 -9.39
C LEU A 343 -27.64 -32.09 -9.28
N LEU A 344 -27.20 -32.64 -8.14
CA LEU A 344 -27.34 -34.09 -7.93
C LEU A 344 -28.82 -34.51 -7.87
N ALA A 345 -29.69 -33.64 -7.36
CA ALA A 345 -31.13 -33.93 -7.43
C ALA A 345 -31.57 -34.09 -8.88
N GLU A 346 -31.15 -33.15 -9.74
CA GLU A 346 -31.54 -33.25 -11.14
C GLU A 346 -30.95 -34.47 -11.85
N ALA A 347 -29.67 -34.76 -11.62
CA ALA A 347 -29.06 -35.95 -12.21
C ALA A 347 -29.74 -37.24 -11.72
N ALA A 348 -30.09 -37.28 -10.44
CA ALA A 348 -30.81 -38.41 -9.87
C ALA A 348 -32.12 -38.64 -10.58
N TYR A 349 -32.88 -37.55 -10.75
CA TYR A 349 -34.17 -37.63 -11.43
C TYR A 349 -34.06 -38.13 -12.86
N ARG A 350 -32.88 -37.99 -13.43
CA ARG A 350 -32.60 -38.48 -14.78
C ARG A 350 -32.04 -39.90 -14.77
N GLY A 351 -31.81 -40.44 -13.58
CA GLY A 351 -31.24 -41.76 -13.45
C GLY A 351 -29.77 -41.79 -13.78
N TRP A 352 -29.12 -40.63 -13.73
CA TRP A 352 -27.71 -40.54 -14.07
C TRP A 352 -26.79 -40.93 -12.90
N VAL A 353 -27.21 -40.64 -11.67
CA VAL A 353 -26.44 -41.00 -10.49
C VAL A 353 -27.33 -41.78 -9.52
N ALA A 354 -26.70 -42.47 -8.57
CA ALA A 354 -27.44 -43.34 -7.64
C ALA A 354 -28.00 -42.58 -6.44
N GLY A 355 -29.30 -42.69 -6.24
CA GLY A 355 -29.89 -42.13 -5.04
C GLY A 355 -31.29 -41.58 -5.21
N SER A 356 -31.80 -40.98 -4.14
CA SER A 356 -33.10 -40.32 -4.15
C SER A 356 -33.01 -38.84 -4.52
N ALA A 357 -33.74 -38.46 -5.56
CA ALA A 357 -33.77 -37.06 -5.99
C ALA A 357 -34.29 -36.17 -4.85
N ALA A 358 -35.32 -36.64 -4.16
CA ALA A 358 -35.97 -35.91 -3.07
C ALA A 358 -35.02 -35.58 -1.92
N ASP A 359 -34.13 -36.52 -1.60
CA ASP A 359 -33.22 -36.33 -0.48
C ASP A 359 -32.11 -35.33 -0.83
N PHE A 360 -31.57 -35.46 -2.04
CA PHE A 360 -30.62 -34.48 -2.58
C PHE A 360 -31.23 -33.08 -2.59
N TYR A 361 -32.48 -33.00 -3.05
CA TYR A 361 -33.22 -31.75 -3.10
C TYR A 361 -33.32 -31.11 -1.72
N LYS A 362 -33.74 -31.90 -0.74
CA LYS A 362 -33.92 -31.41 0.63
C LYS A 362 -32.61 -30.87 1.17
N LYS A 363 -31.54 -31.63 0.96
CA LYS A 363 -30.23 -31.22 1.44
C LYS A 363 -29.79 -29.92 0.75
N GLY A 364 -30.14 -29.78 -0.52
CA GLY A 364 -29.85 -28.56 -1.27
C GLY A 364 -30.55 -27.34 -0.72
N VAL A 365 -31.86 -27.45 -0.49
CA VAL A 365 -32.63 -26.33 0.03
C VAL A 365 -32.13 -25.89 1.41
N GLU A 366 -31.86 -26.86 2.27
CA GLU A 366 -31.35 -26.51 3.59
C GLU A 366 -29.99 -25.83 3.49
N ALA A 367 -29.14 -26.36 2.62
CA ALA A 367 -27.82 -25.78 2.43
C ALA A 367 -27.88 -24.34 1.88
N GLY A 368 -28.88 -24.07 1.06
CA GLY A 368 -29.07 -22.74 0.48
C GLY A 368 -29.59 -21.75 1.51
N ILE A 369 -30.49 -22.23 2.37
CA ILE A 369 -31.02 -21.40 3.46
C ILE A 369 -29.90 -21.04 4.43
N LYS A 370 -29.01 -21.99 4.72
CA LYS A 370 -27.94 -21.73 5.68
C LYS A 370 -26.75 -21.00 5.11
N GLN A 371 -26.58 -21.03 3.78
CA GLN A 371 -25.38 -20.42 3.19
C GLN A 371 -25.42 -18.89 3.34
N LEU A 372 -26.61 -18.36 3.57
CA LEU A 372 -26.78 -16.91 3.73
C LEU A 372 -26.20 -16.39 5.04
N GLU A 373 -25.93 -17.28 5.98
CA GLU A 373 -25.43 -16.87 7.28
C GLU A 373 -24.09 -16.14 7.16
N VAL A 374 -23.26 -16.60 6.23
CA VAL A 374 -21.93 -16.02 6.11
C VAL A 374 -22.01 -14.56 5.66
N TYR A 375 -23.17 -14.15 5.15
CA TYR A 375 -23.41 -12.77 4.74
C TYR A 375 -23.72 -11.88 5.94
N GLY A 376 -23.86 -12.49 7.12
CA GLY A 376 -24.21 -11.74 8.31
C GLY A 376 -25.70 -11.81 8.61
N ALA A 377 -26.42 -12.72 7.94
CA ALA A 377 -27.85 -12.88 8.20
C ALA A 377 -28.09 -13.73 9.45
N ALA A 378 -29.14 -13.38 10.19
CA ALA A 378 -29.52 -14.13 11.38
C ALA A 378 -29.88 -15.54 10.94
N PRO A 379 -29.17 -16.54 11.48
CA PRO A 379 -29.46 -17.92 11.09
C PRO A 379 -30.91 -18.27 11.35
N ALA A 380 -31.53 -18.97 10.41
CA ALA A 380 -32.90 -19.39 10.58
C ALA A 380 -32.94 -20.57 11.54
N SER A 381 -33.99 -20.64 12.34
CA SER A 381 -34.13 -21.73 13.29
C SER A 381 -34.26 -23.03 12.51
N GLN A 382 -33.61 -24.08 13.03
CA GLN A 382 -33.66 -25.40 12.41
C GLN A 382 -35.10 -25.89 12.25
N ALA A 383 -35.96 -25.50 13.17
CA ALA A 383 -37.36 -25.90 13.12
C ALA A 383 -38.05 -25.31 11.88
N SER A 384 -37.76 -24.05 11.56
CA SER A 384 -38.36 -23.42 10.40
C SER A 384 -37.88 -24.07 9.09
N ILE A 385 -36.59 -24.39 9.04
CA ILE A 385 -36.01 -25.05 7.87
C ILE A 385 -36.64 -26.41 7.64
N ASP A 386 -36.66 -27.20 8.71
CA ASP A 386 -37.23 -28.55 8.63
C ASP A 386 -38.70 -28.49 8.24
N ALA A 387 -39.41 -27.51 8.79
CA ALA A 387 -40.83 -27.35 8.49
C ALA A 387 -41.05 -27.02 7.01
N TYR A 388 -40.26 -26.08 6.50
CA TYR A 388 -40.37 -25.66 5.11
C TYR A 388 -40.04 -26.78 4.13
N VAL A 389 -38.90 -27.43 4.36
CA VAL A 389 -38.44 -28.55 3.53
C VAL A 389 -39.46 -29.68 3.49
N ASN A 390 -40.05 -29.98 4.65
CA ASN A 390 -40.99 -31.09 4.72
C ASN A 390 -42.39 -30.73 4.23
N ALA A 391 -42.73 -29.44 4.26
CA ALA A 391 -44.04 -28.99 3.77
C ALA A 391 -44.10 -28.87 2.25
N LYS A 392 -42.94 -28.72 1.62
CA LYS A 392 -42.85 -28.59 0.18
C LYS A 392 -41.69 -29.41 -0.37
N PRO A 393 -41.90 -30.74 -0.47
CA PRO A 393 -40.87 -31.66 -0.96
C PRO A 393 -40.83 -31.68 -2.48
N LEU A 394 -39.86 -32.37 -3.04
CA LEU A 394 -39.85 -32.63 -4.47
C LEU A 394 -41.15 -33.40 -4.84
N ALA A 395 -41.95 -32.82 -5.72
CA ALA A 395 -43.25 -33.38 -6.12
C ALA A 395 -43.19 -34.17 -7.42
N ALA A 396 -44.29 -34.83 -7.78
CA ALA A 396 -44.28 -35.90 -8.78
C ALA A 396 -43.88 -35.51 -10.21
N GLY A 397 -44.51 -34.49 -10.77
CA GLY A 397 -44.21 -34.11 -12.15
C GLY A 397 -43.56 -32.74 -12.31
N THR A 398 -43.07 -32.20 -11.20
CA THR A 398 -42.57 -30.84 -11.17
C THR A 398 -41.11 -30.77 -10.71
N GLU A 399 -40.39 -31.88 -10.82
CA GLU A 399 -39.02 -31.94 -10.30
C GLU A 399 -38.13 -30.87 -10.92
N LYS A 400 -38.11 -30.82 -12.24
CA LYS A 400 -37.28 -29.87 -12.97
C LYS A 400 -37.64 -28.41 -12.65
N GLU A 401 -38.95 -28.14 -12.52
CA GLU A 401 -39.39 -26.80 -12.17
C GLU A 401 -38.91 -26.39 -10.79
N GLN A 402 -39.06 -27.31 -9.85
CA GLN A 402 -38.70 -27.09 -8.45
C GLN A 402 -37.19 -26.94 -8.29
N ILE A 403 -36.43 -27.77 -9.01
CA ILE A 403 -34.97 -27.78 -8.95
C ILE A 403 -34.38 -26.51 -9.58
N GLY A 404 -34.91 -26.15 -10.74
CA GLY A 404 -34.52 -24.92 -11.40
C GLY A 404 -34.78 -23.69 -10.55
N THR A 405 -35.96 -23.64 -9.94
CA THR A 405 -36.34 -22.52 -9.09
C THR A 405 -35.42 -22.41 -7.86
N GLN A 406 -35.15 -23.56 -7.24
CA GLN A 406 -34.26 -23.57 -6.10
C GLN A 406 -32.84 -23.12 -6.49
N LEU A 407 -32.32 -23.63 -7.61
CA LEU A 407 -30.99 -23.19 -8.07
C LEU A 407 -30.97 -21.69 -8.35
N TRP A 408 -32.04 -21.20 -8.95
CA TRP A 408 -32.22 -19.80 -9.25
C TRP A 408 -32.15 -18.97 -7.96
N ILE A 409 -32.64 -19.56 -6.87
CA ILE A 409 -32.52 -18.88 -5.57
C ILE A 409 -31.11 -19.00 -5.03
N THR A 410 -30.53 -20.17 -5.17
CA THR A 410 -29.18 -20.46 -4.70
C THR A 410 -28.13 -19.60 -5.43
N TYR A 411 -28.38 -19.31 -6.70
CA TYR A 411 -27.47 -18.51 -7.52
C TYR A 411 -27.67 -17.03 -7.38
N LEU A 412 -28.46 -16.60 -6.39
CA LEU A 412 -28.62 -15.17 -6.13
C LEU A 412 -27.25 -14.56 -5.79
N PHE A 413 -26.99 -13.35 -6.29
CA PHE A 413 -25.69 -12.70 -6.20
C PHE A 413 -24.61 -13.35 -7.09
N ASN A 414 -24.96 -14.46 -7.73
CA ASN A 414 -24.13 -15.07 -8.78
C ASN A 414 -25.01 -15.26 -10.02
N SER A 415 -25.47 -14.14 -10.57
CA SER A 415 -26.52 -14.15 -11.57
C SER A 415 -26.09 -14.74 -12.90
N ILE A 416 -24.78 -14.76 -13.18
CA ILE A 416 -24.29 -15.37 -14.40
C ILE A 416 -24.74 -16.85 -14.45
N GLU A 417 -24.59 -17.57 -13.34
CA GLU A 417 -24.96 -18.99 -13.26
C GLU A 417 -26.47 -19.21 -13.35
N ALA A 418 -27.24 -18.38 -12.69
CA ALA A 418 -28.68 -18.44 -12.79
C ALA A 418 -29.13 -18.18 -14.22
N TYR A 419 -28.53 -17.20 -14.88
CA TYR A 419 -28.83 -16.86 -16.29
C TYR A 419 -28.54 -18.05 -17.19
N SER A 420 -27.42 -18.73 -16.95
CA SER A 420 -27.11 -19.92 -17.74
C SER A 420 -28.11 -21.08 -17.46
N ASN A 421 -28.43 -21.32 -16.18
CA ASN A 421 -29.32 -22.42 -15.85
C ASN A 421 -30.74 -22.14 -16.35
N TRP A 422 -31.12 -20.88 -16.36
CA TRP A 422 -32.38 -20.51 -17.00
C TRP A 422 -32.32 -20.75 -18.51
N ARG A 423 -31.19 -20.41 -19.15
CA ARG A 423 -31.11 -20.62 -20.60
C ARG A 423 -31.22 -22.13 -20.92
N ARG A 424 -30.53 -22.96 -20.14
CA ARG A 424 -30.55 -24.41 -20.33
C ARG A 424 -31.93 -25.01 -20.08
N THR A 425 -32.52 -24.74 -18.92
CA THR A 425 -33.76 -25.43 -18.52
C THR A 425 -35.06 -24.71 -18.82
N GLY A 426 -35.04 -23.39 -19.01
CA GLY A 426 -36.27 -22.63 -19.17
C GLY A 426 -37.00 -22.37 -17.85
N TYR A 427 -36.37 -22.76 -16.75
CA TYR A 427 -36.89 -22.58 -15.39
C TYR A 427 -36.01 -21.63 -14.59
N PRO A 428 -36.63 -20.81 -13.73
CA PRO A 428 -38.07 -20.66 -13.51
C PRO A 428 -38.71 -19.87 -14.64
N HIS A 429 -40.02 -19.99 -14.78
CA HIS A 429 -40.76 -19.19 -15.73
C HIS A 429 -40.72 -17.75 -15.26
N LEU A 430 -40.33 -16.86 -16.15
CA LEU A 430 -40.12 -15.47 -15.80
C LEU A 430 -41.36 -14.70 -16.15
N LEU A 431 -41.50 -13.55 -15.51
CA LEU A 431 -42.58 -12.64 -15.83
C LEU A 431 -42.31 -12.07 -17.19
N PRO A 432 -43.36 -11.93 -18.00
CA PRO A 432 -43.20 -11.41 -19.37
C PRO A 432 -42.85 -9.94 -19.33
N ILE A 433 -41.94 -9.53 -20.21
CA ILE A 433 -41.55 -8.14 -20.37
C ILE A 433 -42.33 -7.51 -21.52
N THR A 434 -43.17 -6.53 -21.22
CA THR A 434 -44.06 -5.98 -22.25
C THR A 434 -43.77 -4.51 -22.52
N ASN A 435 -42.72 -3.98 -21.91
CA ASN A 435 -42.30 -2.60 -22.15
C ASN A 435 -42.16 -2.29 -23.65
N SER A 436 -42.72 -1.15 -24.05
CA SER A 436 -42.80 -0.82 -25.46
C SER A 436 -41.43 -0.45 -26.02
N ASP A 437 -40.52 -0.09 -25.14
CA ASP A 437 -39.16 0.26 -25.55
C ASP A 437 -38.18 -0.89 -25.39
N SER A 438 -38.67 -2.12 -25.19
CA SER A 438 -37.78 -3.27 -25.18
C SER A 438 -37.18 -3.53 -26.59
N GLN A 439 -35.86 -3.51 -26.70
CA GLN A 439 -35.24 -3.63 -28.02
C GLN A 439 -35.41 -5.02 -28.60
N THR A 440 -35.81 -5.99 -27.79
CA THR A 440 -36.12 -7.34 -28.28
C THR A 440 -37.61 -7.72 -28.29
N GLY A 441 -38.48 -6.76 -28.01
CA GLY A 441 -39.91 -7.06 -27.91
C GLY A 441 -40.22 -8.01 -26.78
N GLY A 442 -39.38 -8.01 -25.76
CA GLY A 442 -39.59 -8.82 -24.57
C GLY A 442 -38.96 -10.18 -24.65
N VAL A 443 -38.16 -10.43 -25.69
CA VAL A 443 -37.44 -11.70 -25.83
C VAL A 443 -36.15 -11.68 -25.00
N VAL A 444 -35.98 -12.64 -24.08
CA VAL A 444 -34.76 -12.60 -23.29
C VAL A 444 -33.52 -12.84 -24.18
N PRO A 445 -32.55 -11.93 -24.10
CA PRO A 445 -31.28 -12.16 -24.78
C PRO A 445 -30.66 -13.46 -24.35
N THR A 446 -30.09 -14.20 -25.30
CA THR A 446 -29.58 -15.53 -24.97
C THR A 446 -28.05 -15.63 -25.01
N ARG A 447 -27.39 -14.50 -25.26
CA ARG A 447 -25.93 -14.38 -25.08
C ARG A 447 -25.58 -12.90 -25.10
N LEU A 448 -24.37 -12.53 -24.71
CA LEU A 448 -23.87 -11.20 -24.98
C LEU A 448 -22.88 -11.31 -26.15
N TYR A 449 -22.51 -10.17 -26.75
CA TYR A 449 -21.86 -10.20 -28.05
C TYR A 449 -20.37 -9.80 -27.98
N TYR A 450 -19.57 -10.36 -28.89
CA TYR A 450 -18.14 -10.04 -28.96
C TYR A 450 -17.96 -8.56 -29.29
N PRO A 451 -16.93 -7.90 -28.71
CA PRO A 451 -16.70 -6.50 -29.08
C PRO A 451 -16.23 -6.35 -30.52
N ASN A 452 -16.65 -5.26 -31.14
CA ASN A 452 -16.29 -4.91 -32.49
C ASN A 452 -14.76 -4.76 -32.71
N ASP A 453 -14.03 -4.51 -31.63
CA ASP A 453 -12.57 -4.52 -31.68
C ASP A 453 -12.05 -5.83 -32.23
N GLU A 454 -12.77 -6.91 -31.97
CA GLU A 454 -12.36 -8.22 -32.47
C GLU A 454 -12.53 -8.27 -33.99
N MET A 455 -13.57 -7.61 -34.49
CA MET A 455 -13.75 -7.49 -35.93
C MET A 455 -12.63 -6.64 -36.54
N GLN A 456 -12.10 -5.68 -35.78
CA GLN A 456 -11.09 -4.79 -36.34
C GLN A 456 -9.65 -5.31 -36.24
N LYS A 457 -9.38 -6.16 -35.24
CA LYS A 457 -8.02 -6.64 -34.92
C LYS A 457 -7.83 -8.13 -35.13
N ASN A 458 -8.93 -8.86 -35.26
CA ASN A 458 -8.88 -10.32 -35.37
C ASN A 458 -9.95 -10.80 -36.36
N GLU A 459 -10.05 -10.12 -37.49
CA GLU A 459 -11.20 -10.25 -38.38
C GLU A 459 -11.55 -11.67 -38.83
N LYS A 460 -10.56 -12.42 -39.29
CA LYS A 460 -10.79 -13.74 -39.87
C LYS A 460 -11.46 -14.68 -38.87
N ASN A 461 -10.84 -14.84 -37.71
CA ASN A 461 -11.35 -15.73 -36.69
C ASN A 461 -12.71 -15.28 -36.16
N TYR A 462 -12.84 -13.97 -35.93
CA TYR A 462 -14.12 -13.36 -35.57
C TYR A 462 -15.22 -13.84 -36.53
N MET A 463 -14.97 -13.64 -37.83
CA MET A 463 -15.93 -14.04 -38.86
C MET A 463 -16.18 -15.55 -38.89
N GLU A 464 -15.16 -16.37 -38.60
CA GLU A 464 -15.41 -17.82 -38.53
C GLU A 464 -16.40 -18.13 -37.42
N ALA A 465 -16.20 -17.52 -36.25
CA ALA A 465 -17.16 -17.73 -35.14
C ALA A 465 -18.58 -17.20 -35.50
N VAL A 466 -18.63 -16.05 -36.16
CA VAL A 466 -19.90 -15.47 -36.60
C VAL A 466 -20.63 -16.40 -37.56
N GLN A 467 -19.90 -16.95 -38.53
CA GLN A 467 -20.45 -17.95 -39.45
C GLN A 467 -21.04 -19.11 -38.69
N ARG A 468 -20.33 -19.60 -37.68
CA ARG A 468 -20.84 -20.72 -36.90
C ARG A 468 -22.07 -20.33 -36.08
N MET A 469 -22.31 -19.04 -35.88
CA MET A 469 -23.54 -18.63 -35.20
C MET A 469 -24.74 -18.37 -36.13
N GLY A 470 -24.56 -18.62 -37.43
CA GLY A 470 -25.61 -18.41 -38.40
C GLY A 470 -25.45 -17.06 -39.09
N GLY A 471 -24.30 -16.41 -38.90
CA GLY A 471 -24.04 -15.18 -39.60
C GLY A 471 -24.11 -13.90 -38.79
N THR A 472 -24.46 -13.98 -37.50
CA THR A 472 -24.52 -12.78 -36.66
C THR A 472 -23.67 -12.85 -35.38
N ASN A 473 -23.30 -11.67 -34.87
CA ASN A 473 -22.74 -11.50 -33.55
C ASN A 473 -23.71 -10.67 -32.77
N ASP A 474 -24.81 -11.30 -32.40
CA ASP A 474 -25.94 -10.63 -31.80
C ASP A 474 -26.29 -11.26 -30.43
N TRP A 475 -26.97 -10.48 -29.59
CA TRP A 475 -27.41 -10.91 -28.25
C TRP A 475 -28.65 -11.86 -28.28
N THR A 476 -29.27 -12.01 -29.46
CA THR A 476 -30.31 -13.00 -29.73
C THR A 476 -29.73 -14.32 -30.28
N GLY A 477 -28.41 -14.39 -30.47
CA GLY A 477 -27.77 -15.66 -30.78
C GLY A 477 -27.78 -16.65 -29.61
N LYS A 478 -27.45 -17.92 -29.89
CA LYS A 478 -27.40 -19.00 -28.90
C LYS A 478 -26.01 -19.57 -28.76
N VAL A 479 -25.64 -19.96 -27.54
CA VAL A 479 -24.40 -20.68 -27.31
C VAL A 479 -24.73 -22.14 -27.58
N TRP A 480 -23.69 -22.94 -27.82
CA TRP A 480 -23.83 -24.33 -28.26
C TRP A 480 -24.67 -25.21 -27.36
N TRP A 481 -24.53 -25.08 -26.03
CA TRP A 481 -25.26 -26.00 -25.13
C TRP A 481 -26.72 -25.63 -24.94
N ASP A 482 -27.10 -24.47 -25.44
CA ASP A 482 -28.47 -23.98 -25.35
C ASP A 482 -29.25 -24.39 -26.61
N VAL A 483 -29.92 -25.53 -26.52
CA VAL A 483 -30.58 -26.11 -27.70
C VAL A 483 -32.11 -26.06 -27.47
N ASN A 484 -32.58 -24.83 -27.63
CA ASN A 484 -33.75 -24.21 -26.98
C ASN A 484 -34.28 -25.08 -25.84
N ASN B 15 -9.57 15.15 1.55
CA ASN B 15 -10.00 14.81 0.20
C ASN B 15 -9.46 15.73 -0.92
N PRO B 16 -9.60 17.06 -0.78
CA PRO B 16 -9.01 17.92 -1.81
C PRO B 16 -7.55 17.56 -2.13
N ALA B 17 -6.69 17.49 -1.13
CA ALA B 17 -5.30 17.11 -1.34
C ALA B 17 -5.22 15.76 -2.08
N GLY B 18 -5.87 14.74 -1.52
CA GLY B 18 -5.84 13.42 -2.12
C GLY B 18 -6.40 13.40 -3.53
N GLN B 19 -7.48 14.13 -3.74
CA GLN B 19 -8.12 14.15 -5.04
C GLN B 19 -7.23 14.82 -6.07
N LEU B 20 -6.61 15.93 -5.67
CA LEU B 20 -5.68 16.66 -6.52
C LEU B 20 -4.56 15.72 -6.93
N THR B 21 -3.96 15.04 -5.95
CA THR B 21 -2.86 14.12 -6.19
C THR B 21 -3.24 12.96 -7.13
N PHE B 22 -4.42 12.39 -6.90
CA PHE B 22 -4.92 11.31 -7.75
C PHE B 22 -5.07 11.80 -9.19
N THR B 23 -5.71 12.94 -9.37
CA THR B 23 -5.89 13.49 -10.70
C THR B 23 -4.55 13.75 -11.41
N GLN B 24 -3.65 14.42 -10.69
CA GLN B 24 -2.33 14.70 -11.25
C GLN B 24 -1.62 13.40 -11.67
N LEU B 25 -1.72 12.37 -10.84
CA LEU B 25 -1.10 11.11 -11.18
C LEU B 25 -1.82 10.42 -12.37
N CYS B 26 -3.13 10.63 -12.50
CA CYS B 26 -3.88 10.08 -13.63
C CYS B 26 -3.46 10.69 -14.98
N MET B 27 -3.09 11.95 -14.98
CA MET B 27 -2.78 12.63 -16.25
C MET B 27 -1.51 12.12 -16.95
N SER B 28 -0.72 11.27 -16.28
CA SER B 28 0.50 10.74 -16.91
C SER B 28 0.78 9.27 -16.58
N GLY B 29 0.21 8.78 -15.48
CA GLY B 29 0.43 7.41 -15.06
C GLY B 29 -0.60 6.39 -15.53
N ASP B 30 -1.58 6.86 -16.28
CA ASP B 30 -2.60 5.99 -16.87
C ASP B 30 -2.03 5.48 -18.20
N GLY B 31 -1.44 4.30 -18.14
CA GLY B 31 -0.79 3.70 -19.28
C GLY B 31 -1.78 3.34 -20.37
N TYR B 32 -3.03 3.13 -19.97
CA TYR B 32 -4.08 2.71 -20.91
C TYR B 32 -4.24 3.71 -22.06
N TYR B 33 -4.31 5.01 -21.78
CA TYR B 33 -4.42 5.93 -22.91
C TYR B 33 -3.11 6.58 -23.30
N GLN B 34 -2.10 6.51 -22.44
CA GLN B 34 -0.78 6.98 -22.90
C GLN B 34 -0.33 6.09 -24.06
N HIS B 35 -0.62 4.80 -23.95
CA HIS B 35 -0.26 3.85 -24.99
C HIS B 35 -1.10 4.08 -26.26
N ARG B 36 -2.40 4.28 -26.07
CA ARG B 36 -3.32 4.31 -27.19
C ARG B 36 -3.49 5.70 -27.87
N THR B 37 -3.60 6.77 -27.09
CA THR B 37 -3.87 8.10 -27.62
C THR B 37 -2.59 8.89 -27.88
N ASN B 38 -1.62 8.75 -26.99
CA ASN B 38 -0.34 9.45 -27.12
C ASN B 38 0.63 8.72 -28.09
N LEU B 39 1.03 7.50 -27.72
CA LEU B 39 2.01 6.71 -28.48
C LEU B 39 1.47 6.21 -29.83
N ILE B 40 0.40 5.43 -29.79
CA ILE B 40 -0.03 4.77 -31.00
C ILE B 40 -0.66 5.75 -31.97
N TYR B 41 -1.75 6.39 -31.59
CA TYR B 41 -2.46 7.22 -32.59
C TYR B 41 -1.84 8.62 -32.80
N SER B 42 -1.74 9.46 -31.78
CA SER B 42 -1.09 10.76 -31.99
C SER B 42 0.34 10.60 -32.50
N GLY B 43 1.09 9.74 -31.83
CA GLY B 43 2.48 9.49 -32.17
C GLY B 43 2.69 8.96 -33.57
N GLY B 44 1.81 8.08 -34.04
CA GLY B 44 1.91 7.59 -35.40
C GLY B 44 1.42 8.61 -36.43
N PHE B 45 0.34 9.32 -36.09
CA PHE B 45 -0.24 10.32 -36.98
C PHE B 45 0.79 11.41 -37.32
N VAL B 46 1.50 11.89 -36.29
CA VAL B 46 2.39 13.04 -36.46
C VAL B 46 3.85 12.58 -36.67
N GLN B 47 4.02 11.26 -36.85
CA GLN B 47 5.27 10.63 -37.23
C GLN B 47 6.38 10.98 -36.26
N HIS B 48 6.02 10.98 -34.98
CA HIS B 48 7.00 10.94 -33.93
C HIS B 48 7.69 9.55 -33.93
N TYR B 49 6.91 8.50 -34.21
CA TYR B 49 7.42 7.13 -34.13
C TYR B 49 7.05 6.21 -35.31
N SER B 50 7.87 5.18 -35.53
CA SER B 50 7.48 4.04 -36.38
C SER B 50 8.25 2.74 -36.01
N GLY B 51 7.74 1.59 -36.41
CA GLY B 51 8.47 0.36 -36.19
C GLY B 51 7.81 -0.79 -35.47
N SER B 52 7.15 -0.50 -34.34
CA SER B 52 6.44 -1.51 -33.58
C SER B 52 5.13 -1.92 -34.26
N TRP B 53 4.61 -3.09 -33.91
CA TRP B 53 3.34 -3.56 -34.46
C TRP B 53 2.17 -2.59 -34.22
N ALA B 54 1.93 -2.21 -32.97
CA ALA B 54 0.77 -1.38 -32.64
C ALA B 54 0.81 0.02 -33.29
N VAL B 55 1.94 0.70 -33.16
CA VAL B 55 2.06 2.05 -33.63
C VAL B 55 2.02 2.05 -35.18
N THR B 56 2.75 1.15 -35.80
CA THR B 56 2.83 1.15 -37.26
C THR B 56 1.53 0.69 -37.91
N GLU B 57 0.99 -0.43 -37.42
CA GLU B 57 -0.19 -1.04 -38.00
C GLU B 57 -1.38 -0.12 -37.83
N TYR B 58 -1.52 0.52 -36.67
CA TYR B 58 -2.74 1.33 -36.48
C TYR B 58 -2.51 2.84 -36.60
N GLY B 59 -1.45 3.36 -35.97
CA GLY B 59 -1.22 4.80 -36.00
C GLY B 59 -0.56 5.33 -37.28
N SER B 60 0.45 4.61 -37.74
CA SER B 60 1.23 5.08 -38.85
C SER B 60 0.45 4.91 -40.17
N LYS B 61 -0.15 3.74 -40.36
CA LYS B 61 -0.86 3.40 -41.60
C LYS B 61 -2.35 3.78 -41.60
N PHE B 62 -2.89 4.15 -40.43
CA PHE B 62 -4.29 4.59 -40.24
C PHE B 62 -5.27 3.41 -40.34
N LYS B 63 -5.35 2.63 -39.28
CA LYS B 63 -6.34 1.57 -39.14
C LYS B 63 -7.08 1.79 -37.83
N LYS B 64 -8.40 1.60 -37.88
CA LYS B 64 -9.27 1.87 -36.73
C LYS B 64 -9.36 0.72 -35.78
N VAL B 65 -9.24 1.05 -34.49
CA VAL B 65 -9.56 0.16 -33.38
C VAL B 65 -10.35 1.01 -32.38
N ASP B 66 -11.61 0.63 -32.17
CA ASP B 66 -12.52 1.41 -31.32
C ASP B 66 -11.91 1.71 -29.96
N GLU B 67 -11.37 0.67 -29.33
CA GLU B 67 -10.79 0.80 -28.00
C GLU B 67 -9.66 1.85 -27.98
N TYR B 68 -8.87 1.87 -29.05
CA TYR B 68 -7.70 2.74 -29.12
C TYR B 68 -8.17 4.15 -29.30
N ALA B 69 -9.15 4.34 -30.17
CA ALA B 69 -9.67 5.66 -30.45
C ALA B 69 -10.49 6.24 -29.27
N THR B 70 -11.12 5.40 -28.44
CA THR B 70 -11.94 5.93 -27.34
C THR B 70 -11.32 5.84 -25.95
N ALA B 71 -10.08 5.35 -25.87
CA ALA B 71 -9.39 5.22 -24.58
C ALA B 71 -9.29 6.53 -23.75
N LEU B 72 -8.88 7.62 -24.39
CA LEU B 72 -8.84 8.93 -23.75
C LEU B 72 -10.22 9.30 -23.19
N TRP B 73 -11.25 9.22 -24.04
CA TRP B 73 -12.62 9.50 -23.64
C TRP B 73 -13.02 8.77 -22.38
N ARG B 74 -12.90 7.44 -22.46
CA ARG B 74 -13.33 6.56 -21.38
C ARG B 74 -12.58 6.87 -20.08
N ASN B 75 -11.28 7.11 -20.16
CA ASN B 75 -10.54 7.26 -18.92
C ASN B 75 -10.58 8.65 -18.31
N VAL B 76 -10.61 9.68 -19.13
CA VAL B 76 -10.79 11.01 -18.60
C VAL B 76 -12.17 11.10 -17.93
N TYR B 77 -13.23 10.59 -18.55
CA TYR B 77 -14.51 10.71 -17.86
C TYR B 77 -14.65 9.79 -16.65
N ALA B 78 -14.09 8.59 -16.71
CA ALA B 78 -14.19 7.67 -15.56
C ALA B 78 -13.36 8.13 -14.38
N ASN B 79 -12.15 8.67 -14.62
CA ASN B 79 -11.18 8.89 -13.53
C ASN B 79 -10.92 10.33 -13.16
N GLU B 80 -10.74 11.21 -14.15
CA GLU B 80 -10.13 12.52 -13.91
C GLU B 80 -11.15 13.65 -13.68
N LEU B 81 -12.06 13.85 -14.63
CA LEU B 81 -12.89 15.05 -14.65
C LEU B 81 -13.72 15.20 -13.38
N LYS B 82 -14.28 14.10 -12.92
CA LYS B 82 -15.13 14.10 -11.76
C LYS B 82 -14.39 14.48 -10.48
N ASN B 83 -13.14 14.05 -10.36
CA ASN B 83 -12.39 14.40 -9.18
C ASN B 83 -12.09 15.89 -9.11
N VAL B 84 -11.68 16.46 -10.24
CA VAL B 84 -11.25 17.84 -10.21
C VAL B 84 -12.50 18.72 -10.05
N VAL B 85 -13.63 18.24 -10.59
CA VAL B 85 -14.91 18.89 -10.33
C VAL B 85 -15.29 18.88 -8.83
N ASP B 86 -15.11 17.73 -8.17
CA ASP B 86 -15.38 17.63 -6.74
C ASP B 86 -14.49 18.53 -5.90
N ILE B 87 -13.21 18.65 -6.29
CA ILE B 87 -12.30 19.56 -5.61
C ILE B 87 -12.78 20.99 -5.73
N ILE B 88 -13.10 21.41 -6.96
CA ILE B 88 -13.56 22.78 -7.17
C ILE B 88 -14.80 23.05 -6.32
N LYS B 89 -15.67 22.04 -6.21
CA LYS B 89 -16.92 22.21 -5.49
C LYS B 89 -16.73 22.34 -3.99
N ASN B 90 -15.75 21.61 -3.45
CA ASN B 90 -15.59 21.54 -2.01
C ASN B 90 -14.68 22.62 -1.42
N THR B 91 -14.09 23.46 -2.27
CA THR B 91 -13.25 24.55 -1.78
C THR B 91 -13.86 25.87 -2.23
N SER B 92 -15.13 25.82 -2.60
CA SER B 92 -15.73 26.91 -3.36
C SER B 92 -16.00 28.20 -2.57
N ASN B 93 -16.34 28.08 -1.29
CA ASN B 93 -16.66 29.30 -0.54
C ASN B 93 -15.78 29.51 0.70
N ASP B 94 -14.81 28.63 0.90
CA ASP B 94 -13.85 28.77 1.98
C ASP B 94 -12.65 29.55 1.41
N PRO B 95 -12.37 30.74 1.98
CA PRO B 95 -11.27 31.57 1.46
C PRO B 95 -9.91 30.98 1.81
N ALA B 96 -9.84 30.22 2.90
CA ALA B 96 -8.58 29.58 3.30
C ALA B 96 -8.33 28.34 2.42
N ALA B 97 -9.17 28.19 1.40
CA ALA B 97 -9.07 27.12 0.43
C ALA B 97 -9.07 27.72 -0.97
N SER B 98 -9.06 29.04 -1.04
CA SER B 98 -9.22 29.69 -2.33
C SER B 98 -8.09 29.32 -3.29
N ASN B 99 -6.87 29.28 -2.77
CA ASN B 99 -5.71 28.89 -3.56
C ASN B 99 -5.84 27.48 -4.14
N MET B 100 -6.50 26.59 -3.39
CA MET B 100 -6.72 25.23 -3.90
C MET B 100 -7.75 25.28 -4.99
N ASN B 101 -8.82 26.04 -4.74
CA ASN B 101 -9.91 26.20 -5.69
C ASN B 101 -9.42 26.67 -7.06
N ALA B 102 -8.51 27.62 -7.07
CA ALA B 102 -7.93 28.11 -8.32
C ALA B 102 -7.08 27.01 -8.96
N VAL B 103 -6.24 26.37 -8.14
CA VAL B 103 -5.35 25.32 -8.63
C VAL B 103 -6.20 24.22 -9.29
N ALA B 104 -7.22 23.76 -8.57
CA ALA B 104 -8.11 22.79 -9.12
C ALA B 104 -8.66 23.25 -10.48
N LYS B 105 -9.05 24.51 -10.59
CA LYS B 105 -9.65 24.99 -11.84
C LYS B 105 -8.65 24.90 -13.00
N ILE B 106 -7.40 25.26 -12.72
CA ILE B 106 -6.35 25.16 -13.71
C ILE B 106 -6.22 23.69 -14.12
N MET B 107 -6.20 22.81 -13.12
CA MET B 107 -6.15 21.38 -13.39
C MET B 107 -7.28 21.01 -14.34
N LYS B 108 -8.48 21.55 -14.08
CA LYS B 108 -9.66 21.08 -14.81
C LYS B 108 -9.52 21.44 -16.27
N VAL B 109 -8.83 22.56 -16.52
CA VAL B 109 -8.62 22.98 -17.89
C VAL B 109 -7.67 21.98 -18.56
N MET B 110 -6.57 21.65 -17.86
CA MET B 110 -5.56 20.74 -18.38
C MET B 110 -6.14 19.38 -18.70
N VAL B 111 -7.02 18.91 -17.81
CA VAL B 111 -7.75 17.68 -18.05
C VAL B 111 -8.61 17.73 -19.33
N ALA B 112 -9.39 18.79 -19.51
CA ALA B 112 -10.44 18.80 -20.54
C ALA B 112 -9.91 19.20 -21.89
N GLN B 113 -8.88 20.04 -21.87
CA GLN B 113 -8.22 20.53 -23.06
C GLN B 113 -7.77 19.39 -23.96
N ARG B 114 -7.13 18.36 -23.43
CA ARG B 114 -6.75 17.25 -24.30
C ARG B 114 -8.02 16.64 -24.94
N LEU B 115 -9.03 16.42 -24.11
CA LEU B 115 -10.26 15.75 -24.51
C LEU B 115 -10.92 16.45 -25.72
N THR B 116 -11.19 17.74 -25.58
CA THR B 116 -11.88 18.45 -26.64
C THR B 116 -10.98 18.45 -27.87
N ASP B 117 -9.67 18.64 -27.65
CA ASP B 117 -8.77 18.77 -28.78
C ASP B 117 -8.80 17.47 -29.58
N ILE B 118 -9.08 16.34 -28.92
CA ILE B 118 -9.08 15.06 -29.64
C ILE B 118 -10.46 14.77 -30.24
N TYR B 119 -11.54 15.10 -29.53
CA TYR B 119 -12.86 14.65 -30.02
C TYR B 119 -13.75 15.79 -30.55
N GLY B 120 -13.41 17.03 -30.22
CA GLY B 120 -14.19 18.20 -30.62
C GLY B 120 -15.17 18.63 -29.54
N ASP B 121 -16.45 18.75 -29.92
CA ASP B 121 -17.51 19.05 -28.97
C ASP B 121 -17.66 17.86 -28.02
N VAL B 122 -17.61 18.08 -26.71
CA VAL B 122 -17.70 16.98 -25.75
C VAL B 122 -18.46 17.47 -24.53
N PRO B 123 -19.04 16.54 -23.76
CA PRO B 123 -19.56 16.92 -22.44
C PRO B 123 -18.50 17.55 -21.54
N TYR B 124 -18.80 18.74 -21.05
CA TYR B 124 -17.88 19.44 -20.17
C TYR B 124 -18.71 20.14 -19.09
N SER B 125 -19.37 21.24 -19.45
CA SER B 125 -20.16 22.03 -18.49
C SER B 125 -21.13 21.19 -17.68
N GLU B 126 -21.70 20.16 -18.30
CA GLU B 126 -22.60 19.24 -17.60
C GLU B 126 -21.99 17.89 -17.30
N ALA B 127 -20.67 17.79 -17.39
CA ALA B 127 -19.98 16.52 -17.17
C ALA B 127 -19.25 16.53 -15.83
N GLY B 128 -19.00 15.33 -15.30
CA GLY B 128 -18.24 15.16 -14.07
C GLY B 128 -19.00 15.47 -12.80
N LEU B 129 -20.32 15.42 -12.86
CA LEU B 129 -21.12 15.91 -11.74
C LEU B 129 -21.66 14.79 -10.87
N VAL B 136 -27.36 11.90 -16.34
CA VAL B 136 -27.19 10.68 -17.12
C VAL B 136 -27.07 11.03 -18.62
N THR B 137 -27.65 12.17 -19.02
CA THR B 137 -27.54 12.60 -20.41
C THR B 137 -27.00 14.04 -20.59
N PRO B 138 -25.70 14.24 -20.31
CA PRO B 138 -25.09 15.57 -20.48
C PRO B 138 -24.95 15.98 -21.94
N LYS B 139 -25.19 17.26 -22.22
CA LYS B 139 -25.03 17.78 -23.58
C LYS B 139 -23.56 17.85 -23.95
N TYR B 140 -23.30 17.95 -25.25
CA TYR B 140 -21.94 18.16 -25.75
C TYR B 140 -21.76 19.65 -25.94
N ASP B 141 -20.86 20.30 -25.19
CA ASP B 141 -20.64 21.74 -25.41
C ASP B 141 -19.94 21.98 -26.74
N LYS B 142 -20.29 23.06 -27.42
CA LYS B 142 -19.54 23.51 -28.58
C LYS B 142 -18.11 23.85 -28.15
N GLN B 143 -17.12 23.39 -28.93
CA GLN B 143 -15.71 23.60 -28.61
C GLN B 143 -15.36 25.08 -28.47
N GLN B 144 -15.99 25.93 -29.27
CA GLN B 144 -15.77 27.37 -29.12
C GLN B 144 -16.08 27.89 -27.69
N ASP B 145 -17.23 27.46 -27.16
CA ASP B 145 -17.63 27.85 -25.82
C ASP B 145 -16.70 27.22 -24.80
N ILE B 146 -16.27 25.98 -25.06
CA ILE B 146 -15.39 25.27 -24.13
C ILE B 146 -14.12 26.08 -23.97
N TYR B 147 -13.63 26.58 -25.10
CA TYR B 147 -12.42 27.39 -25.07
C TYR B 147 -12.63 28.73 -24.35
N ASN B 148 -13.78 29.37 -24.57
CA ASN B 148 -14.07 30.61 -23.85
C ASN B 148 -14.10 30.38 -22.35
N SER B 149 -14.67 29.26 -21.96
CA SER B 149 -14.73 28.86 -20.55
C SER B 149 -13.29 28.61 -20.01
N PHE B 150 -12.43 28.00 -20.84
CA PHE B 150 -11.00 27.86 -20.50
C PHE B 150 -10.35 29.22 -20.22
N PHE B 151 -10.53 30.16 -21.14
CA PHE B 151 -9.90 31.46 -21.01
C PHE B 151 -10.38 32.17 -19.73
N LYS B 152 -11.69 32.17 -19.52
CA LYS B 152 -12.26 32.75 -18.30
C LYS B 152 -11.66 32.15 -17.04
N ASP B 153 -11.64 30.82 -16.97
CA ASP B 153 -11.09 30.15 -15.80
C ASP B 153 -9.60 30.41 -15.56
N LEU B 154 -8.79 30.38 -16.61
CA LEU B 154 -7.37 30.64 -16.45
C LEU B 154 -7.10 32.08 -15.99
N ASP B 155 -7.83 33.03 -16.57
CA ASP B 155 -7.75 34.43 -16.14
C ASP B 155 -8.09 34.61 -14.66
N GLU B 156 -9.29 34.17 -14.32
CA GLU B 156 -9.75 34.34 -12.96
C GLU B 156 -8.89 33.57 -11.97
N SER B 157 -8.36 32.42 -12.37
CA SER B 157 -7.56 31.60 -11.48
C SER B 157 -6.19 32.22 -11.26
N PHE B 158 -5.67 32.86 -12.30
CA PHE B 158 -4.46 33.65 -12.14
C PHE B 158 -4.67 34.73 -11.09
N THR B 159 -5.70 35.55 -11.27
CA THR B 159 -5.99 36.63 -10.32
C THR B 159 -6.31 36.16 -8.89
N GLN B 160 -6.97 35.00 -8.78
CA GLN B 160 -7.50 34.50 -7.51
C GLN B 160 -6.41 33.93 -6.59
N LEU B 161 -5.36 33.37 -7.19
CA LEU B 161 -4.23 32.89 -6.41
C LEU B 161 -3.63 34.01 -5.56
N ASN B 162 -3.63 33.85 -4.24
CA ASN B 162 -3.17 34.93 -3.36
C ASN B 162 -2.48 34.42 -2.09
N ALA B 163 -1.68 35.29 -1.46
CA ALA B 163 -0.93 34.96 -0.24
C ALA B 163 -1.83 34.49 0.90
N SER B 164 -3.07 34.93 0.92
CA SER B 164 -4.00 34.54 1.99
C SER B 164 -5.08 33.55 1.50
N GLY B 165 -4.82 32.86 0.39
CA GLY B 165 -5.78 31.90 -0.17
C GLY B 165 -5.68 30.52 0.46
N GLY B 166 -4.84 30.40 1.48
CA GLY B 166 -4.64 29.13 2.14
C GLY B 166 -3.53 28.35 1.48
N SER B 167 -3.29 27.15 1.98
CA SER B 167 -2.19 26.34 1.51
C SER B 167 -2.66 25.34 0.46
N VAL B 168 -1.78 25.03 -0.49
CA VAL B 168 -2.11 24.06 -1.51
C VAL B 168 -1.48 22.72 -1.16
N LYS B 169 -2.33 21.74 -0.90
CA LYS B 169 -1.90 20.45 -0.41
C LYS B 169 -2.19 19.40 -1.44
N GLY B 170 -1.23 18.51 -1.68
CA GLY B 170 -1.41 17.40 -2.62
C GLY B 170 -0.87 17.64 -4.02
N ASP B 171 -0.18 18.76 -4.17
CA ASP B 171 0.36 19.14 -5.45
C ASP B 171 1.74 18.53 -5.71
N LEU B 172 1.80 17.56 -6.60
CA LEU B 172 3.05 16.92 -6.95
C LEU B 172 3.80 17.72 -8.02
N PHE B 173 3.10 18.57 -8.75
CA PHE B 173 3.70 19.38 -9.80
C PHE B 173 4.67 20.41 -9.22
N TYR B 174 4.24 21.08 -8.14
CA TYR B 174 4.95 22.25 -7.67
C TYR B 174 5.03 22.39 -6.15
N ASN B 175 4.51 21.39 -5.43
CA ASN B 175 4.50 21.42 -3.96
C ASN B 175 3.89 22.69 -3.35
N GLY B 176 2.77 23.16 -3.91
CA GLY B 176 2.00 24.24 -3.32
C GLY B 176 2.55 25.66 -3.51
N ASP B 177 3.61 25.79 -4.28
CA ASP B 177 4.09 27.11 -4.62
C ASP B 177 3.06 27.75 -5.58
N ILE B 178 2.32 28.75 -5.11
CA ILE B 178 1.29 29.36 -5.96
C ILE B 178 1.87 30.22 -7.07
N SER B 179 3.09 30.71 -6.88
CA SER B 179 3.78 31.53 -7.87
C SER B 179 3.97 30.73 -9.13
N LYS B 180 4.15 29.42 -8.97
CA LYS B 180 4.32 28.57 -10.15
C LYS B 180 2.96 28.31 -10.82
N TRP B 181 1.91 28.17 -10.03
CA TRP B 181 0.60 27.92 -10.57
C TRP B 181 0.13 29.11 -11.41
N LYS B 182 0.50 30.32 -10.98
CA LYS B 182 0.20 31.49 -11.79
C LYS B 182 0.77 31.35 -13.19
N LYS B 183 2.08 31.11 -13.27
CA LYS B 183 2.77 31.02 -14.57
C LYS B 183 2.32 29.82 -15.41
N LEU B 184 1.96 28.71 -14.76
CA LEU B 184 1.39 27.57 -15.49
C LEU B 184 0.03 27.94 -16.11
N ALA B 185 -0.77 28.70 -15.35
CA ALA B 185 -2.05 29.17 -15.83
C ALA B 185 -1.86 30.01 -17.08
N ASN B 186 -0.85 30.88 -17.03
CA ASN B 186 -0.61 31.75 -18.17
C ASN B 186 -0.03 31.03 -19.38
N THR B 187 0.79 30.00 -19.13
CA THR B 187 1.36 29.25 -20.23
C THR B 187 0.29 28.43 -20.94
N MET B 188 -0.57 27.78 -20.15
CA MET B 188 -1.72 27.08 -20.71
C MET B 188 -2.55 28.05 -21.54
N ARG B 189 -2.75 29.24 -20.97
CA ARG B 189 -3.53 30.26 -21.65
C ARG B 189 -2.95 30.58 -23.03
N LEU B 190 -1.62 30.69 -23.10
CA LEU B 190 -0.95 30.97 -24.36
C LEU B 190 -1.09 29.84 -25.36
N ARG B 191 -0.98 28.61 -24.86
CA ARG B 191 -1.15 27.44 -25.71
C ARG B 191 -2.54 27.45 -26.36
N LEU B 192 -3.56 27.70 -25.53
CA LEU B 192 -4.95 27.73 -26.01
C LEU B 192 -5.18 28.92 -26.95
N ALA B 193 -4.58 30.07 -26.64
CA ALA B 193 -4.70 31.23 -27.52
C ALA B 193 -4.09 30.94 -28.88
N MET B 194 -2.90 30.35 -28.91
CA MET B 194 -2.32 30.05 -30.22
C MET B 194 -3.14 29.01 -30.96
N ARG B 195 -3.76 28.08 -30.24
CA ARG B 195 -4.49 27.00 -30.91
C ARG B 195 -5.73 27.54 -31.66
N ILE B 196 -6.31 28.64 -31.21
CA ILE B 196 -7.45 29.19 -31.95
C ILE B 196 -7.08 30.34 -32.89
N SER B 197 -5.82 30.38 -33.31
CA SER B 197 -5.30 31.47 -34.15
C SER B 197 -5.91 31.49 -35.54
N GLU B 198 -6.24 30.31 -36.05
CA GLU B 198 -6.78 30.22 -37.39
C GLU B 198 -8.28 30.48 -37.40
N VAL B 199 -8.97 30.04 -36.35
CA VAL B 199 -10.43 30.13 -36.37
C VAL B 199 -10.94 31.43 -35.77
N SER B 200 -10.21 31.95 -34.77
CA SER B 200 -10.61 33.17 -34.07
C SER B 200 -9.43 34.09 -33.79
N PRO B 201 -8.84 34.68 -34.84
CA PRO B 201 -7.61 35.50 -34.73
C PRO B 201 -7.66 36.63 -33.68
N ALA B 202 -8.77 37.35 -33.59
CA ALA B 202 -8.90 38.45 -32.65
C ALA B 202 -8.82 37.97 -31.20
N GLU B 203 -9.66 36.99 -30.88
CA GLU B 203 -9.65 36.42 -29.55
C GLU B 203 -8.25 35.81 -29.29
N ALA B 204 -7.67 35.18 -30.31
CA ALA B 204 -6.36 34.57 -30.18
C ALA B 204 -5.28 35.56 -29.71
N GLU B 205 -5.15 36.66 -30.45
CA GLU B 205 -4.24 37.74 -30.09
C GLU B 205 -4.50 38.27 -28.69
N LYS B 206 -5.76 38.58 -28.43
CA LYS B 206 -6.16 39.12 -27.14
C LYS B 206 -5.64 38.23 -26.00
N GLN B 207 -5.88 36.93 -26.14
CA GLN B 207 -5.56 35.99 -25.08
C GLN B 207 -4.05 35.73 -24.95
N ALA B 208 -3.36 35.74 -26.08
CA ALA B 208 -1.91 35.61 -26.07
C ALA B 208 -1.31 36.74 -25.28
N LYS B 209 -1.58 37.96 -25.75
CA LYS B 209 -1.17 39.19 -25.08
C LYS B 209 -1.44 39.12 -23.58
N ALA B 210 -2.67 38.81 -23.21
CA ALA B 210 -3.03 38.69 -21.80
C ALA B 210 -2.12 37.71 -21.06
N ALA B 211 -1.86 36.56 -21.69
CA ALA B 211 -1.01 35.54 -21.06
C ALA B 211 0.40 36.07 -20.89
N PHE B 212 0.94 36.64 -21.95
CA PHE B 212 2.28 37.16 -21.96
C PHE B 212 2.48 38.17 -20.85
N GLN B 213 1.51 39.06 -20.67
CA GLN B 213 1.70 40.14 -19.72
C GLN B 213 1.47 39.70 -18.28
N ASN B 214 0.57 38.75 -18.09
CA ASN B 214 0.37 38.18 -16.75
C ASN B 214 1.57 37.38 -16.25
N GLY B 215 2.37 36.86 -17.17
CA GLY B 215 3.62 36.19 -16.83
C GLY B 215 3.61 34.69 -17.00
N VAL B 216 4.29 34.19 -18.05
CA VAL B 216 4.40 32.76 -18.27
C VAL B 216 5.62 32.17 -17.60
N PHE B 217 5.97 30.95 -17.99
CA PHE B 217 7.18 30.29 -17.51
C PHE B 217 8.39 31.19 -17.78
N GLU B 218 9.31 31.22 -16.82
CA GLU B 218 10.50 32.09 -16.90
C GLU B 218 11.82 31.33 -17.10
N SER B 219 11.82 30.03 -16.79
CA SER B 219 12.92 29.13 -17.16
C SER B 219 12.44 27.68 -17.01
N ASN B 220 13.31 26.73 -17.38
CA ASN B 220 13.01 25.31 -17.28
C ASN B 220 12.63 24.86 -15.87
N ASP B 221 13.03 25.66 -14.88
CA ASP B 221 12.71 25.38 -13.49
C ASP B 221 11.20 25.41 -13.25
N ASP B 222 10.48 26.12 -14.13
CA ASP B 222 9.04 26.28 -14.02
C ASP B 222 8.18 25.23 -14.75
N ASN B 223 8.82 24.39 -15.57
CA ASN B 223 8.14 23.31 -16.31
C ASN B 223 7.17 22.51 -15.45
N CYS B 224 6.04 22.11 -16.02
CA CYS B 224 5.10 21.25 -15.32
C CYS B 224 5.45 19.77 -15.53
N LEU B 225 5.98 19.16 -14.49
CA LEU B 225 6.50 17.80 -14.56
C LEU B 225 5.86 16.92 -13.53
N MET B 226 5.68 15.65 -13.86
CA MET B 226 5.44 14.63 -12.85
C MET B 226 6.68 13.73 -12.74
N HIS B 227 7.30 13.72 -11.56
CA HIS B 227 8.40 12.81 -11.29
C HIS B 227 7.79 11.51 -10.82
N HIS B 228 8.13 10.42 -11.51
CA HIS B 228 7.54 9.12 -11.19
C HIS B 228 8.46 8.24 -10.32
N LEU B 229 8.05 7.94 -9.10
CA LEU B 229 8.92 7.17 -8.19
C LEU B 229 8.22 5.98 -7.55
N PHE B 242 -0.99 3.84 -11.40
CA PHE B 242 -0.74 5.18 -11.94
C PHE B 242 0.57 5.80 -11.46
N ARG B 243 1.35 5.02 -10.70
CA ARG B 243 2.58 5.51 -10.10
C ARG B 243 3.75 5.44 -11.07
N GLY B 244 3.67 4.56 -12.07
CA GLY B 244 4.65 4.56 -13.16
C GLY B 244 4.28 5.45 -14.34
N ASN B 245 5.29 5.91 -15.09
CA ASN B 245 5.05 6.67 -16.31
C ASN B 245 4.19 5.82 -17.27
N GLY B 246 2.99 6.28 -17.60
CA GLY B 246 2.09 5.55 -18.50
C GLY B 246 2.66 5.40 -19.93
N LEU B 247 3.36 6.44 -20.36
CA LEU B 247 3.96 6.42 -21.69
C LEU B 247 5.04 5.32 -21.77
N SER B 248 5.84 5.18 -20.71
CA SER B 248 6.83 4.11 -20.70
C SER B 248 6.14 2.78 -20.68
N TYR B 249 5.05 2.68 -19.95
CA TYR B 249 4.25 1.46 -20.00
C TYR B 249 3.93 1.07 -21.44
N GLY B 250 3.51 2.06 -22.25
CA GLY B 250 3.26 1.77 -23.66
C GLY B 250 4.51 1.31 -24.36
N PHE B 251 5.61 2.04 -24.19
CA PHE B 251 6.91 1.66 -24.76
C PHE B 251 7.32 0.21 -24.43
N ILE B 252 7.00 -0.22 -23.21
CA ILE B 252 7.39 -1.55 -22.72
C ILE B 252 6.46 -2.63 -23.24
N SER B 253 5.17 -2.31 -23.39
CA SER B 253 4.23 -3.29 -23.93
C SER B 253 4.36 -3.48 -25.45
N ASP B 254 4.99 -2.53 -26.12
CA ASP B 254 5.36 -2.69 -27.53
C ASP B 254 6.65 -3.48 -27.62
N GLU B 255 7.08 -4.02 -26.49
CA GLU B 255 8.34 -4.78 -26.38
C GLU B 255 9.58 -4.06 -26.86
N HIS B 256 9.71 -2.76 -26.57
CA HIS B 256 10.88 -2.01 -26.98
C HIS B 256 11.08 -2.07 -28.51
N GLY B 257 9.97 -2.18 -29.25
CA GLY B 257 9.98 -2.22 -30.70
C GLY B 257 9.74 -0.89 -31.41
N ASP B 258 9.56 0.18 -30.64
CA ASP B 258 9.33 1.51 -31.21
C ASP B 258 10.64 2.22 -31.51
N HIS B 259 10.70 2.87 -32.67
CA HIS B 259 11.82 3.72 -33.03
C HIS B 259 11.31 5.12 -33.31
N PHE B 260 12.20 6.10 -33.30
CA PHE B 260 11.82 7.41 -33.77
C PHE B 260 11.67 7.31 -35.28
N SER B 261 10.82 8.13 -35.88
CA SER B 261 10.61 8.02 -37.32
C SER B 261 11.80 8.59 -38.10
N SER B 262 11.94 8.16 -39.35
CA SER B 262 12.96 8.72 -40.21
C SER B 262 12.84 10.24 -40.34
N LEU B 263 11.61 10.76 -40.29
CA LEU B 263 11.43 12.22 -40.40
C LEU B 263 12.16 13.00 -39.29
N LEU B 264 11.94 12.57 -38.06
CA LEU B 264 12.57 13.22 -36.93
C LEU B 264 14.08 12.99 -36.94
N ILE B 265 14.52 11.75 -37.10
CA ILE B 265 15.95 11.47 -37.04
C ILE B 265 16.69 12.23 -38.14
N ASP B 266 16.22 12.13 -39.38
CA ASP B 266 16.79 12.93 -40.46
C ASP B 266 16.81 14.41 -40.12
N TYR B 267 15.76 14.92 -39.48
CA TYR B 267 15.77 16.35 -39.19
C TYR B 267 16.85 16.71 -38.19
N LEU B 268 16.97 15.91 -37.13
CA LEU B 268 17.92 16.15 -36.05
C LEU B 268 19.36 15.96 -36.53
N ARG B 269 19.55 14.98 -37.41
CA ARG B 269 20.85 14.65 -37.97
C ARG B 269 21.32 15.67 -39.00
N ASP B 270 20.47 15.98 -39.98
CA ASP B 270 20.85 16.84 -41.09
C ASP B 270 21.05 18.31 -40.69
N ASN B 271 20.51 18.70 -39.54
CA ASN B 271 20.67 20.07 -39.04
C ASN B 271 21.63 20.19 -37.86
N GLY B 272 22.27 19.08 -37.51
CA GLY B 272 23.19 19.07 -36.39
C GLY B 272 22.53 19.47 -35.09
N ASP B 273 21.29 19.05 -34.89
CA ASP B 273 20.63 19.27 -33.60
C ASP B 273 21.32 18.40 -32.55
N PRO B 274 21.71 19.00 -31.41
CA PRO B 274 22.36 18.32 -30.29
C PRO B 274 21.46 17.29 -29.58
N ARG B 275 20.18 17.26 -29.93
CA ARG B 275 19.27 16.35 -29.25
C ARG B 275 19.33 14.97 -29.87
N LEU B 276 20.03 14.86 -31.00
CA LEU B 276 20.10 13.61 -31.76
C LEU B 276 20.46 12.39 -30.91
N LYS B 277 21.62 12.46 -30.24
CA LYS B 277 22.09 11.34 -29.44
C LYS B 277 21.54 11.39 -28.02
N MET B 278 20.98 12.53 -27.64
CA MET B 278 20.25 12.59 -26.37
C MET B 278 18.98 11.74 -26.46
N LEU B 279 18.46 11.58 -27.69
CA LEU B 279 17.20 10.85 -27.90
C LEU B 279 17.41 9.43 -28.47
N ALA B 280 18.24 9.32 -29.51
CA ALA B 280 18.37 8.10 -30.30
C ALA B 280 19.62 7.29 -29.93
N THR B 281 19.49 5.97 -29.97
CA THR B 281 20.63 5.08 -29.86
C THR B 281 21.14 4.79 -31.26
N PRO B 282 22.47 4.61 -31.43
CA PRO B 282 23.03 4.39 -32.76
C PRO B 282 22.66 3.03 -33.35
N LYS B 283 22.71 2.90 -34.68
CA LYS B 283 22.53 1.58 -35.29
C LYS B 283 23.63 0.63 -34.85
N THR B 284 23.30 -0.66 -34.72
CA THR B 284 24.34 -1.64 -34.40
C THR B 284 24.54 -2.53 -35.61
N GLY B 285 23.54 -2.57 -36.49
CA GLY B 285 23.68 -3.31 -37.71
C GLY B 285 23.86 -2.42 -38.93
N SER B 286 24.35 -3.01 -40.01
CA SER B 286 24.47 -2.32 -41.30
C SER B 286 23.24 -2.59 -42.16
N VAL B 287 22.91 -1.65 -43.04
CA VAL B 287 21.80 -1.85 -43.97
C VAL B 287 22.07 -3.05 -44.88
N ASN B 288 23.35 -3.43 -45.02
CA ASN B 288 23.70 -4.60 -45.83
C ASN B 288 23.74 -5.87 -44.98
N GLY B 289 23.27 -5.77 -43.74
CA GLY B 289 23.28 -6.91 -42.85
C GLY B 289 24.59 -7.00 -42.08
N GLY B 290 24.58 -7.79 -41.02
CA GLY B 290 25.75 -7.98 -40.18
C GLY B 290 26.06 -6.72 -39.39
N PRO B 291 27.08 -6.80 -38.51
CA PRO B 291 27.45 -5.66 -37.65
C PRO B 291 27.88 -4.44 -38.46
N ILE B 292 27.71 -3.26 -37.90
CA ILE B 292 27.94 -2.04 -38.67
C ILE B 292 29.43 -1.61 -38.66
N GLY B 293 29.94 -1.25 -39.83
CA GLY B 293 31.33 -0.87 -40.01
C GLY B 293 31.58 0.62 -40.14
N PRO B 294 32.85 1.02 -40.14
CA PRO B 294 33.21 2.44 -40.23
C PRO B 294 32.64 3.12 -41.48
N GLY B 295 32.32 4.40 -41.32
CA GLY B 295 31.80 5.14 -42.44
C GLY B 295 30.30 5.12 -42.56
N GLU B 296 29.65 4.03 -42.17
CA GLU B 296 28.19 3.96 -42.33
C GLU B 296 27.46 4.79 -41.28
N GLU B 297 26.49 5.56 -41.76
CA GLU B 297 25.65 6.41 -40.90
C GLU B 297 25.11 5.63 -39.71
N LEU B 298 25.26 6.21 -38.53
CA LEU B 298 24.87 5.56 -37.29
C LEU B 298 23.44 5.90 -36.88
N TYR B 299 22.89 6.95 -37.47
CA TYR B 299 21.61 7.48 -37.03
C TYR B 299 20.61 7.58 -38.17
N GLU B 300 19.67 6.63 -38.15
CA GLU B 300 18.57 6.57 -39.10
C GLU B 300 17.31 6.10 -38.37
N GLY B 301 16.18 6.75 -38.65
CA GLY B 301 14.91 6.35 -38.06
C GLY B 301 14.21 5.32 -38.92
N VAL B 302 13.03 4.89 -38.49
CA VAL B 302 12.23 3.95 -39.27
C VAL B 302 11.23 4.76 -40.08
N ARG B 303 11.16 4.46 -41.37
CA ARG B 303 10.20 5.10 -42.25
C ARG B 303 8.78 4.84 -41.74
N PRO B 304 7.96 5.90 -41.62
CA PRO B 304 6.56 5.72 -41.22
C PRO B 304 5.84 4.79 -42.20
N GLY B 305 5.05 3.87 -41.68
CA GLY B 305 4.37 2.91 -42.53
C GLY B 305 5.15 1.62 -42.69
N VAL B 306 6.34 1.58 -42.10
CA VAL B 306 7.23 0.42 -42.21
C VAL B 306 7.48 -0.20 -40.84
N PHE B 307 7.25 -1.50 -40.71
CA PHE B 307 7.56 -2.21 -39.47
C PHE B 307 9.10 -2.36 -39.32
N ARG B 308 9.57 -2.48 -38.07
CA ARG B 308 11.02 -2.56 -37.81
C ARG B 308 11.66 -3.78 -38.45
N TRP B 309 10.92 -4.88 -38.58
CA TRP B 309 11.46 -6.09 -39.18
C TRP B 309 11.46 -6.01 -40.70
N GLU B 310 10.94 -4.91 -41.25
CA GLU B 310 10.95 -4.72 -42.69
C GLU B 310 12.07 -3.76 -43.08
N VAL B 311 12.72 -3.16 -42.10
CA VAL B 311 13.85 -2.27 -42.39
C VAL B 311 14.93 -3.06 -43.14
N VAL B 312 15.46 -2.50 -44.21
CA VAL B 312 16.53 -3.17 -44.95
C VAL B 312 17.74 -3.29 -44.04
N GLY B 313 18.12 -4.52 -43.72
CA GLY B 313 19.16 -4.77 -42.74
C GLY B 313 18.58 -5.26 -41.44
N GLY B 314 17.24 -5.28 -41.35
CA GLY B 314 16.55 -5.66 -40.13
C GLY B 314 16.53 -4.52 -39.13
N SER B 315 15.95 -4.74 -37.96
CA SER B 315 15.77 -3.65 -36.99
C SER B 315 17.09 -3.11 -36.45
N ASN B 316 18.15 -3.91 -36.51
CA ASN B 316 19.46 -3.45 -36.04
C ASN B 316 19.99 -2.29 -36.87
N ALA B 317 19.53 -2.22 -38.12
CA ALA B 317 19.92 -1.18 -39.06
C ALA B 317 19.07 0.07 -38.91
N ALA B 318 18.36 0.18 -37.79
CA ALA B 318 17.68 1.42 -37.46
C ALA B 318 18.03 1.85 -36.04
N SER B 319 18.19 3.16 -35.83
CA SER B 319 18.39 3.71 -34.50
C SER B 319 17.22 3.41 -33.56
N GLY B 320 17.51 3.35 -32.27
CA GLY B 320 16.50 3.11 -31.27
C GLY B 320 16.24 4.30 -30.37
N ILE B 321 15.60 4.03 -29.24
CA ILE B 321 15.28 5.06 -28.30
C ILE B 321 16.08 4.88 -27.03
N GLN B 322 16.69 5.95 -26.55
CA GLN B 322 17.53 5.90 -25.36
C GLN B 322 16.72 5.37 -24.22
N PRO B 323 17.32 4.42 -23.48
CA PRO B 323 16.63 3.64 -22.45
C PRO B 323 16.04 4.49 -21.34
N TYR B 324 16.70 5.59 -20.96
CA TYR B 324 16.24 6.35 -19.80
C TYR B 324 14.90 7.05 -20.07
N LEU B 325 14.58 7.20 -21.35
CA LEU B 325 13.32 7.81 -21.78
C LEU B 325 12.15 6.86 -21.59
N LYS B 326 12.44 5.59 -21.33
CA LYS B 326 11.40 4.56 -21.40
C LYS B 326 11.20 3.82 -20.08
N LEU B 327 11.62 4.45 -18.99
CA LEU B 327 11.59 3.81 -17.68
C LEU B 327 10.29 4.16 -16.95
N ARG B 328 9.84 3.25 -16.08
CA ARG B 328 8.69 3.49 -15.24
C ARG B 328 8.99 4.71 -14.35
N THR B 329 10.27 5.00 -14.13
CA THR B 329 10.70 6.17 -13.36
C THR B 329 11.00 7.40 -14.24
N THR B 330 10.76 7.31 -15.54
CA THR B 330 10.98 8.45 -16.42
C THR B 330 9.96 9.58 -16.12
N PRO B 331 10.45 10.80 -15.92
CA PRO B 331 9.47 11.85 -15.62
C PRO B 331 8.62 12.22 -16.85
N PHE B 332 7.43 12.74 -16.61
CA PHE B 332 6.55 13.14 -17.71
C PHE B 332 6.31 14.65 -17.70
N LEU B 333 6.65 15.28 -18.83
CA LEU B 333 6.52 16.70 -19.06
C LEU B 333 5.15 17.09 -19.69
N HIS B 334 4.37 17.91 -18.98
CA HIS B 334 3.04 18.35 -19.46
C HIS B 334 3.06 19.68 -20.22
N VAL B 335 3.69 20.69 -19.61
CA VAL B 335 3.81 22.04 -20.20
C VAL B 335 5.22 22.57 -20.01
N SER B 336 5.76 23.26 -21.01
CA SER B 336 7.19 23.59 -20.95
C SER B 336 7.52 25.04 -21.24
N TYR B 337 8.69 25.45 -20.77
CA TYR B 337 9.22 26.78 -21.00
C TYR B 337 9.62 26.93 -22.45
N SER B 338 10.16 25.85 -23.02
CA SER B 338 10.47 25.78 -24.45
C SER B 338 9.22 26.07 -25.29
N GLU B 339 8.14 25.36 -24.97
CA GLU B 339 6.85 25.56 -25.62
C GLU B 339 6.42 27.03 -25.54
N SER B 340 6.46 27.58 -24.33
CA SER B 340 5.99 28.93 -24.09
C SER B 340 6.78 29.94 -24.91
N GLN B 341 8.08 29.71 -25.01
CA GLN B 341 8.93 30.63 -25.76
C GLN B 341 8.71 30.52 -27.27
N LEU B 342 8.46 29.31 -27.75
CA LEU B 342 8.21 29.08 -29.19
C LEU B 342 6.83 29.61 -29.62
N LEU B 343 5.86 29.50 -28.73
CA LEU B 343 4.54 30.09 -28.94
C LEU B 343 4.65 31.60 -28.97
N LEU B 344 5.47 32.15 -28.07
CA LEU B 344 5.71 33.58 -28.08
C LEU B 344 6.42 34.00 -29.36
N ALA B 345 7.30 33.16 -29.88
CA ALA B 345 7.92 33.42 -31.18
C ALA B 345 6.85 33.53 -32.27
N GLU B 346 5.92 32.57 -32.30
CA GLU B 346 4.87 32.63 -33.32
C GLU B 346 3.97 33.86 -33.14
N ALA B 347 3.61 34.19 -31.90
CA ALA B 347 2.80 35.38 -31.62
C ALA B 347 3.51 36.67 -32.06
N ALA B 348 4.79 36.77 -31.75
CA ALA B 348 5.59 37.92 -32.15
C ALA B 348 5.59 38.06 -33.67
N TYR B 349 5.86 36.97 -34.39
CA TYR B 349 5.86 37.01 -35.85
C TYR B 349 4.52 37.45 -36.42
N ARG B 350 3.47 37.27 -35.62
CA ARG B 350 2.13 37.72 -36.01
C ARG B 350 1.87 39.16 -35.52
N GLY B 351 2.81 39.69 -34.73
CA GLY B 351 2.66 41.02 -34.18
C GLY B 351 1.65 41.12 -33.05
N TRP B 352 1.34 39.98 -32.44
CA TRP B 352 0.36 39.95 -31.37
C TRP B 352 0.96 40.36 -30.03
N VAL B 353 2.25 40.11 -29.85
CA VAL B 353 2.96 40.53 -28.64
C VAL B 353 4.23 41.30 -28.99
N ALA B 354 4.77 42.02 -28.01
CA ALA B 354 5.96 42.84 -28.19
C ALA B 354 7.26 42.04 -28.06
N GLY B 355 8.13 42.14 -29.07
CA GLY B 355 9.45 41.55 -28.94
C GLY B 355 10.03 41.02 -30.23
N SER B 356 11.19 40.37 -30.12
CA SER B 356 11.85 39.74 -31.27
C SER B 356 11.43 38.27 -31.42
N ALA B 357 10.86 37.94 -32.59
CA ALA B 357 10.48 36.56 -32.88
C ALA B 357 11.71 35.66 -32.83
N ALA B 358 12.81 36.17 -33.38
CA ALA B 358 14.08 35.46 -33.43
C ALA B 358 14.60 35.13 -32.02
N ASP B 359 14.47 36.06 -31.07
CA ASP B 359 15.00 35.81 -29.73
C ASP B 359 14.16 34.83 -28.94
N PHE B 360 12.84 34.96 -29.04
CA PHE B 360 11.94 33.97 -28.47
C PHE B 360 12.23 32.59 -29.03
N TYR B 361 12.44 32.51 -30.35
CA TYR B 361 12.76 31.26 -31.02
C TYR B 361 14.05 30.64 -30.46
N LYS B 362 15.11 31.43 -30.34
CA LYS B 362 16.38 30.92 -29.81
C LYS B 362 16.21 30.41 -28.39
N LYS B 363 15.53 31.21 -27.56
CA LYS B 363 15.33 30.84 -26.17
C LYS B 363 14.52 29.56 -26.06
N GLY B 364 13.57 29.39 -26.98
CA GLY B 364 12.75 28.19 -27.10
C GLY B 364 13.56 26.95 -27.46
N VAL B 365 14.38 27.04 -28.51
CA VAL B 365 15.22 25.92 -28.94
C VAL B 365 16.20 25.47 -27.85
N GLU B 366 16.87 26.43 -27.21
CA GLU B 366 17.80 26.07 -26.14
C GLU B 366 17.07 25.44 -24.96
N ALA B 367 15.91 26.02 -24.63
CA ALA B 367 15.11 25.46 -23.54
C ALA B 367 14.68 24.02 -23.87
N GLY B 368 14.47 23.76 -25.16
CA GLY B 368 14.05 22.43 -25.62
C GLY B 368 15.17 21.40 -25.58
N ILE B 369 16.38 21.81 -25.96
CA ILE B 369 17.55 20.94 -25.91
C ILE B 369 17.87 20.62 -24.45
N LYS B 370 17.71 21.61 -23.58
CA LYS B 370 18.07 21.38 -22.18
C LYS B 370 17.00 20.67 -21.39
N GLN B 371 15.74 20.72 -21.85
CA GLN B 371 14.66 20.12 -21.06
C GLN B 371 14.82 18.61 -20.98
N LEU B 372 15.61 18.03 -21.88
CA LEU B 372 15.83 16.58 -21.90
C LEU B 372 16.70 16.10 -20.71
N GLU B 373 17.37 17.03 -20.03
CA GLU B 373 18.26 16.69 -18.92
C GLU B 373 17.49 16.02 -17.78
N VAL B 374 16.26 16.46 -17.56
CA VAL B 374 15.49 15.93 -16.47
C VAL B 374 15.17 14.44 -16.73
N TYR B 375 15.33 14.00 -17.98
CA TYR B 375 15.13 12.60 -18.37
C TYR B 375 16.33 11.72 -18.06
N GLY B 376 17.45 12.34 -17.72
CA GLY B 376 18.64 11.55 -17.50
C GLY B 376 19.57 11.57 -18.70
N ALA B 377 19.33 12.47 -19.65
CA ALA B 377 20.23 12.60 -20.80
C ALA B 377 21.47 13.45 -20.45
N ALA B 378 22.60 13.10 -21.04
CA ALA B 378 23.82 13.87 -20.84
C ALA B 378 23.57 15.28 -21.37
N PRO B 379 23.71 16.29 -20.48
CA PRO B 379 23.52 17.68 -20.92
C PRO B 379 24.47 18.02 -22.06
N ALA B 380 23.95 18.72 -23.06
CA ALA B 380 24.76 19.16 -24.19
C ALA B 380 25.62 20.32 -23.77
N SER B 381 26.82 20.41 -24.33
CA SER B 381 27.71 21.49 -23.99
C SER B 381 27.06 22.81 -24.40
N GLN B 382 27.21 23.84 -23.57
CA GLN B 382 26.65 25.15 -23.87
C GLN B 382 27.15 25.63 -25.22
N ALA B 383 28.38 25.24 -25.57
CA ALA B 383 28.97 25.62 -26.84
C ALA B 383 28.24 25.03 -28.05
N SER B 384 27.85 23.76 -27.96
CA SER B 384 27.11 23.11 -29.05
C SER B 384 25.73 23.74 -29.22
N ILE B 385 25.07 24.04 -28.11
CA ILE B 385 23.76 24.68 -28.10
C ILE B 385 23.82 26.05 -28.75
N ASP B 386 24.78 26.86 -28.31
CA ASP B 386 24.96 28.21 -28.84
C ASP B 386 25.30 28.15 -30.32
N ALA B 387 26.12 27.16 -30.67
CA ALA B 387 26.54 26.97 -32.06
C ALA B 387 25.35 26.63 -32.96
N TYR B 388 24.51 25.71 -32.49
CA TYR B 388 23.32 25.27 -33.23
C TYR B 388 22.32 26.40 -33.39
N VAL B 389 22.02 27.05 -32.28
CA VAL B 389 21.09 28.18 -32.21
C VAL B 389 21.50 29.33 -33.15
N ASN B 390 22.79 29.63 -33.18
CA ASN B 390 23.29 30.72 -34.02
C ASN B 390 23.50 30.35 -35.50
N ALA B 391 23.71 29.06 -35.78
CA ALA B 391 23.93 28.57 -37.15
C ALA B 391 22.65 28.39 -37.97
N LYS B 392 21.53 28.25 -37.27
CA LYS B 392 20.23 28.07 -37.93
C LYS B 392 19.22 28.97 -37.24
N PRO B 393 19.28 30.27 -37.56
CA PRO B 393 18.36 31.24 -36.93
C PRO B 393 17.01 31.22 -37.62
N LEU B 394 16.05 31.93 -37.05
CA LEU B 394 14.76 32.16 -37.68
C LEU B 394 15.02 32.88 -39.00
N ALA B 395 14.62 32.25 -40.10
CA ALA B 395 14.88 32.77 -41.44
C ALA B 395 13.68 33.51 -42.02
N ALA B 396 13.87 34.13 -43.18
CA ALA B 396 12.95 35.17 -43.67
C ALA B 396 11.53 34.73 -43.99
N GLY B 397 11.35 33.70 -44.81
CA GLY B 397 10.01 33.29 -45.20
C GLY B 397 9.61 31.94 -44.62
N THR B 398 10.36 31.48 -43.62
CA THR B 398 10.17 30.13 -43.10
C THR B 398 9.87 30.09 -41.60
N GLU B 399 9.45 31.22 -41.01
CA GLU B 399 9.27 31.29 -39.56
C GLU B 399 8.28 30.25 -39.03
N LYS B 400 7.09 30.23 -39.61
CA LYS B 400 6.05 29.28 -39.20
C LYS B 400 6.50 27.83 -39.39
N GLU B 401 7.20 27.55 -40.48
CA GLU B 401 7.70 26.19 -40.73
C GLU B 401 8.71 25.76 -39.65
N GLN B 402 9.63 26.66 -39.33
CA GLN B 402 10.67 26.42 -38.34
C GLN B 402 10.09 26.29 -36.94
N ILE B 403 9.11 27.15 -36.62
CA ILE B 403 8.49 27.15 -35.30
C ILE B 403 7.62 25.90 -35.10
N GLY B 404 6.86 25.55 -36.13
CA GLY B 404 6.05 24.34 -36.10
C GLY B 404 6.95 23.13 -35.91
N THR B 405 8.06 23.08 -36.64
CA THR B 405 8.98 21.95 -36.51
C THR B 405 9.61 21.86 -35.11
N GLN B 406 10.02 23.00 -34.59
CA GLN B 406 10.61 23.02 -33.25
C GLN B 406 9.59 22.58 -32.18
N LEU B 407 8.37 23.08 -32.27
CA LEU B 407 7.34 22.66 -31.32
C LEU B 407 7.10 21.16 -31.46
N TRP B 408 7.12 20.68 -32.69
CA TRP B 408 6.96 19.26 -32.95
C TRP B 408 8.05 18.42 -32.27
N ILE B 409 9.25 18.97 -32.14
CA ILE B 409 10.33 18.30 -31.41
C ILE B 409 10.16 18.42 -29.91
N THR B 410 9.78 19.62 -29.48
CA THR B 410 9.56 19.94 -28.08
C THR B 410 8.40 19.15 -27.48
N TYR B 411 7.40 18.86 -28.30
CA TYR B 411 6.24 18.06 -27.86
C TYR B 411 6.46 16.56 -27.96
N LEU B 412 7.69 16.14 -28.20
CA LEU B 412 8.02 14.72 -28.20
C LEU B 412 7.69 14.14 -26.82
N PHE B 413 7.14 12.93 -26.81
CA PHE B 413 6.58 12.29 -25.62
C PHE B 413 5.28 12.95 -25.16
N ASN B 414 4.88 14.04 -25.81
CA ASN B 414 3.56 14.62 -25.58
C ASN B 414 2.86 14.76 -26.93
N SER B 415 2.62 13.61 -27.55
CA SER B 415 2.23 13.60 -28.94
C SER B 415 0.84 14.18 -29.18
N ILE B 416 -0.02 14.19 -28.17
CA ILE B 416 -1.32 14.81 -28.31
C ILE B 416 -1.15 16.27 -28.74
N GLU B 417 -0.21 16.97 -28.09
CA GLU B 417 0.04 18.38 -28.40
C GLU B 417 0.65 18.58 -29.79
N ALA B 418 1.59 17.74 -30.17
CA ALA B 418 2.15 17.84 -31.51
C ALA B 418 1.08 17.55 -32.56
N TYR B 419 0.28 16.54 -32.34
CA TYR B 419 -0.83 16.17 -33.24
C TYR B 419 -1.76 17.35 -33.40
N SER B 420 -2.07 18.04 -32.30
CA SER B 420 -2.88 19.26 -32.43
C SER B 420 -2.16 20.39 -33.21
N ASN B 421 -0.89 20.66 -32.91
CA ASN B 421 -0.22 21.81 -33.54
C ASN B 421 0.01 21.53 -35.03
N TRP B 422 0.20 20.27 -35.38
CA TRP B 422 0.18 19.86 -36.77
C TRP B 422 -1.19 20.04 -37.40
N ARG B 423 -2.26 19.70 -36.68
CA ARG B 423 -3.59 19.88 -37.28
C ARG B 423 -3.85 21.37 -37.54
N ARG B 424 -3.49 22.22 -36.58
CA ARG B 424 -3.66 23.67 -36.70
C ARG B 424 -2.81 24.28 -37.81
N THR B 425 -1.49 24.04 -37.78
CA THR B 425 -0.58 24.72 -38.69
C THR B 425 -0.24 23.96 -39.98
N GLY B 426 -0.41 22.65 -39.99
CA GLY B 426 0.04 21.87 -41.14
C GLY B 426 1.55 21.65 -41.16
N TYR B 427 2.23 22.13 -40.11
CA TYR B 427 3.66 21.97 -39.94
C TYR B 427 3.96 21.05 -38.75
N PRO B 428 5.01 20.21 -38.88
CA PRO B 428 5.86 20.03 -40.06
C PRO B 428 5.20 19.23 -41.15
N HIS B 429 5.71 19.34 -42.37
CA HIS B 429 5.29 18.52 -43.47
C HIS B 429 5.69 17.07 -43.22
N LEU B 430 4.73 16.17 -43.29
CA LEU B 430 4.94 14.79 -42.94
C LEU B 430 5.22 14.01 -44.21
N LEU B 431 5.85 12.87 -44.05
CA LEU B 431 6.08 11.94 -45.15
C LEU B 431 4.77 11.32 -45.58
N PRO B 432 4.59 11.10 -46.88
CA PRO B 432 3.33 10.53 -47.35
C PRO B 432 3.17 9.07 -46.98
N ILE B 433 1.95 8.71 -46.55
CA ILE B 433 1.61 7.31 -46.28
C ILE B 433 0.94 6.68 -47.51
N THR B 434 1.59 5.68 -48.09
CA THR B 434 1.12 5.12 -49.35
C THR B 434 0.79 3.63 -49.26
N ASN B 435 0.84 3.10 -48.03
CA ASN B 435 0.45 1.71 -47.78
C ASN B 435 -0.92 1.39 -48.37
N SER B 436 -1.03 0.25 -49.04
CA SER B 436 -2.22 -0.09 -49.80
C SER B 436 -3.38 -0.46 -48.86
N ASP B 437 -3.06 -0.81 -47.63
CA ASP B 437 -4.08 -1.15 -46.64
C ASP B 437 -4.41 0.04 -45.73
N SER B 438 -3.98 1.24 -46.10
CA SER B 438 -4.37 2.42 -45.34
C SER B 438 -5.89 2.68 -45.45
N GLN B 439 -6.61 2.68 -44.33
CA GLN B 439 -8.07 2.79 -44.39
C GLN B 439 -8.49 4.18 -44.81
N THR B 440 -7.59 5.16 -44.75
CA THR B 440 -7.91 6.52 -45.25
C THR B 440 -7.24 6.85 -46.58
N GLY B 441 -6.62 5.85 -47.21
CA GLY B 441 -5.90 6.11 -48.46
C GLY B 441 -4.77 7.09 -48.26
N GLY B 442 -4.23 7.13 -47.04
CA GLY B 442 -3.11 7.98 -46.69
C GLY B 442 -3.49 9.34 -46.12
N VAL B 443 -4.78 9.59 -45.87
CA VAL B 443 -5.23 10.86 -45.28
C VAL B 443 -5.08 10.82 -43.77
N VAL B 444 -4.35 11.78 -43.21
CA VAL B 444 -4.18 11.78 -41.77
C VAL B 444 -5.54 12.02 -41.12
N PRO B 445 -5.93 11.11 -40.22
CA PRO B 445 -7.11 11.33 -39.38
C PRO B 445 -6.98 12.64 -38.62
N THR B 446 -8.08 13.38 -38.56
CA THR B 446 -8.08 14.71 -37.99
C THR B 446 -8.87 14.81 -36.68
N ARG B 447 -9.40 13.69 -36.20
CA ARG B 447 -9.97 13.59 -34.84
C ARG B 447 -10.15 12.11 -34.47
N LEU B 448 -10.41 11.80 -33.22
CA LEU B 448 -10.85 10.45 -32.87
C LEU B 448 -12.37 10.54 -32.59
N TYR B 449 -13.05 9.39 -32.54
CA TYR B 449 -14.51 9.41 -32.60
C TYR B 449 -15.17 9.05 -31.26
N TYR B 450 -16.36 9.58 -31.04
CA TYR B 450 -17.11 9.28 -29.82
C TYR B 450 -17.42 7.78 -29.82
N PRO B 451 -17.41 7.12 -28.64
CA PRO B 451 -17.76 5.70 -28.55
C PRO B 451 -19.25 5.48 -28.83
N ASN B 452 -19.59 4.36 -29.49
CA ASN B 452 -20.97 4.01 -29.77
C ASN B 452 -21.89 3.91 -28.51
N ASP B 453 -21.28 3.68 -27.35
CA ASP B 453 -22.02 3.71 -26.08
C ASP B 453 -22.75 5.02 -25.87
N GLU B 454 -22.19 6.11 -26.40
CA GLU B 454 -22.83 7.42 -26.33
C GLU B 454 -24.09 7.49 -27.19
N MET B 455 -24.05 6.81 -28.34
CA MET B 455 -25.23 6.67 -29.18
C MET B 455 -26.29 5.82 -28.45
N GLN B 456 -25.83 4.93 -27.58
CA GLN B 456 -26.78 4.04 -26.91
C GLN B 456 -27.36 4.58 -25.59
N LYS B 457 -26.62 5.44 -24.91
CA LYS B 457 -26.98 5.91 -23.57
C LYS B 457 -27.29 7.40 -23.53
N ASN B 458 -26.87 8.10 -24.57
CA ASN B 458 -27.02 9.55 -24.62
C ASN B 458 -27.38 10.01 -26.04
N GLU B 459 -28.34 9.33 -26.64
CA GLU B 459 -28.58 9.42 -28.08
C GLU B 459 -28.84 10.83 -28.61
N LYS B 460 -29.71 11.56 -27.92
CA LYS B 460 -30.12 12.87 -28.40
C LYS B 460 -28.94 13.83 -28.51
N ASN B 461 -28.19 13.97 -27.43
CA ASN B 461 -27.03 14.86 -27.41
C ASN B 461 -25.91 14.41 -28.36
N TYR B 462 -25.61 13.11 -28.37
CA TYR B 462 -24.70 12.53 -29.35
C TYR B 462 -25.05 12.98 -30.79
N MET B 463 -26.31 12.76 -31.17
CA MET B 463 -26.76 13.12 -32.52
C MET B 463 -26.68 14.62 -32.77
N GLU B 464 -26.90 15.45 -31.74
CA GLU B 464 -26.71 16.88 -31.95
C GLU B 464 -25.27 17.23 -32.29
N ALA B 465 -24.34 16.66 -31.52
CA ALA B 465 -22.93 16.90 -31.80
C ALA B 465 -22.55 16.40 -33.22
N VAL B 466 -23.08 15.24 -33.58
CA VAL B 466 -22.86 14.67 -34.92
C VAL B 466 -23.38 15.57 -36.02
N GLN B 467 -24.60 16.08 -35.85
CA GLN B 467 -25.15 17.04 -36.81
C GLN B 467 -24.19 18.20 -36.98
N ARG B 468 -23.68 18.72 -35.88
CA ARG B 468 -22.78 19.87 -35.98
C ARG B 468 -21.47 19.50 -36.67
N MET B 469 -21.20 18.19 -36.77
CA MET B 469 -20.03 17.75 -37.53
C MET B 469 -20.30 17.46 -39.02
N GLY B 470 -21.52 17.70 -39.46
CA GLY B 470 -21.90 17.45 -40.84
C GLY B 470 -22.56 16.11 -41.03
N GLY B 471 -22.94 15.45 -39.94
CA GLY B 471 -23.65 14.20 -40.05
C GLY B 471 -22.87 12.95 -39.74
N THR B 472 -21.57 13.07 -39.45
CA THR B 472 -20.78 11.87 -39.08
C THR B 472 -20.05 11.96 -37.75
N ASN B 473 -19.77 10.81 -37.17
CA ASN B 473 -18.88 10.66 -36.04
C ASN B 473 -17.73 9.83 -36.52
N ASP B 474 -16.90 10.45 -37.37
CA ASP B 474 -15.84 9.75 -38.06
C ASP B 474 -14.50 10.41 -37.72
N TRP B 475 -13.43 9.63 -37.86
CA TRP B 475 -12.07 10.07 -37.62
C TRP B 475 -11.52 10.99 -38.73
N THR B 476 -12.28 11.11 -39.82
CA THR B 476 -12.00 12.10 -40.86
C THR B 476 -12.76 13.41 -40.60
N GLY B 477 -13.53 13.45 -39.51
CA GLY B 477 -14.12 14.71 -39.09
C GLY B 477 -13.09 15.74 -38.58
N LYS B 478 -13.54 16.98 -38.45
CA LYS B 478 -12.74 18.12 -37.99
C LYS B 478 -13.28 18.70 -36.68
N VAL B 479 -12.38 19.15 -35.80
CA VAL B 479 -12.76 19.88 -34.58
C VAL B 479 -12.86 21.35 -34.98
N TRP B 480 -13.49 22.15 -34.13
CA TRP B 480 -13.81 23.54 -34.47
C TRP B 480 -12.59 24.41 -34.83
N TRP B 481 -11.48 24.28 -34.11
CA TRP B 481 -10.34 25.18 -34.36
C TRP B 481 -9.51 24.73 -35.54
N ASP B 482 -9.77 23.55 -36.06
CA ASP B 482 -9.04 23.05 -37.22
C ASP B 482 -9.78 23.49 -38.47
N VAL B 483 -9.39 24.63 -39.03
CA VAL B 483 -10.16 25.22 -40.11
C VAL B 483 -9.47 25.17 -41.48
N ASN B 484 -8.36 24.44 -41.55
CA ASN B 484 -7.54 24.28 -42.77
C ASN B 484 -7.48 25.51 -43.65
N ASN C 15 -13.35 2.00 12.23
CA ASN C 15 -12.24 1.76 13.15
C ASN C 15 -12.25 0.37 13.82
N PRO C 16 -13.38 -0.03 14.44
CA PRO C 16 -13.38 -1.37 15.04
C PRO C 16 -12.81 -2.49 14.18
N ALA C 17 -13.30 -2.66 12.96
CA ALA C 17 -12.77 -3.67 12.04
C ALA C 17 -11.27 -3.52 11.84
N GLY C 18 -10.84 -2.33 11.44
CA GLY C 18 -9.43 -2.07 11.16
C GLY C 18 -8.58 -2.29 12.38
N GLN C 19 -9.09 -1.88 13.52
CA GLN C 19 -8.34 -2.03 14.73
C GLN C 19 -8.21 -3.50 15.11
N LEU C 20 -9.29 -4.25 14.98
CA LEU C 20 -9.27 -5.67 15.28
C LEU C 20 -8.25 -6.36 14.39
N THR C 21 -8.31 -6.10 13.09
CA THR C 21 -7.37 -6.67 12.12
C THR C 21 -5.91 -6.30 12.47
N PHE C 22 -5.67 -5.05 12.81
CA PHE C 22 -4.32 -4.60 13.17
C PHE C 22 -3.81 -5.34 14.41
N THR C 23 -4.62 -5.39 15.45
CA THR C 23 -4.25 -6.08 16.66
C THR C 23 -3.91 -7.54 16.42
N GLN C 24 -4.83 -8.19 15.72
CA GLN C 24 -4.67 -9.60 15.37
C GLN C 24 -3.34 -9.81 14.63
N LEU C 25 -3.04 -8.91 13.70
CA LEU C 25 -1.79 -9.00 12.95
C LEU C 25 -0.55 -8.69 13.83
N CYS C 26 -0.70 -7.82 14.81
CA CYS C 26 0.40 -7.53 15.72
C CYS C 26 0.78 -8.77 16.53
N MET C 27 -0.20 -9.61 16.84
CA MET C 27 0.09 -10.75 17.73
C MET C 27 0.97 -11.85 17.12
N SER C 28 1.26 -11.78 15.83
CA SER C 28 2.11 -12.81 15.25
C SER C 28 3.08 -12.26 14.18
N GLY C 29 2.74 -11.11 13.61
CA GLY C 29 3.57 -10.52 12.58
C GLY C 29 4.61 -9.53 13.09
N ASP C 30 4.65 -9.33 14.40
CA ASP C 30 5.65 -8.43 14.99
C ASP C 30 6.91 -9.24 15.26
N GLY C 31 7.81 -9.21 14.29
CA GLY C 31 9.05 -9.98 14.35
C GLY C 31 9.96 -9.51 15.46
N TYR C 32 9.80 -8.26 15.88
CA TYR C 32 10.61 -7.70 16.94
C TYR C 32 10.52 -8.50 18.25
N TYR C 33 9.31 -8.87 18.70
CA TYR C 33 9.27 -9.67 19.93
C TYR C 33 9.07 -11.15 19.67
N GLN C 34 8.68 -11.53 18.46
CA GLN C 34 8.68 -12.97 18.18
C GLN C 34 10.10 -13.46 18.22
N HIS C 35 11.01 -12.63 17.70
CA HIS C 35 12.41 -13.01 17.65
C HIS C 35 12.98 -13.04 19.05
N ARG C 36 12.66 -12.01 19.84
CA ARG C 36 13.33 -11.82 21.14
C ARG C 36 12.68 -12.60 22.28
N THR C 37 11.35 -12.63 22.31
CA THR C 37 10.60 -13.26 23.38
C THR C 37 10.21 -14.70 23.09
N ASN C 38 9.77 -14.97 21.88
CA ASN C 38 9.39 -16.32 21.55
C ASN C 38 10.64 -17.16 21.25
N LEU C 39 11.38 -16.76 20.23
CA LEU C 39 12.54 -17.52 19.76
C LEU C 39 13.72 -17.52 20.74
N ILE C 40 14.26 -16.36 21.06
CA ILE C 40 15.50 -16.34 21.81
C ILE C 40 15.30 -16.69 23.28
N TYR C 41 14.53 -15.91 24.01
CA TYR C 41 14.49 -16.16 25.46
C TYR C 41 13.57 -17.33 25.82
N SER C 42 12.29 -17.30 25.48
CA SER C 42 11.42 -18.46 25.80
C SER C 42 11.89 -19.78 25.17
N GLY C 43 12.17 -19.72 23.86
CA GLY C 43 12.64 -20.86 23.11
C GLY C 43 13.95 -21.42 23.61
N GLY C 44 14.87 -20.56 24.02
CA GLY C 44 16.12 -21.05 24.61
C GLY C 44 15.92 -21.56 26.04
N PHE C 45 15.07 -20.88 26.82
CA PHE C 45 14.80 -21.28 28.20
C PHE C 45 14.22 -22.71 28.26
N VAL C 46 13.24 -23.05 27.40
CA VAL C 46 12.60 -24.37 27.47
C VAL C 46 13.23 -25.36 26.50
N GLN C 47 14.36 -24.97 25.92
CA GLN C 47 15.17 -25.82 25.09
C GLN C 47 14.31 -26.34 23.94
N HIS C 48 13.49 -25.45 23.39
CA HIS C 48 12.89 -25.72 22.10
C HIS C 48 13.97 -25.68 21.02
N TYR C 49 14.92 -24.74 21.13
CA TYR C 49 15.97 -24.58 20.13
C TYR C 49 17.40 -24.44 20.70
N SER C 50 18.39 -24.76 19.87
CA SER C 50 19.78 -24.40 20.16
C SER C 50 20.60 -24.32 18.85
N GLY C 51 21.72 -23.62 18.87
CA GLY C 51 22.58 -23.62 17.69
C GLY C 51 22.97 -22.28 17.12
N SER C 52 22.01 -21.38 16.97
CA SER C 52 22.29 -20.05 16.46
C SER C 52 22.95 -19.16 17.52
N TRP C 53 23.62 -18.11 17.06
CA TRP C 53 24.27 -17.19 17.96
C TRP C 53 23.30 -16.54 18.97
N ALA C 54 22.23 -15.92 18.49
CA ALA C 54 21.35 -15.17 19.38
C ALA C 54 20.69 -16.06 20.44
N VAL C 55 20.10 -17.17 19.98
CA VAL C 55 19.35 -18.04 20.85
C VAL C 55 20.28 -18.69 21.85
N THR C 56 21.42 -19.19 21.36
CA THR C 56 22.31 -19.96 22.22
C THR C 56 23.00 -19.07 23.24
N GLU C 57 23.55 -17.96 22.75
CA GLU C 57 24.30 -17.05 23.57
C GLU C 57 23.44 -16.39 24.63
N TYR C 58 22.23 -15.99 24.29
CA TYR C 58 21.43 -15.26 25.28
C TYR C 58 20.31 -16.12 25.90
N GLY C 59 19.59 -16.89 25.08
CA GLY C 59 18.50 -17.71 25.60
C GLY C 59 18.92 -19.05 26.21
N SER C 60 19.83 -19.75 25.55
CA SER C 60 20.21 -21.08 26.00
C SER C 60 21.10 -21.00 27.25
N LYS C 61 22.09 -20.10 27.19
CA LYS C 61 23.09 -20.00 28.26
C LYS C 61 22.73 -19.03 29.38
N PHE C 62 21.69 -18.21 29.16
CA PHE C 62 21.20 -17.20 30.12
C PHE C 62 22.12 -15.99 30.23
N LYS C 63 22.03 -15.10 29.26
CA LYS C 63 22.71 -13.81 29.32
C LYS C 63 21.69 -12.70 29.10
N LYS C 64 21.79 -11.63 29.89
CA LYS C 64 20.83 -10.55 29.85
C LYS C 64 21.11 -9.52 28.78
N VAL C 65 20.07 -9.15 28.05
CA VAL C 65 20.08 -7.99 27.14
C VAL C 65 18.79 -7.22 27.39
N ASP C 66 18.90 -5.98 27.86
CA ASP C 66 17.70 -5.21 28.23
C ASP C 66 16.65 -5.20 27.12
N GLU C 67 17.09 -4.91 25.89
CA GLU C 67 16.19 -4.80 24.75
C GLU C 67 15.41 -6.10 24.51
N TYR C 68 16.10 -7.23 24.70
CA TYR C 68 15.48 -8.52 24.44
C TYR C 68 14.46 -8.84 25.52
N ALA C 69 14.81 -8.57 26.78
CA ALA C 69 13.91 -8.87 27.90
C ALA C 69 12.73 -7.93 27.91
N THR C 70 12.86 -6.72 27.38
CA THR C 70 11.73 -5.81 27.46
C THR C 70 10.94 -5.62 26.14
N ALA C 71 11.34 -6.32 25.08
CA ALA C 71 10.67 -6.24 23.76
C ALA C 71 9.14 -6.49 23.77
N LEU C 72 8.69 -7.59 24.40
CA LEU C 72 7.24 -7.86 24.56
C LEU C 72 6.54 -6.69 25.26
N TRP C 73 7.11 -6.23 26.38
CA TRP C 73 6.58 -5.08 27.11
C TRP C 73 6.36 -3.88 26.21
N ARG C 74 7.45 -3.45 25.60
CA ARG C 74 7.49 -2.22 24.83
C ARG C 74 6.47 -2.28 23.71
N ASN C 75 6.38 -3.43 23.04
CA ASN C 75 5.52 -3.50 21.86
C ASN C 75 4.05 -3.78 22.13
N VAL C 76 3.77 -4.58 23.15
CA VAL C 76 2.38 -4.79 23.54
C VAL C 76 1.80 -3.46 23.99
N TYR C 77 2.54 -2.70 24.81
CA TYR C 77 1.97 -1.43 25.26
C TYR C 77 1.96 -0.37 24.14
N ALA C 78 2.97 -0.36 23.27
CA ALA C 78 2.98 0.63 22.18
C ALA C 78 1.90 0.36 21.13
N ASN C 79 1.63 -0.91 20.83
CA ASN C 79 0.80 -1.26 19.67
C ASN C 79 -0.53 -1.91 19.98
N GLU C 80 -0.56 -2.88 20.87
CA GLU C 80 -1.70 -3.80 20.91
C GLU C 80 -2.80 -3.38 21.89
N LEU C 81 -2.37 -3.18 23.14
CA LEU C 81 -3.29 -3.01 24.25
C LEU C 81 -4.18 -1.83 23.99
N LYS C 82 -3.59 -0.77 23.43
CA LYS C 82 -4.29 0.49 23.19
C LYS C 82 -5.41 0.32 22.16
N ASN C 83 -5.13 -0.48 21.14
CA ASN C 83 -6.10 -0.72 20.10
C ASN C 83 -7.27 -1.53 20.60
N VAL C 84 -6.97 -2.59 21.34
CA VAL C 84 -8.07 -3.49 21.72
C VAL C 84 -8.93 -2.78 22.79
N VAL C 85 -8.29 -1.95 23.61
CA VAL C 85 -9.03 -1.09 24.51
C VAL C 85 -9.96 -0.10 23.77
N ASP C 86 -9.43 0.56 22.73
CA ASP C 86 -10.23 1.50 21.93
C ASP C 86 -11.42 0.81 21.26
N ILE C 87 -11.24 -0.43 20.80
CA ILE C 87 -12.36 -1.19 20.26
C ILE C 87 -13.43 -1.46 21.31
N ILE C 88 -13.00 -1.99 22.45
CA ILE C 88 -13.95 -2.31 23.53
C ILE C 88 -14.73 -1.06 23.92
N LYS C 89 -14.02 0.07 23.92
CA LYS C 89 -14.58 1.33 24.32
C LYS C 89 -15.61 1.89 23.30
N ASN C 90 -15.36 1.69 22.00
CA ASN C 90 -16.20 2.28 20.96
C ASN C 90 -17.38 1.38 20.53
N THR C 91 -17.47 0.19 21.13
CA THR C 91 -18.56 -0.73 20.85
C THR C 91 -19.38 -1.04 22.11
N SER C 92 -19.20 -0.23 23.14
CA SER C 92 -19.71 -0.57 24.46
C SER C 92 -21.23 -0.36 24.64
N ASN C 93 -21.84 0.58 23.91
CA ASN C 93 -23.26 0.84 24.15
C ASN C 93 -24.20 0.58 22.94
N ASP C 94 -23.63 0.13 21.83
CA ASP C 94 -24.44 -0.24 20.66
C ASP C 94 -24.65 -1.76 20.68
N PRO C 95 -25.91 -2.22 20.70
CA PRO C 95 -26.16 -3.66 20.78
C PRO C 95 -25.82 -4.39 19.49
N ALA C 96 -25.92 -3.69 18.37
CA ALA C 96 -25.60 -4.29 17.08
C ALA C 96 -24.09 -4.36 16.90
N ALA C 97 -23.37 -4.06 17.97
CA ALA C 97 -21.92 -4.14 17.99
C ALA C 97 -21.44 -4.99 19.16
N SER C 98 -22.37 -5.60 19.92
CA SER C 98 -21.94 -6.32 21.12
C SER C 98 -21.06 -7.53 20.78
N ASN C 99 -21.41 -8.22 19.69
CA ASN C 99 -20.60 -9.34 19.23
C ASN C 99 -19.15 -8.90 18.96
N MET C 100 -18.95 -7.66 18.51
CA MET C 100 -17.60 -7.14 18.33
C MET C 100 -16.96 -6.84 19.68
N ASN C 101 -17.74 -6.19 20.54
CA ASN C 101 -17.35 -5.82 21.88
C ASN C 101 -16.84 -7.02 22.64
N ALA C 102 -17.56 -8.13 22.50
CA ALA C 102 -17.16 -9.38 23.12
C ALA C 102 -15.87 -9.94 22.49
N VAL C 103 -15.83 -9.93 21.16
CA VAL C 103 -14.67 -10.43 20.45
C VAL C 103 -13.42 -9.65 20.90
N ALA C 104 -13.55 -8.33 20.89
CA ALA C 104 -12.49 -7.48 21.36
C ALA C 104 -12.06 -7.89 22.77
N LYS C 105 -13.02 -8.17 23.64
CA LYS C 105 -12.67 -8.48 25.03
C LYS C 105 -11.82 -9.75 25.13
N ILE C 106 -12.20 -10.75 24.34
CA ILE C 106 -11.42 -11.98 24.28
C ILE C 106 -10.02 -11.63 23.77
N MET C 107 -9.96 -10.80 22.73
CA MET C 107 -8.68 -10.38 22.22
C MET C 107 -7.87 -9.78 23.36
N LYS C 108 -8.51 -8.97 24.18
CA LYS C 108 -7.75 -8.19 25.16
C LYS C 108 -7.10 -9.12 26.16
N VAL C 109 -7.76 -10.25 26.40
CA VAL C 109 -7.21 -11.23 27.32
C VAL C 109 -5.99 -11.88 26.65
N MET C 110 -6.13 -12.27 25.39
CA MET C 110 -5.04 -12.94 24.68
C MET C 110 -3.78 -12.06 24.61
N VAL C 111 -3.99 -10.77 24.36
CA VAL C 111 -2.92 -9.78 24.39
C VAL C 111 -2.26 -9.69 25.79
N ALA C 112 -3.05 -9.61 26.87
CA ALA C 112 -2.47 -9.27 28.18
C ALA C 112 -1.91 -10.51 28.89
N GLN C 113 -2.50 -11.65 28.56
CA GLN C 113 -2.10 -12.91 29.13
C GLN C 113 -0.60 -13.20 28.97
N ARG C 114 -0.08 -13.02 27.76
CA ARG C 114 1.35 -13.21 27.55
C ARG C 114 2.15 -12.25 28.45
N LEU C 115 1.69 -10.99 28.47
CA LEU C 115 2.35 -9.92 29.19
C LEU C 115 2.54 -10.28 30.70
N THR C 116 1.43 -10.54 31.40
CA THR C 116 1.53 -10.80 32.83
C THR C 116 2.34 -12.10 32.99
N ASP C 117 2.10 -13.05 32.08
CA ASP C 117 2.76 -14.33 32.26
C ASP C 117 4.29 -14.15 32.16
N ILE C 118 4.72 -13.15 31.40
CA ILE C 118 6.16 -12.96 31.24
C ILE C 118 6.67 -12.05 32.37
N TYR C 119 5.92 -11.01 32.77
CA TYR C 119 6.51 -10.01 33.69
C TYR C 119 5.94 -10.03 35.11
N GLY C 120 4.80 -10.69 35.30
CA GLY C 120 4.15 -10.75 36.59
C GLY C 120 3.10 -9.66 36.77
N ASP C 121 3.23 -8.90 37.86
CA ASP C 121 2.33 -7.75 38.08
C ASP C 121 2.65 -6.67 37.03
N VAL C 122 1.63 -6.21 36.30
CA VAL C 122 1.80 -5.25 35.20
C VAL C 122 0.63 -4.27 35.15
N PRO C 123 0.85 -3.07 34.60
CA PRO C 123 -0.28 -2.17 34.29
C PRO C 123 -1.27 -2.85 33.35
N TYR C 124 -2.53 -2.84 33.74
CA TYR C 124 -3.55 -3.46 32.91
C TYR C 124 -4.78 -2.56 32.98
N SER C 125 -5.47 -2.64 34.13
CA SER C 125 -6.69 -1.86 34.37
C SER C 125 -6.52 -0.38 34.12
N GLU C 126 -5.36 0.19 34.43
CA GLU C 126 -5.17 1.62 34.16
C GLU C 126 -4.28 1.88 32.93
N ALA C 127 -4.06 0.84 32.12
CA ALA C 127 -3.22 0.93 30.94
C ALA C 127 -4.03 0.92 29.63
N GLY C 128 -3.41 1.46 28.57
CA GLY C 128 -4.00 1.45 27.24
C GLY C 128 -5.10 2.48 27.04
N LEU C 129 -5.16 3.47 27.93
CA LEU C 129 -6.25 4.44 27.93
C LEU C 129 -5.82 5.79 27.37
N VAL C 136 -0.34 8.19 32.33
CA VAL C 136 1.12 8.29 32.24
C VAL C 136 1.84 7.55 33.39
N THR C 137 1.19 7.42 34.53
CA THR C 137 1.75 6.67 35.63
C THR C 137 0.77 5.60 36.15
N PRO C 138 0.49 4.58 35.33
CA PRO C 138 -0.48 3.52 35.69
C PRO C 138 0.05 2.58 36.77
N LYS C 139 -0.83 2.14 37.66
CA LYS C 139 -0.42 1.18 38.68
C LYS C 139 -0.21 -0.19 38.03
N TYR C 140 0.52 -1.05 38.72
CA TYR C 140 0.73 -2.42 38.32
C TYR C 140 -0.34 -3.23 39.00
N ASP C 141 -1.25 -3.86 38.26
CA ASP C 141 -2.26 -4.71 38.91
C ASP C 141 -1.56 -5.95 39.47
N LYS C 142 -2.01 -6.39 40.64
CA LYS C 142 -1.59 -7.69 41.16
C LYS C 142 -2.02 -8.76 40.15
N GLN C 143 -1.12 -9.68 39.83
CA GLN C 143 -1.41 -10.72 38.83
C GLN C 143 -2.65 -11.55 39.18
N GLN C 144 -2.88 -11.78 40.47
CA GLN C 144 -4.07 -12.53 40.90
C GLN C 144 -5.36 -11.87 40.40
N ASP C 145 -5.43 -10.56 40.57
CA ASP C 145 -6.58 -9.76 40.15
C ASP C 145 -6.67 -9.75 38.63
N ILE C 146 -5.51 -9.69 37.96
CA ILE C 146 -5.48 -9.66 36.51
C ILE C 146 -6.14 -10.91 36.01
N TYR C 147 -5.80 -12.03 36.64
CA TYR C 147 -6.37 -13.31 36.27
C TYR C 147 -7.87 -13.45 36.54
N ASN C 148 -8.32 -12.94 37.70
CA ASN C 148 -9.76 -12.94 37.98
C ASN C 148 -10.50 -12.17 36.92
N SER C 149 -9.91 -11.04 36.54
CA SER C 149 -10.47 -10.18 35.51
C SER C 149 -10.50 -10.90 34.17
N PHE C 150 -9.46 -11.68 33.89
CA PHE C 150 -9.52 -12.55 32.70
C PHE C 150 -10.75 -13.47 32.76
N PHE C 151 -10.92 -14.15 33.90
CA PHE C 151 -12.01 -15.11 34.01
C PHE C 151 -13.38 -14.43 33.84
N LYS C 152 -13.59 -13.31 34.53
CA LYS C 152 -14.83 -12.52 34.42
C LYS C 152 -15.10 -12.11 32.96
N ASP C 153 -14.08 -11.59 32.29
CA ASP C 153 -14.21 -11.21 30.88
C ASP C 153 -14.51 -12.37 29.92
N LEU C 154 -13.82 -13.49 30.07
CA LEU C 154 -14.06 -14.63 29.21
C LEU C 154 -15.47 -15.20 29.42
N ASP C 155 -15.88 -15.30 30.69
CA ASP C 155 -17.24 -15.74 31.00
C ASP C 155 -18.31 -14.84 30.36
N GLU C 156 -18.23 -13.56 30.69
CA GLU C 156 -19.23 -12.62 30.20
C GLU C 156 -19.22 -12.54 28.67
N SER C 157 -18.04 -12.69 28.07
CA SER C 157 -17.93 -12.62 26.60
C SER C 157 -18.48 -13.88 25.94
N PHE C 158 -18.34 -15.02 26.60
CA PHE C 158 -19.00 -16.23 26.12
C PHE C 158 -20.51 -16.04 26.09
N THR C 159 -21.08 -15.62 27.20
CA THR C 159 -22.54 -15.38 27.26
C THR C 159 -23.05 -14.27 26.31
N GLN C 160 -22.23 -13.24 26.11
CA GLN C 160 -22.64 -12.05 25.38
C GLN C 160 -22.69 -12.26 23.86
N LEU C 161 -21.81 -13.12 23.35
CA LEU C 161 -21.86 -13.47 21.94
C LEU C 161 -23.23 -14.05 21.58
N ASN C 162 -23.95 -13.36 20.71
CA ASN C 162 -25.35 -13.72 20.45
C ASN C 162 -25.71 -13.50 18.98
N ALA C 163 -26.75 -14.20 18.52
CA ALA C 163 -27.20 -14.15 17.12
C ALA C 163 -27.60 -12.77 16.60
N SER C 164 -28.06 -11.90 17.50
CA SER C 164 -28.46 -10.54 17.10
C SER C 164 -27.49 -9.46 17.55
N GLY C 165 -26.25 -9.86 17.85
CA GLY C 165 -25.25 -8.92 18.34
C GLY C 165 -24.53 -8.14 17.25
N GLY C 166 -24.98 -8.31 16.02
CA GLY C 166 -24.34 -7.65 14.90
C GLY C 166 -23.24 -8.52 14.32
N SER C 167 -22.56 -7.98 13.33
CA SER C 167 -21.56 -8.72 12.58
C SER C 167 -20.14 -8.46 13.09
N VAL C 168 -19.27 -9.46 13.01
CA VAL C 168 -17.87 -9.27 13.41
C VAL C 168 -17.02 -9.04 12.16
N LYS C 169 -16.49 -7.83 12.04
CA LYS C 169 -15.80 -7.41 10.84
C LYS C 169 -14.34 -7.16 11.14
N GLY C 170 -13.45 -7.67 10.26
CA GLY C 170 -12.02 -7.47 10.40
C GLY C 170 -11.30 -8.64 11.06
N ASP C 171 -12.05 -9.71 11.25
CA ASP C 171 -11.54 -10.88 11.94
C ASP C 171 -10.83 -11.86 11.02
N LEU C 172 -9.50 -11.94 11.14
CA LEU C 172 -8.71 -12.84 10.31
C LEU C 172 -8.65 -14.26 10.89
N PHE C 173 -8.96 -14.39 12.17
CA PHE C 173 -8.93 -15.69 12.81
C PHE C 173 -10.05 -16.59 12.30
N TYR C 174 -11.25 -16.02 12.19
CA TYR C 174 -12.45 -16.83 11.99
C TYR C 174 -13.49 -16.20 11.05
N ASN C 175 -13.15 -15.06 10.47
CA ASN C 175 -14.06 -14.35 9.56
C ASN C 175 -15.43 -14.06 10.18
N GLY C 176 -15.44 -13.66 11.45
CA GLY C 176 -16.64 -13.18 12.10
C GLY C 176 -17.61 -14.26 12.56
N ASP C 177 -17.19 -15.51 12.41
CA ASP C 177 -17.96 -16.62 12.91
C ASP C 177 -17.97 -16.56 14.45
N ILE C 178 -19.10 -16.18 15.05
CA ILE C 178 -19.13 -16.05 16.52
C ILE C 178 -19.09 -17.39 17.28
N SER C 179 -19.52 -18.46 16.62
CA SER C 179 -19.51 -19.79 17.21
C SER C 179 -18.10 -20.23 17.53
N LYS C 180 -17.16 -19.82 16.70
CA LYS C 180 -15.76 -20.16 16.93
C LYS C 180 -15.19 -19.28 18.04
N TRP C 181 -15.62 -18.02 18.09
CA TRP C 181 -15.16 -17.12 19.12
C TRP C 181 -15.60 -17.59 20.50
N LYS C 182 -16.78 -18.18 20.60
CA LYS C 182 -17.21 -18.76 21.89
C LYS C 182 -16.20 -19.82 22.38
N LYS C 183 -15.90 -20.79 21.52
CA LYS C 183 -14.98 -21.88 21.85
C LYS C 183 -13.53 -21.42 22.08
N LEU C 184 -13.12 -20.34 21.39
CA LEU C 184 -11.80 -19.75 21.68
C LEU C 184 -11.81 -19.19 23.09
N ALA C 185 -12.91 -18.54 23.46
CA ALA C 185 -13.04 -17.99 24.80
C ALA C 185 -12.93 -19.07 25.86
N ASN C 186 -13.57 -20.21 25.61
CA ASN C 186 -13.53 -21.29 26.61
C ASN C 186 -12.17 -21.97 26.66
N THR C 187 -11.52 -22.06 25.51
CA THR C 187 -10.21 -22.70 25.48
C THR C 187 -9.19 -21.82 26.21
N MET C 188 -9.22 -20.52 25.94
CA MET C 188 -8.39 -19.57 26.69
C MET C 188 -8.67 -19.69 28.18
N ARG C 189 -9.96 -19.76 28.51
CA ARG C 189 -10.39 -19.87 29.90
C ARG C 189 -9.78 -21.09 30.58
N LEU C 190 -9.76 -22.21 29.86
CA LEU C 190 -9.16 -23.45 30.36
C LEU C 190 -7.64 -23.33 30.52
N ARG C 191 -6.99 -22.68 29.56
CA ARG C 191 -5.53 -22.45 29.63
C ARG C 191 -5.19 -21.68 30.90
N LEU C 192 -5.93 -20.60 31.16
CA LEU C 192 -5.72 -19.79 32.36
C LEU C 192 -6.07 -20.55 33.64
N ALA C 193 -7.17 -21.31 33.59
CA ALA C 193 -7.60 -22.08 34.74
C ALA C 193 -6.51 -23.05 35.12
N MET C 194 -5.95 -23.75 34.14
CA MET C 194 -4.87 -24.68 34.44
C MET C 194 -3.64 -23.95 34.94
N ARG C 195 -3.41 -22.74 34.42
CA ARG C 195 -2.17 -22.07 34.80
C ARG C 195 -2.13 -21.68 36.29
N ILE C 196 -3.28 -21.43 36.92
CA ILE C 196 -3.28 -21.13 38.35
C ILE C 196 -3.57 -22.35 39.22
N SER C 197 -3.30 -23.53 38.69
CA SER C 197 -3.63 -24.77 39.39
C SER C 197 -2.82 -24.93 40.66
N GLU C 198 -1.57 -24.45 40.65
CA GLU C 198 -0.71 -24.64 41.81
C GLU C 198 -0.96 -23.59 42.89
N VAL C 199 -1.25 -22.36 42.50
CA VAL C 199 -1.35 -21.27 43.47
C VAL C 199 -2.77 -21.13 44.01
N SER C 200 -3.77 -21.42 43.17
CA SER C 200 -5.17 -21.29 43.57
C SER C 200 -6.00 -22.47 43.09
N PRO C 201 -5.78 -23.67 43.67
CA PRO C 201 -6.42 -24.93 43.23
C PRO C 201 -7.95 -24.88 43.09
N ALA C 202 -8.63 -24.28 44.06
CA ALA C 202 -10.10 -24.24 44.01
C ALA C 202 -10.60 -23.45 42.82
N GLU C 203 -10.10 -22.22 42.68
CA GLU C 203 -10.49 -21.36 41.57
C GLU C 203 -10.15 -22.06 40.25
N ALA C 204 -9.01 -22.74 40.24
CA ALA C 204 -8.57 -23.47 39.06
C ALA C 204 -9.63 -24.50 38.62
N GLU C 205 -10.01 -25.38 39.55
CA GLU C 205 -11.06 -26.36 39.27
C GLU C 205 -12.34 -25.73 38.77
N LYS C 206 -12.81 -24.74 39.52
CA LYS C 206 -14.05 -24.05 39.18
C LYS C 206 -14.03 -23.56 37.73
N GLN C 207 -12.94 -22.89 37.37
CA GLN C 207 -12.83 -22.27 36.06
C GLN C 207 -12.61 -23.27 34.93
N ALA C 208 -11.88 -24.35 35.22
CA ALA C 208 -11.70 -25.44 34.27
C ALA C 208 -13.04 -26.08 33.93
N LYS C 209 -13.74 -26.57 34.95
CA LYS C 209 -15.10 -27.11 34.82
C LYS C 209 -15.97 -26.17 33.99
N ALA C 210 -15.99 -24.89 34.37
CA ALA C 210 -16.77 -23.88 33.62
C ALA C 210 -16.40 -23.87 32.13
N ALA C 211 -15.08 -23.92 31.87
CA ALA C 211 -14.59 -23.90 30.51
C ALA C 211 -15.04 -25.14 29.75
N PHE C 212 -14.85 -26.29 30.35
CA PHE C 212 -15.20 -27.56 29.75
C PHE C 212 -16.69 -27.61 29.39
N GLN C 213 -17.55 -27.12 30.27
CA GLN C 213 -18.97 -27.25 30.02
C GLN C 213 -19.53 -26.17 29.08
N ASN C 214 -18.94 -24.98 29.10
CA ASN C 214 -19.37 -23.98 28.13
C ASN C 214 -18.99 -24.40 26.70
N GLY C 215 -17.95 -25.22 26.58
CA GLY C 215 -17.58 -25.78 25.29
C GLY C 215 -16.31 -25.23 24.66
N VAL C 216 -15.24 -26.02 24.66
CA VAL C 216 -13.98 -25.60 24.06
C VAL C 216 -13.88 -26.00 22.60
N PHE C 217 -12.67 -25.91 22.06
CA PHE C 217 -12.39 -26.37 20.72
C PHE C 217 -12.87 -27.81 20.57
N GLU C 218 -13.45 -28.13 19.42
CA GLU C 218 -14.00 -29.46 19.18
C GLU C 218 -13.21 -30.28 18.15
N SER C 219 -12.40 -29.59 17.36
CA SER C 219 -11.45 -30.27 16.46
C SER C 219 -10.37 -29.28 15.99
N ASN C 220 -9.38 -29.78 15.24
CA ASN C 220 -8.34 -28.91 14.71
C ASN C 220 -8.89 -27.77 13.87
N ASP C 221 -10.12 -27.95 13.37
CA ASP C 221 -10.77 -26.94 12.56
C ASP C 221 -11.03 -25.65 13.32
N ASP C 222 -11.12 -25.76 14.64
CA ASP C 222 -11.42 -24.61 15.47
C ASP C 222 -10.16 -23.87 15.93
N ASN C 223 -8.98 -24.43 15.67
CA ASN C 223 -7.70 -23.79 16.02
C ASN C 223 -7.64 -22.30 15.70
N CYS C 224 -7.02 -21.53 16.58
CA CYS C 224 -6.83 -20.11 16.31
C CYS C 224 -5.55 -19.88 15.50
N LEU C 225 -5.72 -19.52 14.25
CA LEU C 225 -4.63 -19.37 13.31
C LEU C 225 -4.60 -18.01 12.68
N MET C 226 -3.39 -17.52 12.42
CA MET C 226 -3.20 -16.46 11.45
C MET C 226 -2.49 -17.01 10.23
N HIS C 227 -3.15 -16.93 9.08
CA HIS C 227 -2.50 -17.29 7.84
C HIS C 227 -1.81 -16.03 7.35
N HIS C 228 -0.51 -16.11 7.09
CA HIS C 228 0.22 -14.92 6.66
C HIS C 228 0.31 -14.95 5.13
N LEU C 229 -0.34 -14.01 4.47
CA LEU C 229 -0.43 -14.09 3.03
C LEU C 229 -0.07 -12.75 2.37
N ARG C 243 2.78 -8.25 8.52
CA ARG C 243 2.07 -9.12 7.59
C ARG C 243 2.80 -10.44 7.33
N GLY C 244 4.12 -10.46 7.50
CA GLY C 244 4.83 -11.74 7.46
C GLY C 244 4.86 -12.37 8.85
N ASN C 245 5.00 -13.69 8.90
CA ASN C 245 5.13 -14.40 10.18
C ASN C 245 6.35 -13.85 10.95
N GLY C 246 6.11 -13.26 12.11
CA GLY C 246 7.19 -12.68 12.90
C GLY C 246 8.22 -13.68 13.37
N LEU C 247 7.74 -14.87 13.72
CA LEU C 247 8.63 -15.93 14.18
C LEU C 247 9.59 -16.34 13.05
N SER C 248 9.06 -16.44 11.84
CA SER C 248 9.91 -16.77 10.70
C SER C 248 10.89 -15.65 10.47
N TYR C 249 10.43 -14.43 10.68
CA TYR C 249 11.34 -13.32 10.61
C TYR C 249 12.57 -13.58 11.52
N GLY C 250 12.32 -14.06 12.74
CA GLY C 250 13.42 -14.38 13.63
C GLY C 250 14.31 -15.49 13.06
N PHE C 251 13.70 -16.58 12.63
CA PHE C 251 14.41 -17.68 11.98
C PHE C 251 15.32 -17.22 10.84
N ILE C 252 14.87 -16.22 10.08
CA ILE C 252 15.62 -15.73 8.92
C ILE C 252 16.72 -14.74 9.33
N SER C 253 16.50 -13.92 10.37
CA SER C 253 17.58 -13.03 10.80
C SER C 253 18.68 -13.80 11.52
N ASP C 254 18.36 -14.99 11.99
CA ASP C 254 19.37 -15.87 12.55
C ASP C 254 20.10 -16.61 11.44
N GLU C 255 19.84 -16.23 10.20
CA GLU C 255 20.46 -16.83 9.01
C GLU C 255 20.31 -18.34 8.95
N HIS C 256 19.13 -18.83 9.34
CA HIS C 256 18.83 -20.25 9.35
C HIS C 256 19.84 -21.08 10.16
N GLY C 257 20.34 -20.47 11.23
CA GLY C 257 21.28 -21.12 12.12
C GLY C 257 20.62 -21.78 13.33
N ASP C 258 19.30 -21.75 13.40
CA ASP C 258 18.59 -22.40 14.51
C ASP C 258 18.28 -23.86 14.22
N HIS C 259 18.49 -24.70 15.22
CA HIS C 259 18.10 -26.11 15.16
C HIS C 259 17.16 -26.44 16.30
N PHE C 260 16.43 -27.54 16.18
CA PHE C 260 15.71 -28.01 17.35
C PHE C 260 16.76 -28.56 18.29
N SER C 261 16.49 -28.51 19.58
CA SER C 261 17.45 -28.94 20.59
C SER C 261 17.57 -30.47 20.64
N SER C 262 18.69 -30.96 21.16
CA SER C 262 18.87 -32.39 21.36
C SER C 262 17.77 -33.03 22.22
N LEU C 263 17.26 -32.30 23.21
CA LEU C 263 16.19 -32.82 24.07
C LEU C 263 14.94 -33.23 23.29
N LEU C 264 14.45 -32.31 22.44
CA LEU C 264 13.26 -32.53 21.64
C LEU C 264 13.45 -33.61 20.61
N ILE C 265 14.57 -33.55 19.88
CA ILE C 265 14.78 -34.51 18.82
C ILE C 265 14.86 -35.91 19.41
N ASP C 266 15.72 -36.08 20.42
CA ASP C 266 15.82 -37.35 21.10
C ASP C 266 14.46 -37.83 21.59
N TYR C 267 13.62 -36.93 22.09
CA TYR C 267 12.31 -37.40 22.53
C TYR C 267 11.46 -37.90 21.36
N LEU C 268 11.44 -37.15 20.25
CA LEU C 268 10.61 -37.53 19.11
C LEU C 268 11.08 -38.83 18.45
N ARG C 269 12.39 -38.99 18.38
CA ARG C 269 13.03 -40.15 17.78
C ARG C 269 12.93 -41.41 18.64
N ASP C 270 13.32 -41.30 19.91
CA ASP C 270 13.40 -42.47 20.79
C ASP C 270 12.03 -43.04 21.14
N ASN C 271 10.98 -42.24 20.96
CA ASN C 271 9.61 -42.68 21.26
C ASN C 271 8.80 -42.93 19.98
N GLY C 272 9.45 -42.80 18.84
CA GLY C 272 8.79 -43.01 17.57
C GLY C 272 7.61 -42.09 17.29
N ASP C 273 7.74 -40.83 17.69
CA ASP C 273 6.73 -39.83 17.37
C ASP C 273 6.78 -39.55 15.86
N PRO C 274 5.62 -39.57 15.19
CA PRO C 274 5.52 -39.30 13.75
C PRO C 274 5.88 -37.86 13.37
N ARG C 275 6.06 -37.01 14.38
CA ARG C 275 6.32 -35.59 14.12
C ARG C 275 7.78 -35.33 13.84
N LEU C 276 8.61 -36.35 14.06
CA LEU C 276 10.05 -36.22 13.91
C LEU C 276 10.48 -35.61 12.56
N LYS C 277 10.03 -36.22 11.46
CA LYS C 277 10.40 -35.77 10.12
C LYS C 277 9.46 -34.67 9.59
N MET C 278 8.32 -34.49 10.24
CA MET C 278 7.47 -33.36 9.93
C MET C 278 8.14 -32.05 10.35
N LEU C 279 8.99 -32.11 11.37
CA LEU C 279 9.62 -30.92 11.93
C LEU C 279 11.07 -30.74 11.47
N ALA C 280 11.83 -31.83 11.56
CA ALA C 280 13.28 -31.84 11.38
C ALA C 280 13.73 -32.39 10.03
N THR C 281 14.77 -31.79 9.48
CA THR C 281 15.46 -32.29 8.30
C THR C 281 16.61 -33.19 8.75
N PRO C 282 16.92 -34.24 7.98
CA PRO C 282 18.00 -35.16 8.39
C PRO C 282 19.38 -34.53 8.29
N LYS C 283 20.34 -35.08 9.04
CA LYS C 283 21.74 -34.65 8.92
C LYS C 283 22.26 -34.90 7.51
N THR C 284 23.19 -34.07 7.05
CA THR C 284 23.77 -34.31 5.75
C THR C 284 25.23 -34.72 5.89
N GLY C 285 25.83 -34.33 7.01
CA GLY C 285 27.19 -34.72 7.33
C GLY C 285 27.23 -35.74 8.46
N SER C 286 28.35 -36.44 8.61
CA SER C 286 28.53 -37.35 9.73
C SER C 286 29.32 -36.66 10.83
N VAL C 287 29.13 -37.13 12.07
CA VAL C 287 29.87 -36.61 13.20
C VAL C 287 31.39 -36.79 13.04
N ASN C 288 31.80 -37.69 12.16
CA ASN C 288 33.23 -37.86 11.87
C ASN C 288 33.69 -37.01 10.69
N GLY C 289 32.83 -36.10 10.27
CA GLY C 289 33.16 -35.20 9.17
C GLY C 289 32.80 -35.77 7.81
N GLY C 290 32.75 -34.90 6.81
CA GLY C 290 32.40 -35.32 5.47
C GLY C 290 30.95 -35.77 5.39
N PRO C 291 30.50 -36.17 4.19
CA PRO C 291 29.13 -36.65 3.96
C PRO C 291 28.80 -37.87 4.79
N ILE C 292 27.52 -38.03 5.09
CA ILE C 292 27.05 -39.05 6.03
C ILE C 292 26.76 -40.40 5.38
N GLY C 293 27.20 -41.47 6.04
CA GLY C 293 27.05 -42.82 5.51
C GLY C 293 25.91 -43.60 6.12
N PRO C 294 25.59 -44.76 5.51
CA PRO C 294 24.52 -45.67 5.94
C PRO C 294 24.70 -46.18 7.36
N GLY C 295 23.59 -46.47 8.04
CA GLY C 295 23.65 -47.02 9.38
C GLY C 295 23.66 -45.96 10.45
N GLU C 296 24.30 -44.83 10.15
CA GLU C 296 24.44 -43.71 11.08
C GLU C 296 23.14 -42.92 11.24
N GLU C 297 22.83 -42.61 12.49
CA GLU C 297 21.63 -41.84 12.83
C GLU C 297 21.47 -40.58 11.99
N LEU C 298 20.30 -40.39 11.42
CA LEU C 298 20.07 -39.25 10.56
C LEU C 298 19.49 -38.07 11.35
N TYR C 299 18.96 -38.34 12.53
CA TYR C 299 18.23 -37.31 13.27
C TYR C 299 18.79 -37.09 14.68
N GLU C 300 19.50 -35.97 14.84
CA GLU C 300 20.03 -35.52 16.12
C GLU C 300 19.91 -34.00 16.21
N GLY C 301 19.50 -33.50 17.36
CA GLY C 301 19.41 -32.06 17.57
C GLY C 301 20.71 -31.48 18.11
N VAL C 302 20.73 -30.17 18.36
CA VAL C 302 21.88 -29.50 18.96
C VAL C 302 21.68 -29.36 20.46
N ARG C 303 22.71 -29.74 21.21
CA ARG C 303 22.71 -29.65 22.67
C ARG C 303 22.55 -28.18 23.13
N PRO C 304 21.62 -27.93 24.07
CA PRO C 304 21.47 -26.56 24.61
C PRO C 304 22.77 -26.02 25.20
N GLY C 305 23.10 -24.78 24.89
CA GLY C 305 24.33 -24.18 25.36
C GLY C 305 25.45 -24.35 24.37
N VAL C 306 25.16 -25.02 23.26
CA VAL C 306 26.16 -25.32 22.22
C VAL C 306 25.83 -24.62 20.91
N PHE C 307 26.77 -23.85 20.38
CA PHE C 307 26.59 -23.22 19.08
C PHE C 307 26.66 -24.29 17.98
N ARG C 308 26.00 -24.05 16.86
CA ARG C 308 25.91 -25.02 15.76
C ARG C 308 27.29 -25.35 15.17
N TRP C 309 28.19 -24.37 15.18
CA TRP C 309 29.53 -24.58 14.66
C TRP C 309 30.43 -25.29 15.66
N GLU C 310 29.90 -25.59 16.83
CA GLU C 310 30.69 -26.33 17.82
C GLU C 310 30.24 -27.77 17.85
N VAL C 311 29.16 -28.08 17.12
CA VAL C 311 28.69 -29.47 17.06
C VAL C 311 29.79 -30.36 16.49
N VAL C 312 30.04 -31.51 17.14
CA VAL C 312 31.04 -32.44 16.64
C VAL C 312 30.59 -32.98 15.30
N GLY C 313 31.36 -32.65 14.26
CA GLY C 313 31.00 -32.92 12.88
C GLY C 313 30.60 -31.66 12.12
N GLY C 314 30.55 -30.53 12.83
CA GLY C 314 30.10 -29.27 12.24
C GLY C 314 28.59 -29.21 12.17
N SER C 315 28.06 -28.13 11.61
CA SER C 315 26.61 -27.94 11.62
C SER C 315 25.86 -28.96 10.75
N ASN C 316 26.54 -29.52 9.74
CA ASN C 316 25.94 -30.54 8.87
C ASN C 316 25.59 -31.82 9.64
N ALA C 317 26.29 -32.02 10.76
CA ALA C 317 26.09 -33.19 11.60
C ALA C 317 24.94 -33.01 12.60
N ALA C 318 24.10 -32.01 12.38
CA ALA C 318 22.90 -31.88 13.21
C ALA C 318 21.68 -31.66 12.33
N SER C 319 20.55 -32.26 12.72
CA SER C 319 19.31 -32.05 12.01
C SER C 319 18.92 -30.57 11.98
N GLY C 320 18.22 -30.16 10.94
CA GLY C 320 17.79 -28.79 10.81
C GLY C 320 16.28 -28.68 10.97
N ILE C 321 15.75 -27.56 10.52
CA ILE C 321 14.33 -27.32 10.63
C ILE C 321 13.75 -27.32 9.23
N GLN C 322 12.65 -28.03 9.02
CA GLN C 322 12.02 -28.10 7.72
C GLN C 322 11.70 -26.68 7.26
N PRO C 323 12.02 -26.40 5.99
CA PRO C 323 11.95 -25.05 5.39
C PRO C 323 10.56 -24.43 5.43
N TYR C 324 9.50 -25.23 5.29
CA TYR C 324 8.17 -24.67 5.21
C TYR C 324 7.74 -24.06 6.56
N LEU C 325 8.43 -24.46 7.62
CA LEU C 325 8.15 -23.92 8.95
C LEU C 325 8.72 -22.53 9.13
N LYS C 326 9.55 -22.10 8.19
CA LYS C 326 10.32 -20.90 8.46
C LYS C 326 10.02 -19.80 7.46
N LEU C 327 8.86 -19.88 6.81
CA LEU C 327 8.53 -18.96 5.73
C LEU C 327 7.75 -17.78 6.22
N ARG C 328 7.91 -16.67 5.52
CA ARG C 328 7.14 -15.46 5.78
C ARG C 328 5.65 -15.78 5.62
N THR C 329 5.35 -16.80 4.83
CA THR C 329 3.96 -17.25 4.60
C THR C 329 3.58 -18.42 5.52
N THR C 330 4.45 -18.78 6.45
CA THR C 330 4.13 -19.83 7.41
C THR C 330 3.03 -19.35 8.37
N PRO C 331 1.99 -20.15 8.54
CA PRO C 331 0.93 -19.70 9.44
C PRO C 331 1.37 -19.72 10.90
N PHE C 332 0.72 -18.90 11.74
CA PHE C 332 1.03 -18.89 13.16
C PHE C 332 -0.15 -19.34 14.00
N LEU C 333 0.08 -20.40 14.77
CA LEU C 333 -0.90 -21.01 15.66
C LEU C 333 -0.84 -20.39 17.07
N HIS C 334 -1.93 -19.76 17.51
CA HIS C 334 -2.03 -19.15 18.84
C HIS C 334 -2.59 -20.07 19.95
N VAL C 335 -3.75 -20.68 19.68
CA VAL C 335 -4.40 -21.58 20.64
C VAL C 335 -4.91 -22.79 19.87
N SER C 336 -4.80 -23.97 20.48
CA SER C 336 -5.04 -25.18 19.70
C SER C 336 -5.98 -26.19 20.38
N TYR C 337 -6.53 -27.05 19.54
CA TYR C 337 -7.39 -28.14 19.99
C TYR C 337 -6.56 -29.18 20.71
N SER C 338 -5.36 -29.41 20.21
CA SER C 338 -4.41 -30.30 20.86
C SER C 338 -4.18 -29.87 22.30
N GLU C 339 -3.88 -28.57 22.46
CA GLU C 339 -3.70 -27.98 23.78
C GLU C 339 -4.94 -28.21 24.65
N SER C 340 -6.11 -27.91 24.09
CA SER C 340 -7.35 -27.97 24.84
C SER C 340 -7.60 -29.37 25.38
N GLN C 341 -7.30 -30.36 24.54
CA GLN C 341 -7.50 -31.74 24.93
C GLN C 341 -6.46 -32.20 25.95
N LEU C 342 -5.23 -31.70 25.82
CA LEU C 342 -4.16 -32.08 26.74
C LEU C 342 -4.37 -31.48 28.13
N LEU C 343 -4.88 -30.25 28.15
CA LEU C 343 -5.24 -29.59 29.40
C LEU C 343 -6.41 -30.31 30.04
N LEU C 344 -7.40 -30.70 29.24
CA LEU C 344 -8.53 -31.46 29.79
C LEU C 344 -8.06 -32.81 30.31
N ALA C 345 -7.07 -33.41 29.67
CA ALA C 345 -6.47 -34.62 30.22
C ALA C 345 -5.90 -34.35 31.62
N GLU C 346 -5.16 -33.25 31.77
CA GLU C 346 -4.57 -32.94 33.08
C GLU C 346 -5.67 -32.66 34.13
N ALA C 347 -6.71 -31.93 33.74
CA ALA C 347 -7.84 -31.64 34.62
C ALA C 347 -8.54 -32.92 35.05
N ALA C 348 -8.68 -33.84 34.10
CA ALA C 348 -9.29 -35.13 34.36
C ALA C 348 -8.51 -35.87 35.43
N TYR C 349 -7.18 -35.93 35.26
CA TYR C 349 -6.32 -36.62 36.25
C TYR C 349 -6.39 -36.03 37.65
N ARG C 350 -6.82 -34.77 37.73
CA ARG C 350 -7.02 -34.12 39.02
C ARG C 350 -8.46 -34.31 39.52
N GLY C 351 -9.30 -34.89 38.68
CA GLY C 351 -10.71 -35.09 38.99
C GLY C 351 -11.53 -33.81 38.91
N TRP C 352 -11.01 -32.81 38.22
CA TRP C 352 -11.68 -31.51 38.12
C TRP C 352 -12.80 -31.53 37.09
N VAL C 353 -12.66 -32.36 36.07
CA VAL C 353 -13.70 -32.54 35.06
C VAL C 353 -14.07 -34.01 34.86
N ALA C 354 -15.25 -34.25 34.29
CA ALA C 354 -15.74 -35.60 34.11
C ALA C 354 -15.19 -36.22 32.83
N GLY C 355 -14.57 -37.39 32.95
CA GLY C 355 -14.14 -38.12 31.78
C GLY C 355 -12.87 -38.92 31.98
N SER C 356 -12.39 -39.50 30.89
CA SER C 356 -11.14 -40.27 30.90
C SER C 356 -9.93 -39.39 30.60
N ALA C 357 -8.98 -39.37 31.52
CA ALA C 357 -7.74 -38.65 31.31
C ALA C 357 -6.99 -39.23 30.12
N ALA C 358 -6.97 -40.56 30.04
CA ALA C 358 -6.23 -41.27 28.99
C ALA C 358 -6.69 -40.96 27.57
N ASP C 359 -8.00 -40.89 27.35
CA ASP C 359 -8.46 -40.64 25.99
C ASP C 359 -8.38 -39.15 25.62
N PHE C 360 -8.64 -38.26 26.58
CA PHE C 360 -8.37 -36.83 26.35
C PHE C 360 -6.93 -36.67 25.91
N TYR C 361 -6.05 -37.38 26.60
CA TYR C 361 -4.63 -37.40 26.25
C TYR C 361 -4.41 -37.87 24.82
N LYS C 362 -4.99 -39.02 24.47
CA LYS C 362 -4.79 -39.58 23.13
C LYS C 362 -5.22 -38.61 22.04
N LYS C 363 -6.40 -38.02 22.24
CA LYS C 363 -6.98 -37.08 21.29
C LYS C 363 -6.09 -35.86 21.16
N GLY C 364 -5.48 -35.47 22.28
CA GLY C 364 -4.55 -34.37 22.29
C GLY C 364 -3.32 -34.66 21.45
N VAL C 365 -2.71 -35.83 21.66
CA VAL C 365 -1.51 -36.21 20.92
C VAL C 365 -1.77 -36.29 19.41
N GLU C 366 -2.89 -36.92 19.04
CA GLU C 366 -3.25 -37.02 17.63
C GLU C 366 -3.50 -35.66 17.01
N ALA C 367 -4.20 -34.79 17.75
CA ALA C 367 -4.48 -33.44 17.29
C ALA C 367 -3.20 -32.65 17.08
N GLY C 368 -2.21 -32.93 17.92
CA GLY C 368 -0.93 -32.25 17.84
C GLY C 368 -0.12 -32.71 16.65
N ILE C 369 -0.18 -34.02 16.38
CA ILE C 369 0.52 -34.58 15.23
C ILE C 369 -0.08 -34.07 13.94
N LYS C 370 -1.40 -33.93 13.90
CA LYS C 370 -2.07 -33.47 12.69
C LYS C 370 -2.01 -31.97 12.53
N GLN C 371 -1.82 -31.23 13.61
CA GLN C 371 -1.84 -29.77 13.51
C GLN C 371 -0.68 -29.20 12.67
N LEU C 372 0.35 -30.03 12.44
CA LEU C 372 1.49 -29.63 11.64
C LEU C 372 1.17 -29.55 10.13
N GLU C 373 0.03 -30.13 9.74
CA GLU C 373 -0.36 -30.16 8.34
C GLU C 373 -0.58 -28.78 7.76
N VAL C 374 -1.11 -27.87 8.57
CA VAL C 374 -1.40 -26.53 8.10
C VAL C 374 -0.09 -25.80 7.76
N TYR C 375 1.04 -26.33 8.24
CA TYR C 375 2.36 -25.76 7.95
C TYR C 375 2.89 -26.23 6.60
N GLY C 376 2.20 -27.15 5.96
CA GLY C 376 2.67 -27.66 4.69
C GLY C 376 3.46 -28.94 4.83
N ALA C 377 3.39 -29.56 6.00
CA ALA C 377 4.06 -30.85 6.23
C ALA C 377 3.21 -31.99 5.67
N ALA C 378 3.87 -33.02 5.17
CA ALA C 378 3.17 -34.21 4.69
C ALA C 378 2.42 -34.86 5.85
N PRO C 379 1.08 -34.98 5.72
CA PRO C 379 0.28 -35.62 6.77
C PRO C 379 0.75 -37.05 7.03
N ALA C 380 0.87 -37.41 8.31
CA ALA C 380 1.28 -38.76 8.70
C ALA C 380 0.13 -39.74 8.53
N SER C 381 0.46 -40.97 8.18
CA SER C 381 -0.58 -41.97 7.97
C SER C 381 -1.38 -42.21 9.26
N GLN C 382 -2.69 -42.38 9.10
CA GLN C 382 -3.60 -42.62 10.23
C GLN C 382 -3.14 -43.86 11.02
N ALA C 383 -2.55 -44.81 10.31
CA ALA C 383 -2.02 -46.02 10.94
C ALA C 383 -0.85 -45.70 11.88
N SER C 384 0.04 -44.81 11.45
CA SER C 384 1.19 -44.42 12.27
C SER C 384 0.76 -43.65 13.52
N ILE C 385 -0.22 -42.74 13.36
CA ILE C 385 -0.74 -41.99 14.48
C ILE C 385 -1.38 -42.93 15.50
N ASP C 386 -2.28 -43.79 15.03
CA ASP C 386 -2.94 -44.73 15.92
C ASP C 386 -1.95 -45.68 16.59
N ALA C 387 -0.93 -46.10 15.84
CA ALA C 387 0.09 -47.01 16.38
C ALA C 387 0.88 -46.35 17.50
N TYR C 388 1.31 -45.11 17.26
CA TYR C 388 2.09 -44.34 18.24
C TYR C 388 1.26 -44.05 19.49
N VAL C 389 0.04 -43.57 19.29
CA VAL C 389 -0.88 -43.26 20.38
C VAL C 389 -1.16 -44.48 21.25
N ASN C 390 -1.40 -45.62 20.62
CA ASN C 390 -1.76 -46.83 21.36
C ASN C 390 -0.55 -47.57 21.94
N ALA C 391 0.64 -47.36 21.38
CA ALA C 391 1.86 -48.01 21.89
C ALA C 391 2.44 -47.32 23.12
N LYS C 392 2.08 -46.06 23.32
CA LYS C 392 2.55 -45.30 24.47
C LYS C 392 1.44 -44.45 25.05
N PRO C 393 0.57 -45.09 25.85
CA PRO C 393 -0.58 -44.45 26.50
C PRO C 393 -0.20 -43.73 27.79
N LEU C 394 -1.16 -43.00 28.35
CA LEU C 394 -1.01 -42.41 29.67
C LEU C 394 -0.78 -43.52 30.70
N ALA C 395 0.37 -43.47 31.39
CA ALA C 395 0.80 -44.52 32.32
C ALA C 395 0.45 -44.18 33.77
N ALA C 396 0.72 -45.12 34.66
CA ALA C 396 0.16 -45.10 36.02
C ALA C 396 0.61 -43.92 36.87
N GLY C 397 1.91 -43.70 36.99
CA GLY C 397 2.41 -42.62 37.83
C GLY C 397 3.09 -41.48 37.09
N THR C 398 2.90 -41.42 35.78
CA THR C 398 3.64 -40.47 34.94
C THR C 398 2.74 -39.53 34.15
N GLU C 399 1.49 -39.36 34.59
CA GLU C 399 0.53 -38.55 33.85
C GLU C 399 0.99 -37.12 33.65
N LYS C 400 1.35 -36.47 34.75
CA LYS C 400 1.78 -35.08 34.69
C LYS C 400 3.01 -34.92 33.80
N GLU C 401 3.94 -35.87 33.89
CA GLU C 401 5.15 -35.81 33.05
C GLU C 401 4.85 -35.94 31.55
N GLN C 402 3.97 -36.87 31.20
CA GLN C 402 3.57 -37.10 29.81
C GLN C 402 2.76 -35.95 29.23
N ILE C 403 1.86 -35.40 30.05
CA ILE C 403 1.00 -34.32 29.62
C ILE C 403 1.86 -33.05 29.43
N GLY C 404 2.75 -32.81 30.39
CA GLY C 404 3.67 -31.70 30.29
C GLY C 404 4.55 -31.76 29.07
N THR C 405 5.12 -32.94 28.81
CA THR C 405 5.98 -33.10 27.63
C THR C 405 5.20 -32.93 26.31
N GLN C 406 4.01 -33.51 26.25
CA GLN C 406 3.20 -33.38 25.06
C GLN C 406 2.82 -31.92 24.79
N LEU C 407 2.41 -31.18 25.84
CA LEU C 407 2.08 -29.77 25.67
C LEU C 407 3.30 -29.00 25.21
N TRP C 408 4.44 -29.34 25.79
CA TRP C 408 5.71 -28.77 25.42
C TRP C 408 6.02 -28.98 23.92
N ILE C 409 5.57 -30.10 23.37
CA ILE C 409 5.73 -30.33 21.93
C ILE C 409 4.68 -29.55 21.14
N THR C 410 3.44 -29.56 21.63
CA THR C 410 2.32 -28.87 20.99
C THR C 410 2.54 -27.36 20.95
N TYR C 411 3.23 -26.83 21.96
CA TYR C 411 3.53 -25.41 22.04
C TYR C 411 4.79 -25.02 21.26
N LEU C 412 5.31 -25.93 20.44
CA LEU C 412 6.44 -25.59 19.57
C LEU C 412 6.00 -24.46 18.62
N PHE C 413 6.90 -23.50 18.38
CA PHE C 413 6.61 -22.25 17.67
C PHE C 413 5.74 -21.29 18.50
N ASN C 414 5.27 -21.73 19.66
CA ASN C 414 4.64 -20.82 20.62
C ASN C 414 5.33 -20.96 21.98
N SER C 415 6.61 -20.61 22.02
CA SER C 415 7.44 -20.92 23.16
C SER C 415 7.05 -20.14 24.41
N ILE C 416 6.39 -19.01 24.27
CA ILE C 416 5.97 -18.29 25.47
C ILE C 416 5.13 -19.23 26.36
N GLU C 417 4.19 -19.94 25.73
CA GLU C 417 3.30 -20.88 26.42
C GLU C 417 4.05 -22.09 27.00
N ALA C 418 4.98 -22.63 26.24
CA ALA C 418 5.76 -23.73 26.77
C ALA C 418 6.57 -23.26 27.98
N TYR C 419 7.17 -22.08 27.89
CA TYR C 419 7.96 -21.46 28.99
C TYR C 419 7.08 -21.33 30.22
N SER C 420 5.84 -20.90 30.02
CA SER C 420 4.93 -20.82 31.16
C SER C 420 4.58 -22.19 31.77
N ASN C 421 4.24 -23.18 30.92
CA ASN C 421 3.81 -24.48 31.43
C ASN C 421 4.95 -25.25 32.09
N TRP C 422 6.16 -25.04 31.60
CA TRP C 422 7.36 -25.51 32.27
C TRP C 422 7.56 -24.80 33.61
N ARG C 423 7.34 -23.49 33.67
CA ARG C 423 7.53 -22.82 34.95
C ARG C 423 6.50 -23.35 35.96
N ARG C 424 5.26 -23.53 35.53
CA ARG C 424 4.21 -24.03 36.40
C ARG C 424 4.46 -25.48 36.84
N THR C 425 4.68 -26.39 35.90
CA THR C 425 4.73 -27.82 36.24
C THR C 425 6.12 -28.41 36.51
N GLY C 426 7.18 -27.76 36.02
CA GLY C 426 8.51 -28.33 36.11
C GLY C 426 8.75 -29.43 35.07
N TYR C 427 7.75 -29.64 34.23
CA TYR C 427 7.81 -30.60 33.14
C TYR C 427 7.78 -29.91 31.78
N PRO C 428 8.55 -30.45 30.82
CA PRO C 428 9.46 -31.57 30.97
C PRO C 428 10.77 -31.19 31.68
N HIS C 429 11.49 -32.18 32.22
CA HIS C 429 12.80 -31.97 32.82
C HIS C 429 13.78 -31.58 31.73
N LEU C 430 14.50 -30.48 31.94
CA LEU C 430 15.37 -29.93 30.92
C LEU C 430 16.78 -30.41 31.16
N LEU C 431 17.59 -30.35 30.11
CA LEU C 431 19.00 -30.65 30.21
C LEU C 431 19.67 -29.54 31.00
N PRO C 432 20.67 -29.90 31.82
CA PRO C 432 21.37 -28.91 32.64
C PRO C 432 22.25 -27.97 31.82
N ILE C 433 22.21 -26.69 32.15
CA ILE C 433 23.08 -25.71 31.55
C ILE C 433 24.31 -25.48 32.44
N THR C 434 25.49 -25.84 31.94
CA THR C 434 26.70 -25.77 32.78
C THR C 434 27.78 -24.86 32.19
N ASN C 435 27.45 -24.14 31.11
CA ASN C 435 28.35 -23.16 30.54
C ASN C 435 28.90 -22.24 31.62
N SER C 436 30.21 -22.00 31.59
CA SER C 436 30.87 -21.24 32.65
C SER C 436 30.50 -19.76 32.61
N ASP C 437 30.00 -19.30 31.48
CA ASP C 437 29.58 -17.90 31.32
C ASP C 437 28.07 -17.69 31.49
N SER C 438 27.35 -18.69 32.00
CA SER C 438 25.94 -18.51 32.32
C SER C 438 25.78 -17.50 33.47
N GLN C 439 25.07 -16.41 33.23
CA GLN C 439 24.99 -15.36 34.24
C GLN C 439 24.15 -15.80 35.45
N THR C 440 23.43 -16.90 35.33
CA THR C 440 22.70 -17.42 36.49
C THR C 440 23.31 -18.70 37.04
N GLY C 441 24.51 -19.07 36.58
CA GLY C 441 25.10 -20.32 37.01
C GLY C 441 24.23 -21.49 36.61
N GLY C 442 23.44 -21.29 35.56
CA GLY C 442 22.61 -22.36 35.02
C GLY C 442 21.20 -22.43 35.57
N VAL C 443 20.80 -21.43 36.36
CA VAL C 443 19.44 -21.37 36.87
C VAL C 443 18.53 -20.78 35.78
N VAL C 444 17.48 -21.52 35.41
CA VAL C 444 16.57 -20.98 34.41
C VAL C 444 15.89 -19.74 34.95
N PRO C 445 16.01 -18.62 34.20
CA PRO C 445 15.28 -17.41 34.54
C PRO C 445 13.79 -17.72 34.61
N THR C 446 13.09 -17.16 35.59
CA THR C 446 11.68 -17.47 35.78
C THR C 446 10.74 -16.29 35.46
N ARG C 447 11.30 -15.17 34.99
CA ARG C 447 10.51 -14.05 34.42
C ARG C 447 11.44 -13.12 33.65
N LEU C 448 10.88 -12.21 32.88
CA LEU C 448 11.67 -11.10 32.36
C LEU C 448 11.37 -9.85 33.21
N TYR C 449 12.18 -8.80 33.08
CA TYR C 449 12.15 -7.69 34.03
C TYR C 449 11.59 -6.39 33.40
N TYR C 450 10.96 -5.55 34.22
CA TYR C 450 10.44 -4.27 33.74
C TYR C 450 11.61 -3.38 33.28
N PRO C 451 11.41 -2.61 32.21
CA PRO C 451 12.47 -1.71 31.74
C PRO C 451 12.69 -0.59 32.73
N ASN C 452 13.95 -0.15 32.86
CA ASN C 452 14.35 0.94 33.75
C ASN C 452 13.60 2.27 33.54
N ASP C 453 13.08 2.45 32.33
CA ASP C 453 12.25 3.60 32.02
C ASP C 453 11.10 3.72 32.97
N GLU C 454 10.60 2.58 33.45
CA GLU C 454 9.47 2.56 34.37
C GLU C 454 9.90 3.11 35.74
N MET C 455 11.13 2.82 36.13
CA MET C 455 11.74 3.41 37.32
C MET C 455 11.91 4.92 37.13
N GLN C 456 12.09 5.36 35.89
CA GLN C 456 12.34 6.79 35.62
C GLN C 456 11.07 7.65 35.45
N LYS C 457 9.98 7.04 34.95
CA LYS C 457 8.75 7.76 34.60
C LYS C 457 7.59 7.38 35.48
N ASN C 458 7.70 6.23 36.15
CA ASN C 458 6.57 5.69 36.90
C ASN C 458 7.07 5.11 38.22
N GLU C 459 7.93 5.87 38.88
CA GLU C 459 8.72 5.35 39.98
C GLU C 459 7.90 4.73 41.13
N LYS C 460 6.86 5.44 41.57
CA LYS C 460 6.08 5.01 42.72
C LYS C 460 5.47 3.63 42.47
N ASN C 461 4.73 3.51 41.37
CA ASN C 461 4.08 2.24 41.05
C ASN C 461 5.09 1.13 40.75
N TYR C 462 6.13 1.46 39.97
CA TYR C 462 7.25 0.54 39.76
C TYR C 462 7.75 -0.05 41.10
N MET C 463 8.06 0.83 42.05
CA MET C 463 8.60 0.42 43.34
C MET C 463 7.61 -0.42 44.15
N GLU C 464 6.30 -0.13 44.00
CA GLU C 464 5.29 -0.97 44.64
C GLU C 464 5.34 -2.39 44.12
N ALA C 465 5.42 -2.52 42.79
CA ALA C 465 5.51 -3.85 42.17
C ALA C 465 6.79 -4.60 42.61
N VAL C 466 7.89 -3.84 42.65
CA VAL C 466 9.16 -4.40 43.08
C VAL C 466 9.09 -4.90 44.51
N GLN C 467 8.52 -4.09 45.38
CA GLN C 467 8.28 -4.50 46.77
C GLN C 467 7.50 -5.82 46.83
N ARG C 468 6.43 -5.94 46.05
CA ARG C 468 5.66 -7.18 46.08
C ARG C 468 6.43 -8.35 45.53
N MET C 469 7.53 -8.10 44.83
CA MET C 469 8.41 -9.20 44.38
C MET C 469 9.54 -9.58 45.37
N GLY C 470 9.57 -8.89 46.51
CA GLY C 470 10.60 -9.14 47.50
C GLY C 470 11.75 -8.15 47.40
N GLY C 471 11.58 -7.07 46.64
CA GLY C 471 12.60 -6.04 46.57
C GLY C 471 13.43 -5.97 45.31
N THR C 472 13.24 -6.91 44.37
CA THR C 472 14.00 -6.84 43.09
C THR C 472 13.11 -6.81 41.83
N ASN C 473 13.68 -6.27 40.77
CA ASN C 473 13.11 -6.38 39.44
C ASN C 473 14.10 -7.18 38.65
N ASP C 474 14.17 -8.46 38.95
CA ASP C 474 15.22 -9.31 38.42
C ASP C 474 14.56 -10.47 37.65
N TRP C 475 15.31 -11.06 36.71
CA TRP C 475 14.86 -12.20 35.92
C TRP C 475 14.85 -13.52 36.73
N THR C 476 15.41 -13.46 37.95
CA THR C 476 15.31 -14.56 38.91
C THR C 476 14.08 -14.43 39.79
N GLY C 477 13.32 -13.35 39.61
CA GLY C 477 12.03 -13.22 40.27
C GLY C 477 10.97 -14.20 39.78
N LYS C 478 9.87 -14.30 40.54
CA LYS C 478 8.76 -15.21 40.24
C LYS C 478 7.45 -14.49 39.98
N VAL C 479 6.63 -15.01 39.07
CA VAL C 479 5.28 -14.46 38.91
C VAL C 479 4.39 -15.17 39.93
N TRP C 480 3.26 -14.57 40.25
CA TRP C 480 2.39 -15.06 41.33
C TRP C 480 2.01 -16.53 41.21
N TRP C 481 1.69 -16.99 40.00
CA TRP C 481 1.16 -18.35 39.85
C TRP C 481 2.25 -19.41 39.85
N ASP C 482 3.50 -18.97 39.82
CA ASP C 482 4.62 -19.90 39.84
C ASP C 482 5.02 -20.11 41.28
N VAL C 483 4.49 -21.17 41.90
CA VAL C 483 4.73 -21.35 43.32
C VAL C 483 5.59 -22.54 43.74
N ASN C 484 5.76 -23.58 42.91
CA ASN C 484 6.63 -24.62 43.43
C ASN C 484 8.07 -24.27 42.98
N ASN D 15 17.00 -1.86 -5.91
CA ASN D 15 17.41 -1.60 -4.53
C ASN D 15 18.01 -0.21 -4.25
N PRO D 16 19.05 0.20 -5.01
CA PRO D 16 19.58 1.55 -4.74
C PRO D 16 18.53 2.65 -4.63
N ALA D 17 17.68 2.81 -5.64
CA ALA D 17 16.60 3.81 -5.63
C ALA D 17 15.71 3.66 -4.41
N GLY D 18 15.18 2.45 -4.21
CA GLY D 18 14.28 2.16 -3.10
C GLY D 18 14.97 2.41 -1.76
N GLN D 19 16.23 2.02 -1.68
CA GLN D 19 16.96 2.19 -0.45
C GLN D 19 17.23 3.68 -0.15
N LEU D 20 17.61 4.43 -1.18
CA LEU D 20 17.85 5.86 -1.03
C LEU D 20 16.58 6.54 -0.57
N THR D 21 15.46 6.23 -1.23
CA THR D 21 14.16 6.81 -0.87
C THR D 21 13.77 6.48 0.57
N PHE D 22 13.99 5.21 0.95
CA PHE D 22 13.68 4.81 2.33
C PHE D 22 14.51 5.58 3.36
N THR D 23 15.82 5.64 3.15
CA THR D 23 16.67 6.36 4.10
C THR D 23 16.28 7.82 4.22
N GLN D 24 16.10 8.43 3.05
CA GLN D 24 15.68 9.83 3.02
C GLN D 24 14.37 10.01 3.82
N LEU D 25 13.43 9.09 3.68
CA LEU D 25 12.16 9.19 4.42
C LEU D 25 12.36 8.94 5.93
N CYS D 26 13.32 8.09 6.28
CA CYS D 26 13.62 7.85 7.68
C CYS D 26 14.19 9.10 8.38
N MET D 27 14.91 9.93 7.63
CA MET D 27 15.58 11.06 8.28
C MET D 27 14.66 12.16 8.81
N SER D 28 13.37 12.14 8.45
CA SER D 28 12.44 13.18 8.91
C SER D 28 11.07 12.62 9.27
N GLY D 29 10.75 11.45 8.73
CA GLY D 29 9.46 10.83 8.99
C GLY D 29 9.41 9.84 10.14
N ASP D 30 10.54 9.60 10.81
CA ASP D 30 10.59 8.74 12.00
C ASP D 30 10.23 9.56 13.23
N GLY D 31 8.96 9.51 13.60
CA GLY D 31 8.44 10.30 14.70
C GLY D 31 8.99 9.87 16.04
N TYR D 32 9.43 8.63 16.12
CA TYR D 32 9.97 8.06 17.34
C TYR D 32 11.17 8.89 17.82
N TYR D 33 12.12 9.25 16.96
CA TYR D 33 13.20 10.10 17.49
C TYR D 33 13.06 11.58 17.17
N GLN D 34 12.19 11.97 16.24
CA GLN D 34 11.92 13.41 16.11
C GLN D 34 11.26 13.90 17.40
N HIS D 35 10.38 13.07 17.94
CA HIS D 35 9.68 13.45 19.14
C HIS D 35 10.67 13.45 20.30
N ARG D 36 11.52 12.44 20.37
CA ARG D 36 12.34 12.26 21.57
C ARG D 36 13.67 13.06 21.54
N THR D 37 14.35 13.08 20.41
CA THR D 37 15.68 13.69 20.32
C THR D 37 15.69 15.16 19.88
N ASN D 38 14.82 15.47 18.93
CA ASN D 38 14.68 16.81 18.39
C ASN D 38 13.81 17.68 19.31
N LEU D 39 12.56 17.25 19.45
CA LEU D 39 11.55 18.01 20.17
C LEU D 39 11.83 18.07 21.67
N ILE D 40 11.86 16.93 22.31
CA ILE D 40 11.91 16.88 23.77
C ILE D 40 13.31 17.24 24.30
N TYR D 41 14.33 16.48 23.96
CA TYR D 41 15.62 16.76 24.60
C TYR D 41 16.37 17.94 23.95
N SER D 42 16.71 17.88 22.66
CA SER D 42 17.42 19.03 22.05
C SER D 42 16.60 20.32 22.17
N GLY D 43 15.31 20.22 21.82
CA GLY D 43 14.38 21.34 21.87
C GLY D 43 14.17 21.93 23.26
N GLY D 44 14.15 21.09 24.28
CA GLY D 44 14.05 21.61 25.64
C GLY D 44 15.37 22.16 26.18
N PHE D 45 16.47 21.49 25.85
CA PHE D 45 17.81 21.88 26.32
C PHE D 45 18.16 23.31 25.84
N VAL D 46 17.89 23.59 24.57
CA VAL D 46 18.33 24.85 23.96
C VAL D 46 17.18 25.87 24.00
N GLN D 47 16.13 25.51 24.74
CA GLN D 47 15.02 26.40 25.01
C GLN D 47 14.35 26.91 23.71
N HIS D 48 14.23 26.00 22.74
CA HIS D 48 13.34 26.26 21.64
C HIS D 48 11.87 26.21 22.10
N TYR D 49 11.54 25.26 22.98
CA TYR D 49 10.15 25.06 23.41
C TYR D 49 9.95 24.94 24.92
N SER D 50 8.74 25.28 25.36
CA SER D 50 8.34 24.96 26.72
C SER D 50 6.81 24.84 26.82
N GLY D 51 6.30 24.16 27.84
CA GLY D 51 4.88 24.11 28.03
C GLY D 51 4.23 22.75 28.12
N SER D 52 4.59 21.86 27.22
CA SER D 52 4.00 20.50 27.21
C SER D 52 4.59 19.63 28.32
N TRP D 53 3.86 18.57 28.68
CA TRP D 53 4.33 17.67 29.72
C TRP D 53 5.69 17.08 29.40
N ALA D 54 5.81 16.43 28.24
CA ALA D 54 7.03 15.70 27.90
C ALA D 54 8.27 16.62 27.78
N VAL D 55 8.10 17.72 27.05
CA VAL D 55 9.22 18.61 26.79
C VAL D 55 9.68 19.30 28.08
N THR D 56 8.73 19.80 28.85
CA THR D 56 9.05 20.57 30.05
C THR D 56 9.60 19.70 31.16
N GLU D 57 8.91 18.60 31.42
CA GLU D 57 9.27 17.70 32.48
C GLU D 57 10.62 17.07 32.20
N TYR D 58 10.88 16.66 30.96
CA TYR D 58 12.14 15.93 30.69
C TYR D 58 13.19 16.81 29.96
N GLY D 59 12.81 17.55 28.93
CA GLY D 59 13.78 18.36 28.20
C GLY D 59 14.13 19.70 28.85
N SER D 60 13.12 20.42 29.31
CA SER D 60 13.35 21.74 29.86
C SER D 60 14.01 21.67 31.26
N LYS D 61 13.49 20.81 32.13
CA LYS D 61 13.96 20.73 33.52
C LYS D 61 15.13 19.76 33.75
N PHE D 62 15.42 18.92 32.75
CA PHE D 62 16.50 17.92 32.77
C PHE D 62 16.21 16.71 33.65
N LYS D 63 15.39 15.80 33.11
CA LYS D 63 15.14 14.51 33.74
C LYS D 63 15.42 13.41 32.71
N LYS D 64 16.10 12.35 33.15
CA LYS D 64 16.52 11.26 32.29
C LYS D 64 15.43 10.22 32.07
N VAL D 65 15.25 9.82 30.82
CA VAL D 65 14.46 8.66 30.43
C VAL D 65 15.26 7.90 29.40
N ASP D 66 15.65 6.67 29.72
CA ASP D 66 16.54 5.91 28.83
C ASP D 66 16.05 5.87 27.39
N GLU D 67 14.78 5.56 27.21
CA GLU D 67 14.19 5.44 25.88
C GLU D 67 14.36 6.73 25.11
N TYR D 68 14.20 7.85 25.83
CA TYR D 68 14.26 9.16 25.19
C TYR D 68 15.68 9.48 24.77
N ALA D 69 16.66 9.24 25.65
CA ALA D 69 18.05 9.53 25.34
C ALA D 69 18.64 8.58 24.29
N THR D 70 18.12 7.35 24.18
CA THR D 70 18.72 6.43 23.23
C THR D 70 17.91 6.21 21.93
N ALA D 71 16.78 6.89 21.80
CA ALA D 71 15.93 6.76 20.60
C ALA D 71 16.67 6.99 19.22
N LEU D 72 17.44 8.08 19.13
CA LEU D 72 18.25 8.35 17.94
C LEU D 72 19.20 7.16 17.64
N TRP D 73 19.94 6.72 18.65
CA TRP D 73 20.83 5.56 18.53
C TRP D 73 20.11 4.35 17.93
N ARG D 74 19.04 3.98 18.62
CA ARG D 74 18.34 2.76 18.29
C ARG D 74 17.86 2.82 16.84
N ASN D 75 17.33 3.97 16.43
CA ASN D 75 16.68 3.99 15.11
C ASN D 75 17.62 4.24 13.95
N VAL D 76 18.67 5.00 14.19
CA VAL D 76 19.70 5.15 13.18
C VAL D 76 20.41 3.81 12.93
N TYR D 77 20.76 3.07 13.98
CA TYR D 77 21.40 1.80 13.68
C TYR D 77 20.41 0.77 13.14
N ALA D 78 19.15 0.82 13.59
CA ALA D 78 18.17 -0.16 13.09
C ALA D 78 17.77 0.08 11.63
N ASN D 79 17.60 1.34 11.23
CA ASN D 79 16.97 1.66 9.95
C ASN D 79 17.87 2.28 8.91
N GLU D 80 18.67 3.28 9.31
CA GLU D 80 19.26 4.18 8.33
C GLU D 80 20.65 3.76 7.85
N LEU D 81 21.59 3.58 8.78
CA LEU D 81 22.99 3.43 8.43
C LEU D 81 23.23 2.22 7.53
N LYS D 82 22.53 1.12 7.83
CA LYS D 82 22.67 -0.13 7.09
C LYS D 82 22.24 -0.02 5.61
N ASN D 83 21.18 0.73 5.37
CA ASN D 83 20.70 0.90 4.02
C ASN D 83 21.66 1.71 3.19
N VAL D 84 22.16 2.79 3.77
CA VAL D 84 22.98 3.71 3.00
C VAL D 84 24.35 3.04 2.77
N VAL D 85 24.77 2.21 3.73
CA VAL D 85 25.93 1.37 3.51
C VAL D 85 25.73 0.39 2.34
N ASP D 86 24.57 -0.28 2.29
CA ASP D 86 24.26 -1.20 1.19
C ASP D 86 24.19 -0.54 -0.19
N ILE D 87 23.66 0.68 -0.25
CA ILE D 87 23.69 1.43 -1.50
C ILE D 87 25.13 1.66 -1.91
N ILE D 88 25.92 2.19 -0.98
CA ILE D 88 27.32 2.50 -1.28
C ILE D 88 28.04 1.28 -1.80
N LYS D 89 27.73 0.13 -1.21
CA LYS D 89 28.37 -1.13 -1.55
C LYS D 89 27.94 -1.67 -2.93
N ASN D 90 26.68 -1.45 -3.30
CA ASN D 90 26.15 -2.00 -4.55
C ASN D 90 26.32 -1.10 -5.76
N THR D 91 26.91 0.08 -5.54
CA THR D 91 27.21 1.02 -6.59
C THR D 91 28.71 1.31 -6.69
N SER D 92 29.54 0.46 -6.08
CA SER D 92 30.92 0.81 -5.82
C SER D 92 31.90 0.81 -7.03
N ASN D 93 31.71 -0.06 -8.01
CA ASN D 93 32.58 -0.01 -9.18
C ASN D 93 31.88 0.08 -10.54
N ASP D 94 30.56 0.31 -10.53
CA ASP D 94 29.85 0.50 -11.78
C ASP D 94 29.95 2.00 -12.08
N PRO D 95 30.54 2.34 -13.23
CA PRO D 95 30.72 3.75 -13.60
C PRO D 95 29.38 4.40 -13.93
N ALA D 96 28.39 3.60 -14.32
CA ALA D 96 27.05 4.12 -14.57
C ALA D 96 26.26 4.28 -13.26
N ALA D 97 26.92 4.08 -12.13
CA ALA D 97 26.30 4.20 -10.83
C ALA D 97 27.08 5.12 -9.93
N SER D 98 28.11 5.76 -10.48
CA SER D 98 29.00 6.54 -9.65
C SER D 98 28.27 7.70 -8.96
N ASN D 99 27.41 8.36 -9.72
CA ASN D 99 26.61 9.45 -9.17
C ASN D 99 25.73 8.99 -8.01
N MET D 100 25.27 7.74 -8.06
CA MET D 100 24.48 7.22 -6.95
C MET D 100 25.39 6.95 -5.78
N ASN D 101 26.54 6.32 -6.07
CA ASN D 101 27.54 5.99 -5.09
C ASN D 101 27.95 7.22 -4.30
N ALA D 102 28.10 8.34 -5.00
CA ALA D 102 28.44 9.59 -4.34
C ALA D 102 27.28 10.09 -3.49
N VAL D 103 26.08 10.04 -4.06
CA VAL D 103 24.89 10.52 -3.34
C VAL D 103 24.76 9.76 -2.01
N ALA D 104 24.82 8.45 -2.09
CA ALA D 104 24.76 7.63 -0.89
C ALA D 104 25.78 8.10 0.14
N LYS D 105 27.00 8.38 -0.31
CA LYS D 105 28.08 8.76 0.62
C LYS D 105 27.76 10.07 1.35
N ILE D 106 27.22 11.03 0.59
CA ILE D 106 26.78 12.29 1.18
C ILE D 106 25.68 11.97 2.20
N MET D 107 24.74 11.12 1.80
CA MET D 107 23.67 10.69 2.70
C MET D 107 24.31 10.13 3.95
N LYS D 108 25.35 9.30 3.78
CA LYS D 108 25.86 8.55 4.91
C LYS D 108 26.44 9.50 5.93
N VAL D 109 26.93 10.64 5.45
CA VAL D 109 27.45 11.66 6.37
C VAL D 109 26.27 12.32 7.11
N MET D 110 25.23 12.69 6.38
CA MET D 110 24.07 13.34 7.00
C MET D 110 23.45 12.42 8.06
N VAL D 111 23.34 11.13 7.76
CA VAL D 111 22.85 10.18 8.75
C VAL D 111 23.78 10.16 10.00
N ALA D 112 25.09 10.07 9.79
CA ALA D 112 25.98 9.75 10.89
C ALA D 112 26.34 10.98 11.73
N GLN D 113 26.33 12.14 11.08
CA GLN D 113 26.64 13.40 11.74
C GLN D 113 25.77 13.70 12.99
N ARG D 114 24.46 13.51 12.88
CA ARG D 114 23.63 13.71 14.07
C ARG D 114 24.09 12.74 15.20
N LEU D 115 24.33 11.49 14.80
CA LEU D 115 24.67 10.43 15.72
C LEU D 115 25.90 10.81 16.59
N THR D 116 27.05 11.08 15.95
CA THR D 116 28.26 11.38 16.73
C THR D 116 28.01 12.67 17.51
N ASP D 117 27.32 13.62 16.88
CA ASP D 117 27.16 14.91 17.53
C ASP D 117 26.35 14.74 18.82
N ILE D 118 25.47 13.75 18.83
CA ILE D 118 24.65 13.57 20.03
C ILE D 118 25.39 12.66 21.02
N TYR D 119 26.09 11.62 20.56
CA TYR D 119 26.61 10.62 21.52
C TYR D 119 28.12 10.63 21.71
N GLY D 120 28.83 11.30 20.80
CA GLY D 120 30.28 11.36 20.86
C GLY D 120 30.94 10.29 20.01
N ASP D 121 31.84 9.50 20.61
CA ASP D 121 32.45 8.37 19.90
C ASP D 121 31.37 7.33 19.64
N VAL D 122 31.24 6.87 18.41
CA VAL D 122 30.17 5.93 18.07
C VAL D 122 30.64 4.90 17.04
N PRO D 123 30.03 3.71 17.04
CA PRO D 123 30.28 2.79 15.93
C PRO D 123 29.95 3.44 14.57
N TYR D 124 30.92 3.38 13.68
CA TYR D 124 30.68 3.96 12.38
C TYR D 124 31.36 3.08 11.34
N SER D 125 32.69 3.15 11.26
CA SER D 125 33.47 2.40 10.28
C SER D 125 33.16 0.92 10.26
N GLU D 126 32.86 0.33 11.43
CA GLU D 126 32.49 -1.10 11.47
C GLU D 126 30.99 -1.37 11.66
N ALA D 127 30.19 -0.33 11.49
CA ALA D 127 28.76 -0.39 11.71
C ALA D 127 28.00 -0.40 10.38
N GLY D 128 26.78 -0.94 10.40
CA GLY D 128 25.90 -0.93 9.24
C GLY D 128 26.23 -1.95 8.16
N LEU D 129 27.00 -2.97 8.53
CA LEU D 129 27.52 -3.94 7.54
C LEU D 129 26.76 -5.27 7.62
N VAL D 136 28.78 -7.67 15.04
CA VAL D 136 28.01 -7.76 16.30
C VAL D 136 28.67 -6.96 17.45
N THR D 137 29.99 -6.82 17.41
CA THR D 137 30.68 -6.00 18.41
C THR D 137 31.59 -4.95 17.77
N PRO D 138 30.99 -3.97 17.05
CA PRO D 138 31.79 -2.95 16.36
C PRO D 138 32.47 -1.98 17.33
N LYS D 139 33.67 -1.54 16.99
CA LYS D 139 34.36 -0.55 17.81
C LYS D 139 33.68 0.81 17.67
N TYR D 140 33.95 1.67 18.65
CA TYR D 140 33.48 3.05 18.64
C TYR D 140 34.58 3.87 18.02
N ASP D 141 34.35 4.47 16.86
CA ASP D 141 35.37 5.34 16.27
C ASP D 141 35.49 6.62 17.10
N LYS D 142 36.72 7.10 17.28
CA LYS D 142 36.91 8.42 17.88
C LYS D 142 36.26 9.48 17.01
N GLN D 143 35.54 10.41 17.66
CA GLN D 143 34.83 11.46 16.93
C GLN D 143 35.77 12.24 15.99
N GLN D 144 37.00 12.45 16.41
CA GLN D 144 37.95 13.15 15.54
C GLN D 144 38.12 12.43 14.20
N ASP D 145 38.31 11.11 14.27
CA ASP D 145 38.48 10.33 13.06
C ASP D 145 37.17 10.32 12.26
N ILE D 146 36.02 10.28 12.94
CA ILE D 146 34.73 10.25 12.24
C ILE D 146 34.62 11.52 11.43
N TYR D 147 35.02 12.62 12.03
CA TYR D 147 34.96 13.89 11.33
C TYR D 147 35.92 13.98 10.13
N ASN D 148 37.15 13.49 10.28
CA ASN D 148 38.06 13.49 9.13
C ASN D 148 37.49 12.66 8.01
N SER D 149 36.89 11.52 8.38
CA SER D 149 36.24 10.65 7.40
C SER D 149 35.05 11.40 6.73
N PHE D 150 34.33 12.21 7.51
CA PHE D 150 33.31 13.08 6.91
C PHE D 150 33.90 13.99 5.83
N PHE D 151 34.97 14.69 6.18
CA PHE D 151 35.56 15.63 5.25
C PHE D 151 36.03 14.91 3.97
N LYS D 152 36.73 13.79 4.13
CA LYS D 152 37.18 13.00 2.97
C LYS D 152 36.01 12.57 2.07
N ASP D 153 34.94 12.02 2.65
CA ASP D 153 33.79 11.64 1.85
C ASP D 153 33.09 12.80 1.14
N LEU D 154 32.93 13.93 1.82
CA LEU D 154 32.32 15.10 1.18
C LEU D 154 33.19 15.67 0.03
N ASP D 155 34.48 15.74 0.28
CA ASP D 155 35.42 16.18 -0.73
C ASP D 155 35.35 15.30 -1.98
N GLU D 156 35.60 14.01 -1.78
CA GLU D 156 35.62 13.08 -2.90
C GLU D 156 34.26 12.97 -3.58
N SER D 157 33.17 13.10 -2.82
CA SER D 157 31.85 12.97 -3.41
C SER D 157 31.54 14.17 -4.27
N PHE D 158 32.01 15.34 -3.84
CA PHE D 158 31.89 16.52 -4.66
C PHE D 158 32.58 16.30 -5.99
N THR D 159 33.86 15.90 -5.95
CA THR D 159 34.60 15.69 -7.19
C THR D 159 34.00 14.59 -8.09
N GLN D 160 33.48 13.54 -7.48
CA GLN D 160 33.05 12.33 -8.17
C GLN D 160 31.72 12.53 -8.93
N LEU D 161 30.87 13.41 -8.41
CA LEU D 161 29.63 13.74 -9.10
C LEU D 161 29.94 14.25 -10.51
N ASN D 162 29.45 13.55 -11.53
CA ASN D 162 29.82 13.92 -12.90
C ASN D 162 28.66 13.66 -13.88
N ALA D 163 28.67 14.38 -15.00
CA ALA D 163 27.65 14.25 -16.05
C ALA D 163 27.61 12.82 -16.61
N SER D 164 28.74 12.13 -16.49
CA SER D 164 28.85 10.78 -17.02
C SER D 164 28.76 9.72 -15.94
N GLY D 165 28.24 10.11 -14.77
CA GLY D 165 28.16 9.20 -13.63
C GLY D 165 26.88 8.36 -13.52
N GLY D 166 26.02 8.46 -14.53
CA GLY D 166 24.75 7.78 -14.52
C GLY D 166 23.73 8.68 -13.86
N SER D 167 22.49 8.22 -13.77
CA SER D 167 21.41 9.03 -13.21
C SER D 167 21.11 8.68 -11.73
N VAL D 168 20.63 9.65 -10.97
CA VAL D 168 20.26 9.41 -9.58
C VAL D 168 18.76 9.21 -9.40
N LYS D 169 18.39 8.00 -8.99
CA LYS D 169 17.00 7.56 -8.93
C LYS D 169 16.56 7.35 -7.50
N GLY D 170 15.36 7.82 -7.17
CA GLY D 170 14.80 7.59 -5.84
C GLY D 170 15.03 8.77 -4.91
N ASP D 171 15.56 9.85 -5.48
CA ASP D 171 15.92 11.04 -4.72
C ASP D 171 14.75 12.00 -4.55
N LEU D 172 14.23 12.07 -3.33
CA LEU D 172 13.12 12.96 -3.00
C LEU D 172 13.60 14.37 -2.64
N PHE D 173 14.87 14.49 -2.29
CA PHE D 173 15.44 15.78 -1.92
C PHE D 173 15.52 16.68 -3.14
N TYR D 174 16.00 16.12 -4.24
CA TYR D 174 16.40 16.93 -5.40
C TYR D 174 16.08 16.30 -6.74
N ASN D 175 15.37 15.17 -6.76
CA ASN D 175 15.00 14.49 -8.00
C ASN D 175 16.19 14.23 -8.93
N GLY D 176 17.31 13.83 -8.34
CA GLY D 176 18.47 13.38 -9.09
C GLY D 176 19.33 14.45 -9.72
N ASP D 177 19.00 15.71 -9.47
CA ASP D 177 19.84 16.81 -9.92
C ASP D 177 21.17 16.72 -9.20
N ILE D 178 22.22 16.36 -9.91
CA ILE D 178 23.52 16.22 -9.26
C ILE D 178 24.16 17.55 -8.87
N SER D 179 23.77 18.64 -9.53
CA SER D 179 24.32 19.97 -9.18
C SER D 179 23.95 20.39 -7.75
N LYS D 180 22.73 20.04 -7.38
CA LYS D 180 22.24 20.37 -6.05
C LYS D 180 22.94 19.45 -5.06
N TRP D 181 23.21 18.22 -5.47
CA TRP D 181 23.93 17.31 -4.59
C TRP D 181 25.35 17.83 -4.34
N LYS D 182 25.98 18.42 -5.36
CA LYS D 182 27.29 19.03 -5.14
C LYS D 182 27.18 20.09 -4.07
N LYS D 183 26.27 21.04 -4.26
CA LYS D 183 26.16 22.13 -3.28
C LYS D 183 25.74 21.68 -1.86
N LEU D 184 24.95 20.60 -1.76
CA LEU D 184 24.63 20.03 -0.46
C LEU D 184 25.89 19.44 0.21
N ALA D 185 26.72 18.79 -0.59
CA ALA D 185 27.96 18.24 -0.08
C ALA D 185 28.83 19.37 0.49
N ASN D 186 28.89 20.49 -0.22
CA ASN D 186 29.75 21.58 0.28
C ASN D 186 29.16 22.29 1.50
N THR D 187 27.83 22.38 1.56
CA THR D 187 27.21 23.02 2.72
C THR D 187 27.37 22.15 3.99
N MET D 188 27.17 20.83 3.86
CA MET D 188 27.46 19.91 4.98
C MET D 188 28.93 20.05 5.40
N ARG D 189 29.82 20.13 4.40
CA ARG D 189 31.23 20.29 4.70
C ARG D 189 31.48 21.53 5.56
N LEU D 190 30.82 22.63 5.19
CA LEU D 190 30.95 23.87 5.95
C LEU D 190 30.41 23.76 7.37
N ARG D 191 29.27 23.09 7.51
CA ARG D 191 28.65 22.89 8.81
C ARG D 191 29.63 22.15 9.73
N LEU D 192 30.22 21.09 9.20
CA LEU D 192 31.18 20.30 9.98
C LEU D 192 32.46 21.12 10.29
N ALA D 193 32.91 21.90 9.31
CA ALA D 193 34.09 22.73 9.48
C ALA D 193 33.88 23.70 10.60
N MET D 194 32.74 24.36 10.63
CA MET D 194 32.51 25.29 11.75
C MET D 194 32.38 24.52 13.05
N ARG D 195 31.84 23.31 12.98
CA ARG D 195 31.62 22.60 14.24
C ARG D 195 32.94 22.27 14.96
N ILE D 196 34.03 22.07 14.22
CA ILE D 196 35.31 21.81 14.88
C ILE D 196 36.19 23.04 15.03
N SER D 197 35.59 24.23 15.08
CA SER D 197 36.36 25.47 15.14
C SER D 197 37.08 25.64 16.46
N GLU D 198 36.48 25.14 17.54
CA GLU D 198 37.08 25.32 18.86
C GLU D 198 38.15 24.28 19.13
N VAL D 199 37.93 23.05 18.64
CA VAL D 199 38.85 22.00 19.00
C VAL D 199 39.97 21.86 17.97
N SER D 200 39.69 22.13 16.69
CA SER D 200 40.70 22.02 15.64
C SER D 200 40.65 23.20 14.67
N PRO D 201 41.05 24.40 15.14
CA PRO D 201 40.99 25.65 14.37
C PRO D 201 41.64 25.56 12.99
N ALA D 202 42.82 24.95 12.88
CA ALA D 202 43.51 24.84 11.59
C ALA D 202 42.69 24.02 10.59
N GLU D 203 42.32 22.80 10.98
CA GLU D 203 41.48 21.95 10.13
C GLU D 203 40.16 22.65 9.80
N ALA D 204 39.59 23.31 10.80
CA ALA D 204 38.34 24.05 10.62
C ALA D 204 38.45 25.11 9.52
N GLU D 205 39.41 26.02 9.64
CA GLU D 205 39.66 27.02 8.59
C GLU D 205 39.88 26.38 7.23
N LYS D 206 40.78 25.40 7.18
CA LYS D 206 41.08 24.72 5.92
C LYS D 206 39.81 24.21 5.24
N GLN D 207 38.99 23.49 6.00
CA GLN D 207 37.80 22.84 5.45
C GLN D 207 36.67 23.83 5.11
N ALA D 208 36.52 24.88 5.91
CA ALA D 208 35.56 25.94 5.58
C ALA D 208 35.94 26.56 4.25
N LYS D 209 37.19 27.05 4.17
CA LYS D 209 37.74 27.56 2.91
C LYS D 209 37.41 26.65 1.75
N ALA D 210 37.75 25.36 1.88
CA ALA D 210 37.45 24.38 0.83
C ALA D 210 35.95 24.34 0.47
N ALA D 211 35.09 24.36 1.48
CA ALA D 211 33.65 24.32 1.26
C ALA D 211 33.20 25.54 0.48
N PHE D 212 33.62 26.70 0.98
CA PHE D 212 33.26 27.96 0.39
C PHE D 212 33.67 28.02 -1.09
N GLN D 213 34.87 27.51 -1.41
CA GLN D 213 35.36 27.64 -2.78
C GLN D 213 34.78 26.60 -3.74
N ASN D 214 34.51 25.38 -3.26
CA ASN D 214 33.83 24.40 -4.10
C ASN D 214 32.38 24.82 -4.42
N GLY D 215 31.78 25.63 -3.54
CA GLY D 215 30.45 26.17 -3.80
C GLY D 215 29.29 25.63 -2.96
N VAL D 216 28.76 26.44 -2.04
CA VAL D 216 27.62 26.01 -1.24
C VAL D 216 26.29 26.41 -1.87
N PHE D 217 25.22 26.32 -1.08
CA PHE D 217 23.90 26.74 -1.50
C PHE D 217 23.96 28.16 -2.04
N GLU D 218 23.20 28.44 -3.10
CA GLU D 218 23.22 29.77 -3.71
C GLU D 218 21.95 30.55 -3.42
N SER D 219 20.89 29.84 -3.04
CA SER D 219 19.66 30.48 -2.58
C SER D 219 18.78 29.48 -1.83
N ASN D 220 17.64 29.95 -1.34
CA ASN D 220 16.70 29.05 -0.68
C ASN D 220 16.24 27.91 -1.58
N ASP D 221 16.40 28.08 -2.90
CA ASP D 221 16.04 27.06 -3.88
C ASP D 221 16.86 25.78 -3.72
N ASP D 222 18.05 25.91 -3.14
CA ASP D 222 18.96 24.79 -2.95
C ASP D 222 18.80 24.06 -1.61
N ASN D 223 17.97 24.60 -0.71
CA ASN D 223 17.68 23.98 0.58
C ASN D 223 17.35 22.49 0.49
N CYS D 224 17.82 21.70 1.45
CA CYS D 224 17.50 20.28 1.52
C CYS D 224 16.20 20.02 2.31
N LEU D 225 15.15 19.64 1.59
CA LEU D 225 13.79 19.47 2.12
C LEU D 225 13.25 18.10 1.86
N MET D 226 12.43 17.61 2.78
CA MET D 226 11.54 16.51 2.48
C MET D 226 10.12 17.04 2.44
N HIS D 227 9.45 16.91 1.30
CA HIS D 227 8.04 17.24 1.24
C HIS D 227 7.25 16.01 1.63
N HIS D 228 6.39 16.16 2.63
CA HIS D 228 5.60 15.05 3.18
C HIS D 228 4.17 15.06 2.66
N LEU D 229 3.76 14.04 1.93
CA LEU D 229 2.45 14.09 1.33
C LEU D 229 1.66 12.82 1.58
N PHE D 242 6.67 6.51 8.16
CA PHE D 242 7.73 7.46 7.85
C PHE D 242 7.33 8.51 6.80
N ARG D 243 6.08 8.46 6.35
CA ARG D 243 5.60 9.35 5.29
C ARG D 243 5.07 10.70 5.79
N GLY D 244 4.59 10.74 7.03
CA GLY D 244 4.25 12.01 7.64
C GLY D 244 5.45 12.61 8.35
N ASN D 245 5.46 13.93 8.49
CA ASN D 245 6.49 14.63 9.21
C ASN D 245 6.58 14.10 10.65
N GLY D 246 7.74 13.53 11.02
CA GLY D 246 7.95 12.98 12.36
C GLY D 246 7.88 14.02 13.48
N LEU D 247 8.40 15.20 13.17
CA LEU D 247 8.39 16.28 14.15
C LEU D 247 6.96 16.68 14.45
N SER D 248 6.13 16.78 13.41
CA SER D 248 4.73 17.12 13.63
C SER D 248 4.05 16.00 14.40
N TYR D 249 4.45 14.77 14.12
CA TYR D 249 3.96 13.67 14.93
C TYR D 249 4.17 13.94 16.41
N GLY D 250 5.37 14.41 16.76
CA GLY D 250 5.62 14.74 18.16
C GLY D 250 4.74 15.88 18.67
N PHE D 251 4.67 16.96 17.88
CA PHE D 251 3.80 18.09 18.16
C PHE D 251 2.36 17.64 18.45
N ILE D 252 1.90 16.62 17.74
CA ILE D 252 0.52 16.14 17.86
C ILE D 252 0.34 15.17 19.03
N SER D 253 1.35 14.35 19.34
CA SER D 253 1.19 13.47 20.50
C SER D 253 1.33 14.24 21.79
N ASP D 254 1.90 15.43 21.74
CA ASP D 254 1.88 16.28 22.93
C ASP D 254 0.55 17.01 23.03
N GLU D 255 -0.40 16.62 22.17
CA GLU D 255 -1.73 17.21 22.12
C GLU D 255 -1.70 18.72 21.95
N HIS D 256 -0.79 19.19 21.10
CA HIS D 256 -0.63 20.62 20.79
C HIS D 256 -0.42 21.46 22.05
N GLY D 257 0.27 20.87 23.03
CA GLY D 257 0.59 21.57 24.26
C GLY D 257 1.95 22.24 24.23
N ASP D 258 2.66 22.17 23.10
CA ASP D 258 3.96 22.82 23.01
C ASP D 258 3.83 24.27 22.59
N HIS D 259 4.61 25.13 23.24
CA HIS D 259 4.71 26.55 22.88
C HIS D 259 6.15 26.90 22.60
N PHE D 260 6.37 28.03 21.94
CA PHE D 260 7.71 28.54 21.84
C PHE D 260 8.14 29.07 23.19
N SER D 261 9.44 29.01 23.48
CA SER D 261 9.88 29.44 24.80
C SER D 261 9.83 30.97 24.91
N SER D 262 9.73 31.48 26.13
CA SER D 262 9.76 32.92 26.38
C SER D 262 11.03 33.58 25.84
N LEU D 263 12.14 32.84 25.87
CA LEU D 263 13.42 33.35 25.34
C LEU D 263 13.34 33.70 23.83
N LEU D 264 12.84 32.78 23.02
CA LEU D 264 12.70 32.99 21.58
C LEU D 264 11.70 34.09 21.27
N ILE D 265 10.52 34.02 21.90
CA ILE D 265 9.49 34.99 21.60
C ILE D 265 9.95 36.40 21.97
N ASP D 266 10.45 36.58 23.20
CA ASP D 266 11.01 37.86 23.60
C ASP D 266 12.08 38.34 22.62
N TYR D 267 12.94 37.45 22.13
CA TYR D 267 13.93 37.93 21.18
C TYR D 267 13.29 38.43 19.90
N LEU D 268 12.33 37.68 19.36
CA LEU D 268 11.69 38.02 18.09
C LEU D 268 10.85 39.30 18.16
N ARG D 269 10.17 39.47 19.29
CA ARG D 269 9.31 40.62 19.55
C ARG D 269 10.12 41.88 19.82
N ASP D 270 11.10 41.78 20.73
CA ASP D 270 11.88 42.95 21.18
C ASP D 270 12.81 43.50 20.09
N ASN D 271 13.11 42.71 19.08
CA ASN D 271 13.96 43.18 18.01
C ASN D 271 13.20 43.42 16.71
N GLY D 272 11.88 43.26 16.77
CA GLY D 272 11.06 43.45 15.60
C GLY D 272 11.44 42.51 14.46
N ASP D 273 11.75 41.26 14.80
CA ASP D 273 11.98 40.23 13.80
C ASP D 273 10.65 39.91 13.12
N PRO D 274 10.63 39.92 11.78
CA PRO D 274 9.42 39.65 10.99
C PRO D 274 8.92 38.21 11.15
N ARG D 275 9.71 37.35 11.79
CA ARG D 275 9.34 35.95 11.90
C ARG D 275 8.38 35.71 13.04
N LEU D 276 8.17 36.72 13.88
CA LEU D 276 7.35 36.60 15.08
C LEU D 276 5.97 35.97 14.86
N LYS D 277 5.20 36.58 13.96
CA LYS D 277 3.84 36.10 13.70
C LYS D 277 3.81 34.99 12.67
N MET D 278 4.90 34.83 11.92
CA MET D 278 5.02 33.68 11.02
C MET D 278 5.09 32.39 11.83
N LEU D 279 5.60 32.48 13.04
CA LEU D 279 5.82 31.29 13.88
C LEU D 279 4.76 31.13 14.95
N ALA D 280 4.47 32.21 15.66
CA ALA D 280 3.61 32.17 16.85
C ALA D 280 2.18 32.66 16.60
N THR D 281 1.22 32.03 17.28
CA THR D 281 -0.15 32.50 17.30
C THR D 281 -0.35 33.45 18.48
N PRO D 282 -1.20 34.48 18.31
CA PRO D 282 -1.33 35.41 19.44
C PRO D 282 -2.03 34.79 20.65
N LYS D 283 -1.79 35.36 21.83
CA LYS D 283 -2.53 34.97 23.04
C LYS D 283 -4.02 35.25 22.87
N THR D 284 -4.87 34.43 23.47
CA THR D 284 -6.30 34.66 23.40
C THR D 284 -6.84 35.02 24.78
N GLY D 285 -6.11 34.62 25.82
CA GLY D 285 -6.49 34.94 27.18
C GLY D 285 -5.59 36.02 27.74
N SER D 286 -6.04 36.68 28.80
CA SER D 286 -5.22 37.66 29.50
C SER D 286 -4.51 37.02 30.70
N VAL D 287 -3.35 37.56 31.06
CA VAL D 287 -2.63 37.08 32.23
C VAL D 287 -3.45 37.23 33.51
N ASN D 288 -4.44 38.12 33.51
CA ASN D 288 -5.35 38.26 34.65
C ASN D 288 -6.58 37.38 34.51
N GLY D 289 -6.55 36.47 33.54
CA GLY D 289 -7.67 35.57 33.32
C GLY D 289 -8.71 36.12 32.37
N GLY D 290 -9.57 35.24 31.87
CA GLY D 290 -10.60 35.64 30.93
C GLY D 290 -10.02 36.06 29.59
N PRO D 291 -10.89 36.47 28.67
CA PRO D 291 -10.50 36.92 27.33
C PRO D 291 -9.57 38.13 27.41
N ILE D 292 -8.74 38.30 26.39
CA ILE D 292 -7.69 39.31 26.43
C ILE D 292 -8.19 40.67 25.97
N GLY D 293 -7.79 41.71 26.72
CA GLY D 293 -8.26 43.05 26.46
C GLY D 293 -7.27 43.91 25.70
N PRO D 294 -7.70 45.12 25.29
CA PRO D 294 -6.85 46.05 24.54
C PRO D 294 -5.61 46.43 25.33
N GLY D 295 -4.52 46.69 24.64
CA GLY D 295 -3.32 47.16 25.30
C GLY D 295 -2.36 46.08 25.76
N GLU D 296 -2.89 44.93 26.13
CA GLU D 296 -2.04 43.83 26.65
C GLU D 296 -1.25 43.15 25.54
N GLU D 297 0.03 42.90 25.83
CA GLU D 297 0.94 42.21 24.91
C GLU D 297 0.31 40.96 24.33
N LEU D 298 0.37 40.81 23.00
CA LEU D 298 -0.27 39.68 22.37
C LEU D 298 0.66 38.49 22.22
N TYR D 299 1.97 38.75 22.29
CA TYR D 299 2.97 37.73 22.02
C TYR D 299 3.95 37.55 23.16
N GLU D 300 3.77 36.44 23.88
CA GLU D 300 4.65 36.05 24.97
C GLU D 300 4.85 34.56 24.91
N GLY D 301 6.08 34.11 25.16
CA GLY D 301 6.37 32.68 25.15
C GLY D 301 6.15 32.07 26.53
N VAL D 302 6.40 30.77 26.64
CA VAL D 302 6.32 30.08 27.91
C VAL D 302 7.73 29.97 28.49
N ARG D 303 7.89 30.32 29.75
CA ARG D 303 9.18 30.22 30.44
C ARG D 303 9.67 28.77 30.52
N PRO D 304 10.95 28.52 30.16
CA PRO D 304 11.55 27.19 30.33
C PRO D 304 11.44 26.73 31.77
N GLY D 305 11.04 25.48 31.96
CA GLY D 305 10.84 24.92 33.28
C GLY D 305 9.41 25.07 33.76
N VAL D 306 8.58 25.73 32.96
CA VAL D 306 7.19 26.01 33.36
C VAL D 306 6.19 25.30 32.45
N PHE D 307 5.29 24.53 33.05
CA PHE D 307 4.24 23.87 32.28
C PHE D 307 3.21 24.89 31.77
N ARG D 308 2.53 24.57 30.67
CA ARG D 308 1.60 25.52 30.04
C ARG D 308 0.43 25.89 30.97
N TRP D 309 0.03 24.95 31.82
CA TRP D 309 -1.05 25.18 32.77
C TRP D 309 -0.61 25.92 34.02
N GLU D 310 0.68 26.20 34.14
CA GLU D 310 1.17 26.94 35.30
C GLU D 310 1.40 28.40 34.96
N VAL D 311 1.27 28.72 33.68
CA VAL D 311 1.39 30.10 33.23
C VAL D 311 0.35 30.97 33.94
N VAL D 312 0.76 32.14 34.42
CA VAL D 312 -0.21 33.03 35.06
C VAL D 312 -1.23 33.51 34.02
N GLY D 313 -2.48 33.11 34.23
CA GLY D 313 -3.54 33.34 33.28
C GLY D 313 -3.95 32.06 32.56
N GLY D 314 -3.21 30.99 32.82
CA GLY D 314 -3.45 29.73 32.13
C GLY D 314 -2.85 29.70 30.74
N SER D 315 -3.04 28.59 30.03
CA SER D 315 -2.37 28.39 28.76
C SER D 315 -2.82 29.38 27.67
N ASN D 316 -4.02 29.93 27.82
CA ASN D 316 -4.51 30.92 26.86
C ASN D 316 -3.68 32.20 26.90
N ALA D 317 -3.02 32.43 28.04
CA ALA D 317 -2.19 33.62 28.27
C ALA D 317 -0.77 33.47 27.74
N ALA D 318 -0.55 32.48 26.88
CA ALA D 318 0.73 32.34 26.17
C ALA D 318 0.52 32.11 24.65
N SER D 319 1.41 32.67 23.85
CA SER D 319 1.40 32.42 22.41
C SER D 319 1.52 30.94 22.06
N GLY D 320 0.95 30.55 20.92
CA GLY D 320 1.04 29.17 20.50
C GLY D 320 1.87 29.05 19.26
N ILE D 321 1.75 27.91 18.61
CA ILE D 321 2.49 27.66 17.38
C ILE D 321 1.49 27.59 16.24
N GLN D 322 1.82 28.28 15.15
CA GLN D 322 0.96 28.32 13.97
C GLN D 322 0.72 26.91 13.49
N PRO D 323 -0.55 26.59 13.16
CA PRO D 323 -1.00 25.24 12.83
C PRO D 323 -0.26 24.60 11.66
N TYR D 324 0.13 25.40 10.67
CA TYR D 324 0.74 24.85 9.46
C TYR D 324 2.15 24.29 9.73
N LEU D 325 2.73 24.73 10.85
CA LEU D 325 4.04 24.21 11.27
C LEU D 325 3.92 22.82 11.89
N LYS D 326 2.70 22.37 12.19
CA LYS D 326 2.55 21.17 13.00
C LYS D 326 1.78 20.04 12.30
N LEU D 327 1.72 20.10 10.97
CA LEU D 327 0.91 19.13 10.20
C LEU D 327 1.71 17.95 9.71
N ARG D 328 1.01 16.83 9.53
CA ARG D 328 1.63 15.64 8.97
C ARG D 328 2.18 15.95 7.57
N THR D 329 1.60 16.94 6.91
CA THR D 329 2.05 17.34 5.59
C THR D 329 3.10 18.47 5.65
N THR D 330 3.50 18.87 6.86
CA THR D 330 4.48 19.94 6.97
C THR D 330 5.86 19.48 6.48
N PRO D 331 6.49 20.29 5.61
CA PRO D 331 7.80 19.87 5.09
C PRO D 331 8.89 19.92 6.15
N PHE D 332 9.95 19.14 5.99
CA PHE D 332 11.03 19.16 6.97
C PHE D 332 12.35 19.62 6.36
N LEU D 333 12.92 20.69 6.92
CA LEU D 333 14.18 21.29 6.46
C LEU D 333 15.44 20.71 7.16
N HIS D 334 16.33 20.09 6.38
CA HIS D 334 17.56 19.48 6.92
C HIS D 334 18.78 20.41 6.94
N VAL D 335 19.06 21.02 5.79
CA VAL D 335 20.19 21.93 5.62
C VAL D 335 19.72 23.13 4.81
N SER D 336 20.18 24.33 5.17
CA SER D 336 19.59 25.52 4.59
C SER D 336 20.60 26.53 4.06
N TYR D 337 20.13 27.40 3.17
CA TYR D 337 20.95 28.48 2.61
C TYR D 337 21.20 29.56 3.66
N SER D 338 20.19 29.80 4.50
CA SER D 338 20.30 30.67 5.66
C SER D 338 21.46 30.23 6.55
N GLU D 339 21.47 28.94 6.88
CA GLU D 339 22.55 28.35 7.65
C GLU D 339 23.89 28.58 6.96
N SER D 340 23.97 28.31 5.66
CA SER D 340 25.23 28.41 4.93
C SER D 340 25.78 29.84 4.97
N GLN D 341 24.90 30.81 4.82
CA GLN D 341 25.33 32.20 4.83
C GLN D 341 25.72 32.64 6.24
N LEU D 342 25.00 32.13 7.25
CA LEU D 342 25.32 32.51 8.64
C LEU D 342 26.66 31.90 9.10
N LEU D 343 26.91 30.67 8.66
CA LEU D 343 28.19 30.00 8.90
C LEU D 343 29.33 30.74 8.18
N LEU D 344 29.08 31.18 6.94
CA LEU D 344 30.08 31.98 6.22
C LEU D 344 30.32 33.32 6.89
N ALA D 345 29.30 33.89 7.51
CA ALA D 345 29.51 35.09 8.30
C ALA D 345 30.51 34.80 9.40
N GLU D 346 30.30 33.70 10.14
CA GLU D 346 31.23 33.41 11.23
C GLU D 346 32.64 33.13 10.73
N ALA D 347 32.76 32.36 9.65
CA ALA D 347 34.08 32.10 9.07
C ALA D 347 34.77 33.41 8.61
N ALA D 348 34.00 34.31 8.01
CA ALA D 348 34.50 35.60 7.57
C ALA D 348 35.08 36.38 8.73
N TYR D 349 34.32 36.46 9.83
CA TYR D 349 34.76 37.19 11.02
C TYR D 349 36.05 36.62 11.60
N ARG D 350 36.33 35.36 11.29
CA ARG D 350 37.57 34.75 11.75
C ARG D 350 38.67 34.93 10.72
N GLY D 351 38.32 35.51 9.57
CA GLY D 351 39.29 35.69 8.51
C GLY D 351 39.63 34.39 7.81
N TRP D 352 38.77 33.39 7.98
CA TRP D 352 39.01 32.07 7.39
C TRP D 352 38.62 32.05 5.92
N VAL D 353 37.62 32.83 5.55
CA VAL D 353 37.20 32.92 4.15
C VAL D 353 37.19 34.38 3.70
N ALA D 354 37.18 34.61 2.39
CA ALA D 354 37.24 35.96 1.85
C ALA D 354 35.87 36.63 1.78
N GLY D 355 35.73 37.78 2.41
CA GLY D 355 34.52 38.55 2.24
C GLY D 355 34.09 39.32 3.47
N SER D 356 32.93 39.95 3.38
CA SER D 356 32.36 40.71 4.48
C SER D 356 31.43 39.87 5.36
N ALA D 357 31.78 39.78 6.64
CA ALA D 357 30.97 39.05 7.62
C ALA D 357 29.59 39.67 7.69
N ALA D 358 29.55 41.01 7.64
CA ALA D 358 28.31 41.78 7.71
C ALA D 358 27.36 41.45 6.56
N ASP D 359 27.92 41.26 5.36
CA ASP D 359 27.08 41.01 4.19
C ASP D 359 26.52 39.58 4.19
N PHE D 360 27.39 38.64 4.54
CA PHE D 360 27.01 37.24 4.74
C PHE D 360 25.91 37.12 5.78
N TYR D 361 26.10 37.84 6.88
CA TYR D 361 25.14 37.89 7.96
C TYR D 361 23.80 38.37 7.45
N LYS D 362 23.83 39.46 6.70
CA LYS D 362 22.63 40.08 6.17
C LYS D 362 21.84 39.09 5.32
N LYS D 363 22.55 38.44 4.41
CA LYS D 363 21.92 37.48 3.50
C LYS D 363 21.39 36.27 4.24
N GLY D 364 22.11 35.86 5.29
CA GLY D 364 21.67 34.76 6.11
C GLY D 364 20.36 35.05 6.81
N VAL D 365 20.27 36.21 7.46
CA VAL D 365 19.07 36.56 8.19
C VAL D 365 17.86 36.65 7.24
N GLU D 366 18.09 37.26 6.08
CA GLU D 366 17.01 37.38 5.12
C GLU D 366 16.55 36.00 4.65
N ALA D 367 17.51 35.12 4.39
CA ALA D 367 17.21 33.76 3.96
C ALA D 367 16.43 33.00 5.03
N GLY D 368 16.70 33.32 6.30
CA GLY D 368 16.00 32.66 7.38
C GLY D 368 14.57 33.12 7.48
N ILE D 369 14.35 34.42 7.27
CA ILE D 369 12.98 34.95 7.29
C ILE D 369 12.16 34.38 6.13
N LYS D 370 12.79 34.21 4.97
CA LYS D 370 12.05 33.72 3.81
C LYS D 370 11.89 32.19 3.78
N GLN D 371 12.75 31.46 4.48
CA GLN D 371 12.70 29.99 4.42
C GLN D 371 11.43 29.42 5.06
N LEU D 372 10.78 30.24 5.90
CA LEU D 372 9.55 29.83 6.56
C LEU D 372 8.38 29.76 5.58
N GLU D 373 8.55 30.33 4.40
CA GLU D 373 7.48 30.37 3.43
C GLU D 373 7.02 28.98 2.98
N VAL D 374 7.95 28.04 2.88
CA VAL D 374 7.58 26.71 2.41
C VAL D 374 6.67 26.01 3.43
N TYR D 375 6.62 26.52 4.65
CA TYR D 375 5.77 25.96 5.69
C TYR D 375 4.31 26.40 5.56
N GLY D 376 4.04 27.31 4.63
CA GLY D 376 2.70 27.84 4.49
C GLY D 376 2.57 29.16 5.23
N ALA D 377 3.70 29.75 5.61
CA ALA D 377 3.69 31.06 6.27
C ALA D 377 3.53 32.21 5.28
N ALA D 378 2.77 33.23 5.67
CA ALA D 378 2.58 34.42 4.86
C ALA D 378 3.90 35.15 4.67
N PRO D 379 4.36 35.26 3.42
CA PRO D 379 5.64 35.93 3.18
C PRO D 379 5.65 37.34 3.75
N ALA D 380 6.74 37.69 4.41
CA ALA D 380 6.90 39.03 4.96
C ALA D 380 7.30 39.97 3.84
N SER D 381 6.83 41.21 3.93
CA SER D 381 7.13 42.19 2.90
C SER D 381 8.63 42.40 2.83
N GLN D 382 9.16 42.56 1.62
CA GLN D 382 10.58 42.82 1.42
C GLN D 382 11.01 44.07 2.20
N ALA D 383 10.10 45.01 2.35
CA ALA D 383 10.38 46.23 3.09
C ALA D 383 10.61 45.93 4.58
N SER D 384 9.81 45.02 5.13
CA SER D 384 9.98 44.66 6.54
C SER D 384 11.31 43.94 6.76
N ILE D 385 11.65 43.05 5.83
CA ILE D 385 12.92 42.33 5.90
C ILE D 385 14.09 43.30 5.84
N ASP D 386 14.05 44.20 4.86
CA ASP D 386 15.11 45.19 4.68
C ASP D 386 15.23 46.12 5.89
N ALA D 387 14.09 46.51 6.44
CA ALA D 387 14.08 47.40 7.60
C ALA D 387 14.73 46.74 8.81
N TYR D 388 14.35 45.49 9.05
CA TYR D 388 14.88 44.72 10.18
C TYR D 388 16.37 44.48 10.03
N VAL D 389 16.75 44.01 8.85
CA VAL D 389 18.14 43.74 8.53
C VAL D 389 19.04 44.97 8.66
N ASN D 390 18.57 46.13 8.22
CA ASN D 390 19.39 47.34 8.27
C ASN D 390 19.37 48.03 9.64
N ALA D 391 18.31 47.80 10.42
CA ALA D 391 18.19 48.36 11.77
C ALA D 391 18.98 47.57 12.81
N LYS D 392 19.31 46.32 12.49
CA LYS D 392 20.07 45.47 13.39
C LYS D 392 21.16 44.76 12.61
N PRO D 393 22.21 45.50 12.26
CA PRO D 393 23.32 44.92 11.51
C PRO D 393 24.28 44.18 12.43
N LEU D 394 25.22 43.44 11.85
CA LEU D 394 26.32 42.88 12.61
C LEU D 394 27.09 44.02 13.30
N ALA D 395 27.16 43.96 14.62
CA ALA D 395 27.79 45.00 15.44
C ALA D 395 29.24 44.68 15.80
N ALA D 396 29.88 45.65 16.46
CA ALA D 396 31.33 45.68 16.62
C ALA D 396 31.93 44.53 17.41
N GLY D 397 31.46 44.29 18.63
CA GLY D 397 32.03 43.24 19.45
C GLY D 397 31.09 42.08 19.73
N THR D 398 30.01 42.02 18.97
CA THR D 398 28.93 41.09 19.24
C THR D 398 28.63 40.16 18.07
N GLU D 399 29.61 39.97 17.19
CA GLU D 399 29.40 39.16 15.99
C GLU D 399 28.96 37.77 16.37
N LYS D 400 29.73 37.12 17.23
CA LYS D 400 29.46 35.74 17.62
C LYS D 400 28.10 35.57 18.28
N GLU D 401 27.72 36.50 19.14
CA GLU D 401 26.43 36.45 19.82
C GLU D 401 25.28 36.55 18.81
N GLN D 402 25.44 37.49 17.89
CA GLN D 402 24.43 37.72 16.86
C GLN D 402 24.32 36.54 15.91
N ILE D 403 25.47 35.97 15.51
CA ILE D 403 25.52 34.88 14.55
C ILE D 403 24.96 33.58 15.14
N GLY D 404 25.38 33.28 16.36
CA GLY D 404 24.86 32.15 17.11
C GLY D 404 23.36 32.27 17.32
N THR D 405 22.91 33.46 17.72
CA THR D 405 21.48 33.67 17.95
C THR D 405 20.65 33.48 16.67
N GLN D 406 21.15 34.04 15.57
CA GLN D 406 20.47 33.89 14.30
C GLN D 406 20.39 32.42 13.85
N LEU D 407 21.51 31.69 13.96
CA LEU D 407 21.54 30.28 13.65
C LEU D 407 20.56 29.50 14.53
N TRP D 408 20.52 29.87 15.80
CA TRP D 408 19.59 29.28 16.76
C TRP D 408 18.14 29.48 16.29
N ILE D 409 17.89 30.61 15.62
CA ILE D 409 16.54 30.81 15.09
C ILE D 409 16.33 29.99 13.81
N THR D 410 17.37 29.97 12.98
CA THR D 410 17.35 29.27 11.71
C THR D 410 17.17 27.74 11.87
N TYR D 411 17.73 27.20 12.97
CA TYR D 411 17.65 25.77 13.28
C TYR D 411 16.40 25.38 14.03
N LEU D 412 15.43 26.28 14.14
CA LEU D 412 14.15 25.95 14.74
C LEU D 412 13.52 24.83 13.91
N PHE D 413 12.89 23.86 14.59
CA PHE D 413 12.41 22.61 13.99
C PHE D 413 13.55 21.66 13.58
N ASN D 414 14.80 22.11 13.73
CA ASN D 414 15.94 21.20 13.59
C ASN D 414 16.80 21.35 14.84
N SER D 415 16.23 21.00 15.99
CA SER D 415 16.85 21.37 17.26
C SER D 415 18.16 20.65 17.55
N ILE D 416 18.39 19.51 16.90
CA ILE D 416 19.65 18.82 17.09
C ILE D 416 20.83 19.75 16.74
N GLU D 417 20.70 20.47 15.63
CA GLU D 417 21.74 21.40 15.16
C GLU D 417 21.87 22.63 16.08
N ALA D 418 20.77 23.18 16.53
CA ALA D 418 20.85 24.28 17.47
C ALA D 418 21.51 23.84 18.75
N TYR D 419 21.14 22.68 19.27
CA TYR D 419 21.75 22.12 20.48
C TYR D 419 23.25 21.95 20.29
N SER D 420 23.68 21.47 19.13
CA SER D 420 25.12 21.37 18.85
C SER D 420 25.80 22.76 18.75
N ASN D 421 25.20 23.72 18.04
CA ASN D 421 25.86 25.02 17.86
C ASN D 421 25.89 25.78 19.17
N TRP D 422 24.87 25.61 20.00
CA TRP D 422 24.90 26.12 21.38
C TRP D 422 26.00 25.45 22.20
N ARG D 423 26.16 24.14 22.05
CA ARG D 423 27.21 23.50 22.83
C ARG D 423 28.57 24.04 22.39
N ARG D 424 28.75 24.21 21.08
CA ARG D 424 30.02 24.72 20.56
C ARG D 424 30.30 26.16 21.00
N THR D 425 29.35 27.07 20.76
CA THR D 425 29.58 28.51 20.97
C THR D 425 29.14 29.10 22.32
N GLY D 426 28.24 28.44 23.05
CA GLY D 426 27.71 29.02 24.28
C GLY D 426 26.64 30.08 23.99
N TYR D 427 26.34 30.25 22.71
CA TYR D 427 25.34 31.21 22.25
C TYR D 427 24.11 30.54 21.66
N PRO D 428 22.93 31.11 21.90
CA PRO D 428 22.64 32.27 22.74
C PRO D 428 22.68 31.93 24.22
N HIS D 429 22.82 32.94 25.06
CA HIS D 429 22.74 32.72 26.50
C HIS D 429 21.32 32.32 26.84
N LEU D 430 21.21 31.22 27.58
CA LEU D 430 19.90 30.65 27.88
C LEU D 430 19.45 31.13 29.22
N LEU D 431 18.14 31.07 29.44
CA LEU D 431 17.56 31.38 30.73
C LEU D 431 17.96 30.28 31.66
N PRO D 432 18.26 30.63 32.91
CA PRO D 432 18.69 29.65 33.91
C PRO D 432 17.56 28.75 34.35
N ILE D 433 17.86 27.45 34.49
CA ILE D 433 16.88 26.49 35.00
C ILE D 433 17.08 26.27 36.52
N THR D 434 16.10 26.67 37.32
CA THR D 434 16.24 26.58 38.78
C THR D 434 15.20 25.66 39.44
N ASN D 435 14.45 24.93 38.63
CA ASN D 435 13.50 23.94 39.16
C ASN D 435 14.22 23.01 40.14
N SER D 436 13.62 22.80 41.30
CA SER D 436 14.28 22.08 42.37
C SER D 436 14.36 20.57 42.06
N ASP D 437 13.56 20.13 41.11
CA ASP D 437 13.59 18.71 40.75
C ASP D 437 14.47 18.47 39.52
N SER D 438 15.23 19.47 39.12
CA SER D 438 16.18 19.30 38.02
C SER D 438 17.27 18.29 38.42
N GLN D 439 17.40 17.21 37.66
CA GLN D 439 18.35 16.15 38.04
C GLN D 439 19.82 16.60 37.84
N THR D 440 20.05 17.69 37.14
CA THR D 440 21.42 18.25 37.00
C THR D 440 21.63 19.56 37.79
N GLY D 441 20.65 19.93 38.63
CA GLY D 441 20.74 21.19 39.34
C GLY D 441 20.76 22.35 38.38
N GLY D 442 20.20 22.12 37.19
CA GLY D 442 20.08 23.16 36.18
C GLY D 442 21.24 23.24 35.19
N VAL D 443 22.15 22.27 35.24
CA VAL D 443 23.26 22.22 34.30
C VAL D 443 22.78 21.58 33.00
N VAL D 444 22.90 22.29 31.88
CA VAL D 444 22.42 21.70 30.65
C VAL D 444 23.25 20.47 30.28
N PRO D 445 22.56 19.34 30.07
CA PRO D 445 23.20 18.12 29.56
C PRO D 445 23.95 18.42 28.28
N THR D 446 25.14 17.83 28.13
CA THR D 446 26.01 18.15 27.02
C THR D 446 26.17 16.98 26.05
N ARG D 447 25.50 15.86 26.31
CA ARG D 447 25.42 14.75 25.34
C ARG D 447 24.28 13.85 25.77
N LEU D 448 23.87 12.92 24.91
CA LEU D 448 23.01 11.84 25.39
C LEU D 448 23.89 10.59 25.50
N TYR D 449 23.40 9.55 26.18
CA TYR D 449 24.26 8.45 26.60
C TYR D 449 24.00 7.13 25.85
N TYR D 450 25.03 6.29 25.72
CA TYR D 450 24.86 4.98 25.07
C TYR D 450 23.90 4.09 25.86
N PRO D 451 23.09 3.27 25.15
CA PRO D 451 22.20 2.34 25.85
C PRO D 451 22.97 1.25 26.57
N ASN D 452 22.41 0.84 27.71
CA ASN D 452 22.98 -0.20 28.52
C ASN D 452 23.16 -1.55 27.79
N ASP D 453 22.37 -1.74 26.74
CA ASP D 453 22.52 -2.89 25.87
C ASP D 453 23.92 -3.00 25.31
N GLU D 454 24.55 -1.85 25.05
CA GLU D 454 25.90 -1.83 24.50
C GLU D 454 26.90 -2.34 25.53
N MET D 455 26.69 -2.01 26.80
CA MET D 455 27.45 -2.60 27.89
C MET D 455 27.21 -4.11 27.98
N GLN D 456 26.01 -4.56 27.62
CA GLN D 456 25.69 -5.99 27.77
C GLN D 456 26.12 -6.90 26.60
N LYS D 457 26.21 -6.33 25.39
CA LYS D 457 26.46 -7.08 24.17
C LYS D 457 27.78 -6.69 23.53
N ASN D 458 28.31 -5.54 23.93
CA ASN D 458 29.49 -5.01 23.26
C ASN D 458 30.43 -4.39 24.28
N GLU D 459 30.63 -5.12 25.37
CA GLU D 459 31.22 -4.57 26.59
C GLU D 459 32.61 -3.93 26.41
N LYS D 460 33.52 -4.64 25.74
CA LYS D 460 34.90 -4.17 25.61
C LYS D 460 34.97 -2.80 24.92
N ASN D 461 34.36 -2.71 23.74
CA ASN D 461 34.38 -1.47 22.99
C ASN D 461 33.61 -0.35 23.72
N TYR D 462 32.46 -0.70 24.29
CA TYR D 462 31.69 0.24 25.11
C TYR D 462 32.61 0.88 26.14
N MET D 463 33.31 0.03 26.90
CA MET D 463 34.20 0.49 27.97
C MET D 463 35.38 1.33 27.44
N GLU D 464 35.87 1.00 26.24
CA GLU D 464 36.92 1.82 25.64
C GLU D 464 36.42 3.23 25.42
N ALA D 465 35.21 3.33 24.87
CA ALA D 465 34.61 4.66 24.66
C ALA D 465 34.39 5.41 26.02
N VAL D 466 33.92 4.66 27.01
CA VAL D 466 33.71 5.21 28.34
C VAL D 466 35.01 5.73 28.95
N GLN D 467 36.06 4.95 28.86
CA GLN D 467 37.39 5.37 29.31
C GLN D 467 37.80 6.68 28.65
N ARG D 468 37.59 6.78 27.34
CA ARG D 468 37.96 8.02 26.65
C ARG D 468 37.05 9.18 27.09
N MET D 469 35.92 8.87 27.73
CA MET D 469 35.11 9.96 28.26
C MET D 469 35.45 10.38 29.68
N GLY D 470 36.46 9.75 30.28
CA GLY D 470 36.85 10.11 31.61
C GLY D 470 36.26 9.16 32.63
N GLY D 471 35.70 8.04 32.16
CA GLY D 471 35.19 7.01 33.06
C GLY D 471 33.69 6.87 33.18
N THR D 472 32.92 7.73 32.52
CA THR D 472 31.44 7.61 32.56
C THR D 472 30.79 7.55 31.18
N ASN D 473 29.57 7.00 31.13
CA ASN D 473 28.65 7.12 29.99
C ASN D 473 27.48 7.92 30.49
N ASP D 474 27.70 9.21 30.64
CA ASP D 474 26.74 10.09 31.27
C ASP D 474 26.34 11.26 30.36
N TRP D 475 25.17 11.85 30.62
CA TRP D 475 24.66 12.99 29.87
C TRP D 475 25.35 14.35 30.22
N THR D 476 26.15 14.34 31.27
CA THR D 476 27.04 15.46 31.63
C THR D 476 28.43 15.33 31.00
N GLY D 477 28.66 14.25 30.25
CA GLY D 477 29.87 14.15 29.44
C GLY D 477 29.90 15.14 28.27
N LYS D 478 31.08 15.27 27.64
CA LYS D 478 31.32 16.14 26.50
C LYS D 478 31.72 15.33 25.28
N VAL D 479 31.29 15.76 24.11
CA VAL D 479 31.78 15.15 22.88
C VAL D 479 33.09 15.85 22.55
N TRP D 480 33.91 15.23 21.73
CA TRP D 480 35.27 15.71 21.45
C TRP D 480 35.36 17.18 21.00
N TRP D 481 34.44 17.65 20.14
CA TRP D 481 34.56 19.01 19.60
C TRP D 481 34.07 20.11 20.55
N ASP D 482 33.45 19.73 21.63
CA ASP D 482 32.95 20.66 22.63
C ASP D 482 34.03 20.87 23.69
N VAL D 483 34.89 21.87 23.50
CA VAL D 483 36.03 22.04 24.40
C VAL D 483 36.00 23.32 25.26
N ASN D 484 35.05 24.21 24.97
CA ASN D 484 34.93 25.43 25.77
C ASN D 484 34.34 25.08 27.14
#